data_2O40
# 
_entry.id   2O40 
# 
_audit_conform.dict_name       mmcif_pdbx.dic 
_audit_conform.dict_version    5.383 
_audit_conform.dict_location   http://mmcif.pdb.org/dictionaries/ascii/mmcif_pdbx.dic 
# 
loop_
_database_2.database_id 
_database_2.database_code 
_database_2.pdbx_database_accession 
_database_2.pdbx_DOI 
PDB   2O40         pdb_00002o40 10.2210/pdb2o40/pdb 
RCSB  RCSB040658   ?            ?                   
WWPDB D_1000040658 ?            ?                   
# 
loop_
_pdbx_audit_revision_history.ordinal 
_pdbx_audit_revision_history.data_content_type 
_pdbx_audit_revision_history.major_revision 
_pdbx_audit_revision_history.minor_revision 
_pdbx_audit_revision_history.revision_date 
1 'Structure model' 1 0 2006-12-19 
2 'Structure model' 1 1 2008-05-01 
3 'Structure model' 1 2 2011-07-13 
4 'Structure model' 1 3 2013-02-27 
5 'Structure model' 1 4 2017-10-18 
6 'Structure model' 1 5 2023-12-27 
# 
_pdbx_audit_revision_details.ordinal             1 
_pdbx_audit_revision_details.revision_ordinal    1 
_pdbx_audit_revision_details.data_content_type   'Structure model' 
_pdbx_audit_revision_details.provider            repository 
_pdbx_audit_revision_details.type                'Initial release' 
_pdbx_audit_revision_details.description         ? 
_pdbx_audit_revision_details.details             ? 
# 
loop_
_pdbx_audit_revision_group.ordinal 
_pdbx_audit_revision_group.revision_ordinal 
_pdbx_audit_revision_group.data_content_type 
_pdbx_audit_revision_group.group 
1  2 'Structure model' 'Version format compliance' 
2  3 'Structure model' Advisory                    
3  3 'Structure model' 'Atomic model'              
4  3 'Structure model' 'Database references'       
5  3 'Structure model' 'Derived calculations'      
6  3 'Structure model' 'Non-polymer description'   
7  3 'Structure model' 'Structure summary'         
8  3 'Structure model' 'Version format compliance' 
9  4 'Structure model' Other                       
10 5 'Structure model' 'Refinement description'    
11 6 'Structure model' 'Data collection'           
12 6 'Structure model' 'Database references'       
13 6 'Structure model' 'Derived calculations'      
# 
loop_
_pdbx_audit_revision_category.ordinal 
_pdbx_audit_revision_category.revision_ordinal 
_pdbx_audit_revision_category.data_content_type 
_pdbx_audit_revision_category.category 
1 5 'Structure model' software       
2 6 'Structure model' chem_comp_atom 
3 6 'Structure model' chem_comp_bond 
4 6 'Structure model' database_2     
5 6 'Structure model' struct_conn    
6 6 'Structure model' struct_sheet   
7 6 'Structure model' struct_site    
# 
loop_
_pdbx_audit_revision_item.ordinal 
_pdbx_audit_revision_item.revision_ordinal 
_pdbx_audit_revision_item.data_content_type 
_pdbx_audit_revision_item.item 
1 6 'Structure model' '_database_2.pdbx_DOI'                
2 6 'Structure model' '_database_2.pdbx_database_accession' 
3 6 'Structure model' '_struct_conn.pdbx_leaving_atom_flag' 
4 6 'Structure model' '_struct_sheet.number_strands'        
5 6 'Structure model' '_struct_site.pdbx_auth_asym_id'      
6 6 'Structure model' '_struct_site.pdbx_auth_comp_id'      
7 6 'Structure model' '_struct_site.pdbx_auth_seq_id'       
# 
_pdbx_database_status.status_code                     REL 
_pdbx_database_status.entry_id                        2O40 
_pdbx_database_status.recvd_initial_deposition_date   2006-12-02 
_pdbx_database_status.deposit_site                    RCSB 
_pdbx_database_status.process_site                    RCSB 
_pdbx_database_status.status_code_sf                  REL 
_pdbx_database_status.status_code_mr                  ? 
_pdbx_database_status.SG_entry                        ? 
_pdbx_database_status.pdb_format_compatible           Y 
_pdbx_database_status.status_code_cs                  ? 
_pdbx_database_status.methods_development_category    ? 
_pdbx_database_status.status_code_nmr_data            ? 
# 
loop_
_audit_author.name 
_audit_author.pdbx_ordinal 
'Torbeev, V.Y.' 1 
'Kent, S.B.H.'  2 
# 
_citation.id                        primary 
_citation.title                     
;Convergent chemical synthesis and crystal structure of a 203 amino acid "covalent dimer" HIV-1 protease enzyme molecule.
;
_citation.journal_abbrev            Angew.Chem.Int.Ed.Engl. 
_citation.journal_volume            46 
_citation.page_first                1667 
_citation.page_last                 1670 
_citation.year                      2007 
_citation.journal_id_ASTM           ? 
_citation.country                   GE 
_citation.journal_id_ISSN           1433-7851 
_citation.journal_id_CSD            9999 
_citation.book_publisher            ? 
_citation.pdbx_database_id_PubMed   17397076 
_citation.pdbx_database_id_DOI      10.1002/anie.200604087 
# 
loop_
_citation_author.citation_id 
_citation_author.name 
_citation_author.ordinal 
_citation_author.identifier_ORCID 
primary 'Torbeev, V.Y.' 1 ? 
primary 'Kent, S.B.'    2 ? 
# 
loop_
_entity.id 
_entity.type 
_entity.src_method 
_entity.pdbx_description 
_entity.formula_weight 
_entity.pdbx_number_of_molecules 
_entity.pdbx_ec 
_entity.pdbx_mutation 
_entity.pdbx_fragment 
_entity.details 
1 polymer     syn 'covalent dimer HIV-1 protease' 21891.650 1  3.4.23.16 ? ? ? 
2 non-polymer syn 
'N-{(2S)-2-[(N-acetyl-L-threonyl-L-isoleucyl)amino]hexyl}-L-norleucyl-L-glutaminyl-N~5~-[amino(iminio)methyl]-L-ornithinamide' 
770.983   1  ?         ? ? ? 
3 water       nat water 18.015    57 ?         ? ? ? 
# 
_entity_poly.entity_id                      1 
_entity_poly.type                           'polypeptide(L)' 
_entity_poly.nstd_linkage                   no 
_entity_poly.nstd_monomer                   yes 
_entity_poly.pdbx_seq_one_letter_code       
;PQITLWKRPLVTIRIGGQLKEALLDTGADDTVIEE(NLE)NLPG(YCM)WKPK(NLE)IGGIGGFIKVRQYDQIPVEI
(ABA)GHKAIGTVLVGPTPVNIIGRNLLTQIG(ABA)TLNF(YCM)GGGGPQITLWKRPLVTIRIGGQLKEALLDTGADD
TVIEE(NLE)NLPG(YCM)WKPK(NLE)IGGIGGFIKVRQYDQIPVEI(ABA)GHKAIGTVLVGPTPVNIIGRNLLTQIG
(ABA)TLNF
;
_entity_poly.pdbx_seq_one_letter_code_can   
;PQITLWKRPLVTIRIGGQLKEALLDTGADDTVIEELNLPGCWKPKLIGGIGGFIKVRQYDQIPVEIAGHKAIGTVLVGPT
PVNIIGRNLLTQIGATLNFCGGGGPQITLWKRPLVTIRIGGQLKEALLDTGADDTVIEELNLPGCWKPKLIGGIGGFIKV
RQYDQIPVEIAGHKAIGTVLVGPTPVNIIGRNLLTQIGATLNF
;
_entity_poly.pdbx_strand_id                 A 
_entity_poly.pdbx_target_identifier         ? 
# 
loop_
_pdbx_entity_nonpoly.entity_id 
_pdbx_entity_nonpoly.name 
_pdbx_entity_nonpoly.comp_id 
2 'N-{(2S)-2-[(N-acetyl-L-threonyl-L-isoleucyl)amino]hexyl}-L-norleucyl-L-glutaminyl-N~5~-[amino(iminio)methyl]-L-ornithinamide' 
2NC 
3 water                                                                                                                          
HOH 
# 
loop_
_entity_poly_seq.entity_id 
_entity_poly_seq.num 
_entity_poly_seq.mon_id 
_entity_poly_seq.hetero 
1 1   PRO n 
1 2   GLN n 
1 3   ILE n 
1 4   THR n 
1 5   LEU n 
1 6   TRP n 
1 7   LYS n 
1 8   ARG n 
1 9   PRO n 
1 10  LEU n 
1 11  VAL n 
1 12  THR n 
1 13  ILE n 
1 14  ARG n 
1 15  ILE n 
1 16  GLY n 
1 17  GLY n 
1 18  GLN n 
1 19  LEU n 
1 20  LYS n 
1 21  GLU n 
1 22  ALA n 
1 23  LEU n 
1 24  LEU n 
1 25  ASP n 
1 26  THR n 
1 27  GLY n 
1 28  ALA n 
1 29  ASP n 
1 30  ASP n 
1 31  THR n 
1 32  VAL n 
1 33  ILE n 
1 34  GLU n 
1 35  GLU n 
1 36  NLE n 
1 37  ASN n 
1 38  LEU n 
1 39  PRO n 
1 40  GLY n 
1 41  YCM n 
1 42  TRP n 
1 43  LYS n 
1 44  PRO n 
1 45  LYS n 
1 46  NLE n 
1 47  ILE n 
1 48  GLY n 
1 49  GLY n 
1 50  ILE n 
1 51  GLY n 
1 52  GLY n 
1 53  PHE n 
1 54  ILE n 
1 55  LYS n 
1 56  VAL n 
1 57  ARG n 
1 58  GLN n 
1 59  TYR n 
1 60  ASP n 
1 61  GLN n 
1 62  ILE n 
1 63  PRO n 
1 64  VAL n 
1 65  GLU n 
1 66  ILE n 
1 67  ABA n 
1 68  GLY n 
1 69  HIS n 
1 70  LYS n 
1 71  ALA n 
1 72  ILE n 
1 73  GLY n 
1 74  THR n 
1 75  VAL n 
1 76  LEU n 
1 77  VAL n 
1 78  GLY n 
1 79  PRO n 
1 80  THR n 
1 81  PRO n 
1 82  VAL n 
1 83  ASN n 
1 84  ILE n 
1 85  ILE n 
1 86  GLY n 
1 87  ARG n 
1 88  ASN n 
1 89  LEU n 
1 90  LEU n 
1 91  THR n 
1 92  GLN n 
1 93  ILE n 
1 94  GLY n 
1 95  ABA n 
1 96  THR n 
1 97  LEU n 
1 98  ASN n 
1 99  PHE n 
1 100 YCM n 
1 101 GLY n 
1 102 GLY n 
1 103 GLY n 
1 104 GLY n 
1 105 PRO n 
1 106 GLN n 
1 107 ILE n 
1 108 THR n 
1 109 LEU n 
1 110 TRP n 
1 111 LYS n 
1 112 ARG n 
1 113 PRO n 
1 114 LEU n 
1 115 VAL n 
1 116 THR n 
1 117 ILE n 
1 118 ARG n 
1 119 ILE n 
1 120 GLY n 
1 121 GLY n 
1 122 GLN n 
1 123 LEU n 
1 124 LYS n 
1 125 GLU n 
1 126 ALA n 
1 127 LEU n 
1 128 LEU n 
1 129 ASP n 
1 130 THR n 
1 131 GLY n 
1 132 ALA n 
1 133 ASP n 
1 134 ASP n 
1 135 THR n 
1 136 VAL n 
1 137 ILE n 
1 138 GLU n 
1 139 GLU n 
1 140 NLE n 
1 141 ASN n 
1 142 LEU n 
1 143 PRO n 
1 144 GLY n 
1 145 YCM n 
1 146 TRP n 
1 147 LYS n 
1 148 PRO n 
1 149 LYS n 
1 150 NLE n 
1 151 ILE n 
1 152 GLY n 
1 153 GLY n 
1 154 ILE n 
1 155 GLY n 
1 156 GLY n 
1 157 PHE n 
1 158 ILE n 
1 159 LYS n 
1 160 VAL n 
1 161 ARG n 
1 162 GLN n 
1 163 TYR n 
1 164 ASP n 
1 165 GLN n 
1 166 ILE n 
1 167 PRO n 
1 168 VAL n 
1 169 GLU n 
1 170 ILE n 
1 171 ABA n 
1 172 GLY n 
1 173 HIS n 
1 174 LYS n 
1 175 ALA n 
1 176 ILE n 
1 177 GLY n 
1 178 THR n 
1 179 VAL n 
1 180 LEU n 
1 181 VAL n 
1 182 GLY n 
1 183 PRO n 
1 184 THR n 
1 185 PRO n 
1 186 VAL n 
1 187 ASN n 
1 188 ILE n 
1 189 ILE n 
1 190 GLY n 
1 191 ARG n 
1 192 ASN n 
1 193 LEU n 
1 194 LEU n 
1 195 THR n 
1 196 GLN n 
1 197 ILE n 
1 198 GLY n 
1 199 ABA n 
1 200 THR n 
1 201 LEU n 
1 202 ASN n 
1 203 PHE n 
# 
_pdbx_entity_src_syn.entity_id              1 
_pdbx_entity_src_syn.pdbx_src_id            1 
_pdbx_entity_src_syn.pdbx_alt_source_flag   sample 
_pdbx_entity_src_syn.pdbx_beg_seq_num       ? 
_pdbx_entity_src_syn.pdbx_end_seq_num       ? 
_pdbx_entity_src_syn.organism_scientific    ? 
_pdbx_entity_src_syn.organism_common_name   ? 
_pdbx_entity_src_syn.ncbi_taxonomy_id       ? 
_pdbx_entity_src_syn.details                'total protein synthesis' 
# 
loop_
_chem_comp.id 
_chem_comp.type 
_chem_comp.mon_nstd_flag 
_chem_comp.name 
_chem_comp.pdbx_synonyms 
_chem_comp.formula 
_chem_comp.formula_weight 
2NC peptide-like        . 
'N-{(2S)-2-[(N-acetyl-L-threonyl-L-isoleucyl)amino]hexyl}-L-norleucyl-L-glutaminyl-N~5~-[amino(iminio)methyl]-L-ornithinamide' 
p2/NC                'C35 H68 N11 O8 1' 770.983 
ABA 'L-peptide linking' n 'ALPHA-AMINOBUTYRIC ACID' ?                    'C4 H9 N O2'       103.120 
ALA 'L-peptide linking' y ALANINE ?                    'C3 H7 N O2'       89.093  
ARG 'L-peptide linking' y ARGININE ?                    'C6 H15 N4 O2 1'   175.209 
ASN 'L-peptide linking' y ASPARAGINE ?                    'C4 H8 N2 O3'      132.118 
ASP 'L-peptide linking' y 'ASPARTIC ACID' ?                    'C4 H7 N O4'       133.103 
GLN 'L-peptide linking' y GLUTAMINE ?                    'C5 H10 N2 O3'     146.144 
GLU 'L-peptide linking' y 'GLUTAMIC ACID' ?                    'C5 H9 N O4'       147.129 
GLY 'peptide linking'   y GLYCINE ?                    'C2 H5 N O2'       75.067  
HIS 'L-peptide linking' y HISTIDINE ?                    'C6 H10 N3 O2 1'   156.162 
HOH non-polymer         . WATER ?                    'H2 O'             18.015  
ILE 'L-peptide linking' y ISOLEUCINE ?                    'C6 H13 N O2'      131.173 
LEU 'L-peptide linking' y LEUCINE ?                    'C6 H13 N O2'      131.173 
LYS 'L-peptide linking' y LYSINE ?                    'C6 H15 N2 O2 1'   147.195 
NLE 'L-peptide linking' n NORLEUCINE ?                    'C6 H13 N O2'      131.173 
PHE 'L-peptide linking' y PHENYLALANINE ?                    'C9 H11 N O2'      165.189 
PRO 'L-peptide linking' y PROLINE ?                    'C5 H9 N O2'       115.130 
THR 'L-peptide linking' y THREONINE ?                    'C4 H9 N O3'       119.119 
TRP 'L-peptide linking' y TRYPTOPHAN ?                    'C11 H12 N2 O2'    204.225 
TYR 'L-peptide linking' y TYROSINE ?                    'C9 H11 N O3'      181.189 
VAL 'L-peptide linking' y VALINE ?                    'C5 H11 N O2'      117.146 
YCM 'L-peptide linking' n 'S-(2-AMINO-2-OXOETHYL)-L-CYSTEINE' CYSTEINE-S-ACETAMIDE 'C5 H10 N2 O3 S'   178.209 
# 
loop_
_pdbx_poly_seq_scheme.asym_id 
_pdbx_poly_seq_scheme.entity_id 
_pdbx_poly_seq_scheme.seq_id 
_pdbx_poly_seq_scheme.mon_id 
_pdbx_poly_seq_scheme.ndb_seq_num 
_pdbx_poly_seq_scheme.pdb_seq_num 
_pdbx_poly_seq_scheme.auth_seq_num 
_pdbx_poly_seq_scheme.pdb_mon_id 
_pdbx_poly_seq_scheme.auth_mon_id 
_pdbx_poly_seq_scheme.pdb_strand_id 
_pdbx_poly_seq_scheme.pdb_ins_code 
_pdbx_poly_seq_scheme.hetero 
A 1 1   PRO 1   1   1   PRO PRO A . n 
A 1 2   GLN 2   2   2   GLN GLN A . n 
A 1 3   ILE 3   3   3   ILE ILE A . n 
A 1 4   THR 4   4   4   THR THR A . n 
A 1 5   LEU 5   5   5   LEU LEU A . n 
A 1 6   TRP 6   6   6   TRP TRP A . n 
A 1 7   LYS 7   7   7   LYS LYS A . n 
A 1 8   ARG 8   8   8   ARG ARG A . n 
A 1 9   PRO 9   9   9   PRO PRO A . n 
A 1 10  LEU 10  10  10  LEU LEU A . n 
A 1 11  VAL 11  11  11  VAL VAL A . n 
A 1 12  THR 12  12  12  THR THR A . n 
A 1 13  ILE 13  13  13  ILE ILE A . n 
A 1 14  ARG 14  14  14  ARG ARG A . n 
A 1 15  ILE 15  15  15  ILE ILE A . n 
A 1 16  GLY 16  16  16  GLY GLY A . n 
A 1 17  GLY 17  17  17  GLY GLY A . n 
A 1 18  GLN 18  18  18  GLN GLN A . n 
A 1 19  LEU 19  19  19  LEU LEU A . n 
A 1 20  LYS 20  20  20  LYS LYS A . n 
A 1 21  GLU 21  21  21  GLU GLU A . n 
A 1 22  ALA 22  22  22  ALA ALA A . n 
A 1 23  LEU 23  23  23  LEU LEU A . n 
A 1 24  LEU 24  24  24  LEU LEU A . n 
A 1 25  ASP 25  25  25  ASP ASP A . n 
A 1 26  THR 26  26  26  THR THR A . n 
A 1 27  GLY 27  27  27  GLY GLY A . n 
A 1 28  ALA 28  28  28  ALA ALA A . n 
A 1 29  ASP 29  29  29  ASP ASP A . n 
A 1 30  ASP 30  30  30  ASP ASP A . n 
A 1 31  THR 31  31  31  THR THR A . n 
A 1 32  VAL 32  32  32  VAL VAL A . n 
A 1 33  ILE 33  33  33  ILE ILE A . n 
A 1 34  GLU 34  34  34  GLU GLU A . n 
A 1 35  GLU 35  35  35  GLU GLU A . n 
A 1 36  NLE 36  36  36  NLE NLE A . n 
A 1 37  ASN 37  37  37  ASN ASN A . n 
A 1 38  LEU 38  38  38  LEU LEU A . n 
A 1 39  PRO 39  39  39  PRO PRO A . n 
A 1 40  GLY 40  40  40  GLY GLY A . n 
A 1 41  YCM 41  41  41  YCM P3S A . n 
A 1 42  TRP 42  42  42  TRP TRP A . n 
A 1 43  LYS 43  43  43  LYS LYS A . n 
A 1 44  PRO 44  44  44  PRO PRO A . n 
A 1 45  LYS 45  45  45  LYS LYS A . n 
A 1 46  NLE 46  46  46  NLE NLE A . n 
A 1 47  ILE 47  47  47  ILE ILE A . n 
A 1 48  GLY 48  48  48  GLY GLY A . n 
A 1 49  GLY 49  49  49  GLY GLY A . n 
A 1 50  ILE 50  50  50  ILE ILE A . n 
A 1 51  GLY 51  51  51  GLY GLY A . n 
A 1 52  GLY 52  52  52  GLY GLY A . n 
A 1 53  PHE 53  53  53  PHE PHE A . n 
A 1 54  ILE 54  54  54  ILE ILE A . n 
A 1 55  LYS 55  55  55  LYS LYS A . n 
A 1 56  VAL 56  56  56  VAL VAL A . n 
A 1 57  ARG 57  57  57  ARG ARG A . n 
A 1 58  GLN 58  58  58  GLN GLN A . n 
A 1 59  TYR 59  59  59  TYR TYR A . n 
A 1 60  ASP 60  60  60  ASP ASP A . n 
A 1 61  GLN 61  61  61  GLN GLN A . n 
A 1 62  ILE 62  62  62  ILE ILE A . n 
A 1 63  PRO 63  63  63  PRO PRO A . n 
A 1 64  VAL 64  64  64  VAL VAL A . n 
A 1 65  GLU 65  65  65  GLU GLU A . n 
A 1 66  ILE 66  66  66  ILE ILE A . n 
A 1 67  ABA 67  67  67  ABA ABA A . n 
A 1 68  GLY 68  68  68  GLY GLY A . n 
A 1 69  HIS 69  69  69  HIS HIS A . n 
A 1 70  LYS 70  70  70  LYS LYS A . n 
A 1 71  ALA 71  71  71  ALA ALA A . n 
A 1 72  ILE 72  72  72  ILE ILE A . n 
A 1 73  GLY 73  73  73  GLY GLY A . n 
A 1 74  THR 74  74  74  THR THR A . n 
A 1 75  VAL 75  75  75  VAL VAL A . n 
A 1 76  LEU 76  76  76  LEU LEU A . n 
A 1 77  VAL 77  77  77  VAL VAL A . n 
A 1 78  GLY 78  78  78  GLY GLY A . n 
A 1 79  PRO 79  79  79  PRO PRO A . n 
A 1 80  THR 80  80  80  THR THR A . n 
A 1 81  PRO 81  81  81  PRO PRO A . n 
A 1 82  VAL 82  82  82  VAL VAL A . n 
A 1 83  ASN 83  83  83  ASN ASN A . n 
A 1 84  ILE 84  84  84  ILE ILE A . n 
A 1 85  ILE 85  85  85  ILE ILE A . n 
A 1 86  GLY 86  86  86  GLY GLY A . n 
A 1 87  ARG 87  87  87  ARG ARG A . n 
A 1 88  ASN 88  88  88  ASN ASN A . n 
A 1 89  LEU 89  89  89  LEU LEU A . n 
A 1 90  LEU 90  90  90  LEU LEU A . n 
A 1 91  THR 91  91  91  THR THR A . n 
A 1 92  GLN 92  92  92  GLN GLN A . n 
A 1 93  ILE 93  93  93  ILE ILE A . n 
A 1 94  GLY 94  94  94  GLY GLY A . n 
A 1 95  ABA 95  95  95  ABA ABA A . n 
A 1 96  THR 96  96  96  THR THR A . n 
A 1 97  LEU 97  97  97  LEU LEU A . n 
A 1 98  ASN 98  98  98  ASN ASN A . n 
A 1 99  PHE 99  99  99  PHE PHE A . n 
A 1 100 YCM 100 100 100 YCM P3S A . n 
A 1 101 GLY 101 101 101 GLY GLY A . n 
A 1 102 GLY 102 102 102 GLY GLY A . n 
A 1 103 GLY 103 103 103 GLY GLY A . n 
A 1 104 GLY 104 104 104 GLY GLY A . n 
A 1 105 PRO 105 105 105 PRO PRO A . n 
A 1 106 GLN 106 106 106 GLN GLN A . n 
A 1 107 ILE 107 107 107 ILE ILE A . n 
A 1 108 THR 108 108 108 THR THR A . n 
A 1 109 LEU 109 109 109 LEU LEU A . n 
A 1 110 TRP 110 110 110 TRP TRP A . n 
A 1 111 LYS 111 111 111 LYS LYS A . n 
A 1 112 ARG 112 112 112 ARG ARG A . n 
A 1 113 PRO 113 113 113 PRO PRO A . n 
A 1 114 LEU 114 114 114 LEU LEU A . n 
A 1 115 VAL 115 115 115 VAL VAL A . n 
A 1 116 THR 116 116 116 THR THR A . n 
A 1 117 ILE 117 117 117 ILE ILE A . n 
A 1 118 ARG 118 118 118 ARG ARG A . n 
A 1 119 ILE 119 119 119 ILE ILE A . n 
A 1 120 GLY 120 120 120 GLY GLY A . n 
A 1 121 GLY 121 121 121 GLY GLY A . n 
A 1 122 GLN 122 122 122 GLN GLN A . n 
A 1 123 LEU 123 123 123 LEU LEU A . n 
A 1 124 LYS 124 124 124 LYS LYS A . n 
A 1 125 GLU 125 125 125 GLU GLU A . n 
A 1 126 ALA 126 126 126 ALA ALA A . n 
A 1 127 LEU 127 127 127 LEU LEU A . n 
A 1 128 LEU 128 128 128 LEU LEU A . n 
A 1 129 ASP 129 129 129 ASP ASP A . n 
A 1 130 THR 130 130 130 THR THR A . n 
A 1 131 GLY 131 131 131 GLY GLY A . n 
A 1 132 ALA 132 132 132 ALA ALA A . n 
A 1 133 ASP 133 133 133 ASP ASP A . n 
A 1 134 ASP 134 134 134 ASP ASP A . n 
A 1 135 THR 135 135 135 THR THR A . n 
A 1 136 VAL 136 136 136 VAL VAL A . n 
A 1 137 ILE 137 137 137 ILE ILE A . n 
A 1 138 GLU 138 138 138 GLU GLU A . n 
A 1 139 GLU 139 139 139 GLU GLU A . n 
A 1 140 NLE 140 140 140 NLE NLE A . n 
A 1 141 ASN 141 141 141 ASN ASN A . n 
A 1 142 LEU 142 142 142 LEU LEU A . n 
A 1 143 PRO 143 143 143 PRO PRO A . n 
A 1 144 GLY 144 144 144 GLY GLY A . n 
A 1 145 YCM 145 145 145 YCM P3S A . n 
A 1 146 TRP 146 146 146 TRP TRP A . n 
A 1 147 LYS 147 147 147 LYS LYS A . n 
A 1 148 PRO 148 148 148 PRO PRO A . n 
A 1 149 LYS 149 149 149 LYS LYS A . n 
A 1 150 NLE 150 150 150 NLE NLE A . n 
A 1 151 ILE 151 151 151 ILE ILE A . n 
A 1 152 GLY 152 152 152 GLY GLY A . n 
A 1 153 GLY 153 153 153 GLY GLY A . n 
A 1 154 ILE 154 154 154 ILE ILE A . n 
A 1 155 GLY 155 155 155 GLY GLY A . n 
A 1 156 GLY 156 156 156 GLY GLY A . n 
A 1 157 PHE 157 157 157 PHE PHE A . n 
A 1 158 ILE 158 158 158 ILE ILE A . n 
A 1 159 LYS 159 159 159 LYS LYS A . n 
A 1 160 VAL 160 160 160 VAL VAL A . n 
A 1 161 ARG 161 161 161 ARG ARG A . n 
A 1 162 GLN 162 162 162 GLN GLN A . n 
A 1 163 TYR 163 163 163 TYR TYR A . n 
A 1 164 ASP 164 164 164 ASP ASP A . n 
A 1 165 GLN 165 165 165 GLN GLN A . n 
A 1 166 ILE 166 166 166 ILE ILE A . n 
A 1 167 PRO 167 167 167 PRO PRO A . n 
A 1 168 VAL 168 168 168 VAL VAL A . n 
A 1 169 GLU 169 169 169 GLU GLU A . n 
A 1 170 ILE 170 170 170 ILE ILE A . n 
A 1 171 ABA 171 171 171 ABA ABA A . n 
A 1 172 GLY 172 172 172 GLY GLY A . n 
A 1 173 HIS 173 173 173 HIS HIS A . n 
A 1 174 LYS 174 174 174 LYS LYS A . n 
A 1 175 ALA 175 175 175 ALA ALA A . n 
A 1 176 ILE 176 176 176 ILE ILE A . n 
A 1 177 GLY 177 177 177 GLY GLY A . n 
A 1 178 THR 178 178 178 THR THR A . n 
A 1 179 VAL 179 179 179 VAL VAL A . n 
A 1 180 LEU 180 180 180 LEU LEU A . n 
A 1 181 VAL 181 181 181 VAL VAL A . n 
A 1 182 GLY 182 182 182 GLY GLY A . n 
A 1 183 PRO 183 183 183 PRO PRO A . n 
A 1 184 THR 184 184 184 THR THR A . n 
A 1 185 PRO 185 185 185 PRO PRO A . n 
A 1 186 VAL 186 186 186 VAL VAL A . n 
A 1 187 ASN 187 187 187 ASN ASN A . n 
A 1 188 ILE 188 188 188 ILE ILE A . n 
A 1 189 ILE 189 189 189 ILE ILE A . n 
A 1 190 GLY 190 190 190 GLY GLY A . n 
A 1 191 ARG 191 191 191 ARG ARG A . n 
A 1 192 ASN 192 192 192 ASN ASN A . n 
A 1 193 LEU 193 193 193 LEU LEU A . n 
A 1 194 LEU 194 194 194 LEU LEU A . n 
A 1 195 THR 195 195 195 THR THR A . n 
A 1 196 GLN 196 196 196 GLN GLN A . n 
A 1 197 ILE 197 197 197 ILE ILE A . n 
A 1 198 GLY 198 198 198 GLY GLY A . n 
A 1 199 ABA 199 199 199 ABA ABA A . n 
A 1 200 THR 200 200 200 THR THR A . n 
A 1 201 LEU 201 201 201 LEU LEU A . n 
A 1 202 ASN 202 202 202 ASN ASN A . n 
A 1 203 PHE 203 203 203 PHE PHE A . n 
# 
loop_
_pdbx_nonpoly_scheme.asym_id 
_pdbx_nonpoly_scheme.entity_id 
_pdbx_nonpoly_scheme.mon_id 
_pdbx_nonpoly_scheme.ndb_seq_num 
_pdbx_nonpoly_scheme.pdb_seq_num 
_pdbx_nonpoly_scheme.auth_seq_num 
_pdbx_nonpoly_scheme.pdb_mon_id 
_pdbx_nonpoly_scheme.auth_mon_id 
_pdbx_nonpoly_scheme.pdb_strand_id 
_pdbx_nonpoly_scheme.pdb_ins_code 
B 2 2NC 1  0   0  2NC ACE A . 
C 3 HOH 1  204 1  HOH HOH A . 
C 3 HOH 2  205 3  HOH HOH A . 
C 3 HOH 3  206 4  HOH HOH A . 
C 3 HOH 4  207 5  HOH HOH A . 
C 3 HOH 5  208 6  HOH HOH A . 
C 3 HOH 6  209 7  HOH HOH A . 
C 3 HOH 7  210 8  HOH HOH A . 
C 3 HOH 8  211 9  HOH HOH A . 
C 3 HOH 9  212 10 HOH HOH A . 
C 3 HOH 10 213 11 HOH HOH A . 
C 3 HOH 11 214 12 HOH HOH A . 
C 3 HOH 12 215 13 HOH HOH A . 
C 3 HOH 13 216 14 HOH HOH A . 
C 3 HOH 14 217 15 HOH HOH A . 
C 3 HOH 15 218 16 HOH HOH A . 
C 3 HOH 16 219 17 HOH HOH A . 
C 3 HOH 17 220 18 HOH HOH A . 
C 3 HOH 18 221 19 HOH HOH A . 
C 3 HOH 19 222 20 HOH HOH A . 
C 3 HOH 20 223 21 HOH HOH A . 
C 3 HOH 21 224 22 HOH HOH A . 
C 3 HOH 22 225 23 HOH HOH A . 
C 3 HOH 23 226 24 HOH HOH A . 
C 3 HOH 24 227 25 HOH HOH A . 
C 3 HOH 25 228 26 HOH HOH A . 
C 3 HOH 26 229 27 HOH HOH A . 
C 3 HOH 27 230 28 HOH HOH A . 
C 3 HOH 28 231 31 HOH HOH A . 
C 3 HOH 29 232 32 HOH HOH A . 
C 3 HOH 30 233 33 HOH HOH A . 
C 3 HOH 31 234 34 HOH HOH A . 
C 3 HOH 32 235 35 HOH HOH A . 
C 3 HOH 33 236 36 HOH HOH A . 
C 3 HOH 34 237 37 HOH HOH A . 
C 3 HOH 35 238 38 HOH HOH A . 
C 3 HOH 36 239 39 HOH HOH A . 
C 3 HOH 37 240 40 HOH HOH A . 
C 3 HOH 38 241 41 HOH HOH A . 
C 3 HOH 39 242 42 HOH HOH A . 
C 3 HOH 40 243 43 HOH HOH A . 
C 3 HOH 41 244 44 HOH HOH A . 
C 3 HOH 42 245 45 HOH HOH A . 
C 3 HOH 43 246 46 HOH HOH A . 
C 3 HOH 44 247 47 HOH HOH A . 
C 3 HOH 45 248 48 HOH HOH A . 
C 3 HOH 46 249 49 HOH HOH A . 
C 3 HOH 47 250 50 HOH HOH A . 
C 3 HOH 48 251 51 HOH HOH A . 
C 3 HOH 49 252 52 HOH HOH A . 
C 3 HOH 50 253 53 HOH HOH A . 
C 3 HOH 51 254 54 HOH HOH A . 
C 3 HOH 52 255 55 HOH HOH A . 
C 3 HOH 53 256 56 HOH HOH A . 
C 3 HOH 54 257 57 HOH HOH A . 
C 3 HOH 55 258 2  HOH HOH A . 
C 3 HOH 56 259 29 HOH HOH A . 
C 3 HOH 57 260 30 HOH HOH A . 
# 
loop_
_software.name 
_software.classification 
_software.version 
_software.citation_id 
_software.pdbx_ordinal 
REFMAC   refinement       5.2.0019     ? 1 
HKL-2000 'data reduction' .            ? 2 
HKL-2000 'data scaling'   .            ? 3 
MOLREP   phasing          'VRSION 8.1' ? 4 
# 
_cell.entry_id           2O40 
_cell.length_a           51.326 
_cell.length_b           58.306 
_cell.length_c           61.699 
_cell.angle_alpha        90.00 
_cell.angle_beta         90.00 
_cell.angle_gamma        90.00 
_cell.Z_PDB              4 
_cell.pdbx_unique_axis   ? 
_cell.length_a_esd       ? 
_cell.length_b_esd       ? 
_cell.length_c_esd       ? 
_cell.angle_alpha_esd    ? 
_cell.angle_beta_esd     ? 
_cell.angle_gamma_esd    ? 
# 
_symmetry.entry_id                         2O40 
_symmetry.space_group_name_H-M             'P 21 21 21' 
_symmetry.pdbx_full_space_group_name_H-M   ? 
_symmetry.cell_setting                     ? 
_symmetry.Int_Tables_number                19 
_symmetry.space_group_name_Hall            ? 
# 
_exptl.entry_id          2O40 
_exptl.method            'X-RAY DIFFRACTION' 
_exptl.crystals_number   1 
# 
_exptl_crystal.id                    1 
_exptl_crystal.density_meas          ? 
_exptl_crystal.density_Matthews      2.04 
_exptl_crystal.density_percent_sol   39.58 
_exptl_crystal.description           ? 
_exptl_crystal.F_000                 ? 
_exptl_crystal.preparation           ? 
# 
_exptl_crystal_grow.crystal_id      1 
_exptl_crystal_grow.method          'VAPOR DIFFUSION, HANGING DROP' 
_exptl_crystal_grow.temp            293 
_exptl_crystal_grow.temp_details    ? 
_exptl_crystal_grow.pH              6.0 
_exptl_crystal_grow.pdbx_details    
;0.1M citrate, 0.2M sodium phophate, 30% (w/v) ammonium sulfate, 10% (v/v) DMSO, pH 6.0, VAPOR DIFFUSION, HANGING DROP, temperature 293K
;
_exptl_crystal_grow.pdbx_pH_range   . 
# 
_diffrn.id                     1 
_diffrn.ambient_temp           110 
_diffrn.ambient_temp_details   ? 
_diffrn.crystal_id             1 
# 
_diffrn_detector.diffrn_id              1 
_diffrn_detector.detector               CCD 
_diffrn_detector.type                   MARRESEARCH 
_diffrn_detector.pdbx_collection_date   2006-08-22 
_diffrn_detector.details                ? 
# 
_diffrn_radiation.diffrn_id                        1 
_diffrn_radiation.wavelength_id                    1 
_diffrn_radiation.pdbx_monochromatic_or_laue_m_l   M 
_diffrn_radiation.monochromator                    ? 
_diffrn_radiation.pdbx_diffrn_protocol             'SINGLE WAVELENGTH' 
_diffrn_radiation.pdbx_scattering_type             x-ray 
# 
_diffrn_radiation_wavelength.id           1 
_diffrn_radiation_wavelength.wavelength   0.97932 
_diffrn_radiation_wavelength.wt           1.0 
# 
_diffrn_source.diffrn_id                   1 
_diffrn_source.source                      SYNCHROTRON 
_diffrn_source.type                        'APS BEAMLINE 23-ID-B' 
_diffrn_source.pdbx_synchrotron_site       APS 
_diffrn_source.pdbx_synchrotron_beamline   23-ID-B 
_diffrn_source.pdbx_wavelength             ? 
_diffrn_source.pdbx_wavelength_list        0.97932 
# 
_reflns.entry_id                     2O40 
_reflns.observed_criterion_sigma_F   1672.0 
_reflns.observed_criterion_sigma_I   1672.0 
_reflns.d_resolution_high            1.65 
_reflns.d_resolution_low             50 
_reflns.number_all                   22728 
_reflns.number_obs                   22342 
_reflns.percent_possible_obs         98.3 
_reflns.pdbx_Rmerge_I_obs            0.072 
_reflns.pdbx_Rsym_value              ? 
_reflns.pdbx_netI_over_sigmaI        14.6 
_reflns.B_iso_Wilson_estimate        ? 
_reflns.pdbx_redundancy              4.8 
_reflns.R_free_details               ? 
_reflns.limit_h_max                  ? 
_reflns.limit_h_min                  ? 
_reflns.limit_k_max                  ? 
_reflns.limit_k_min                  ? 
_reflns.limit_l_max                  ? 
_reflns.limit_l_min                  ? 
_reflns.observed_criterion_F_max     ? 
_reflns.observed_criterion_F_min     ? 
_reflns.pdbx_chi_squared             ? 
_reflns.pdbx_scaling_rejects         ? 
_reflns.pdbx_ordinal                 1 
_reflns.pdbx_diffrn_id               1 
# 
_reflns_shell.d_res_high             1.651 
_reflns_shell.d_res_low              1.694 
_reflns_shell.percent_possible_all   88.68 
_reflns_shell.Rmerge_I_obs           0.749 
_reflns_shell.pdbx_Rsym_value        ? 
_reflns_shell.meanI_over_sigI_obs    2.67 
_reflns_shell.pdbx_redundancy        4.6 
_reflns_shell.percent_possible_obs   ? 
_reflns_shell.number_unique_all      1583 
_reflns_shell.number_measured_all    ? 
_reflns_shell.number_measured_obs    ? 
_reflns_shell.number_unique_obs      ? 
_reflns_shell.pdbx_chi_squared       ? 
_reflns_shell.pdbx_ordinal           1 
_reflns_shell.pdbx_diffrn_id         1 
# 
_refine.entry_id                                 2O40 
_refine.ls_number_reflns_obs                     21383 
_refine.ls_number_reflns_all                     21665 
_refine.pdbx_ls_sigma_I                          0 
_refine.pdbx_ls_sigma_F                          0 
_refine.pdbx_data_cutoff_high_absF               ? 
_refine.pdbx_data_cutoff_low_absF                ? 
_refine.pdbx_data_cutoff_high_rms_absF           ? 
_refine.ls_d_res_low                             20.00 
_refine.ls_d_res_high                            1.65 
_refine.ls_percent_reflns_obs                    98.70 
_refine.ls_R_factor_obs                          0.19335 
_refine.ls_R_factor_all                          ? 
_refine.ls_R_factor_R_work                       0.19106 
_refine.ls_R_factor_R_free                       0.23748 
_refine.ls_R_factor_R_free_error                 ? 
_refine.ls_R_factor_R_free_error_details         ? 
_refine.ls_percent_reflns_R_free                 5.2 
_refine.ls_number_reflns_R_free                  1163 
_refine.ls_number_parameters                     ? 
_refine.ls_number_restraints                     ? 
_refine.occupancy_min                            ? 
_refine.occupancy_max                            ? 
_refine.correlation_coeff_Fo_to_Fc               0.955 
_refine.correlation_coeff_Fo_to_Fc_free          0.923 
_refine.B_iso_mean                               19.973 
_refine.aniso_B[1][1]                            0.06 
_refine.aniso_B[2][2]                            -0.15 
_refine.aniso_B[3][3]                            0.09 
_refine.aniso_B[1][2]                            0.00 
_refine.aniso_B[1][3]                            0.00 
_refine.aniso_B[2][3]                            0.00 
_refine.solvent_model_details                    MASK 
_refine.solvent_model_param_ksol                 ? 
_refine.solvent_model_param_bsol                 ? 
_refine.pdbx_solvent_vdw_probe_radii             1.40 
_refine.pdbx_solvent_ion_probe_radii             0.80 
_refine.pdbx_solvent_shrinkage_radii             0.80 
_refine.pdbx_ls_cross_valid_method               THROUGHOUT 
_refine.details                                  'HYDROGENS HAVE BEEN ADDED IN THE RIDING POSITIONS' 
_refine.pdbx_starting_model                      ? 
_refine.pdbx_method_to_determine_struct          'MOLECULAR REPLACEMENT' 
_refine.pdbx_isotropic_thermal_model             ? 
_refine.pdbx_stereochemistry_target_values       'MAXIMUM LIKELIHOOD' 
_refine.pdbx_stereochem_target_val_spec_case     ? 
_refine.pdbx_R_Free_selection_details            RANDOM 
_refine.pdbx_overall_ESU_R                       0.108 
_refine.pdbx_overall_ESU_R_Free                  0.112 
_refine.overall_SU_ML                            0.068 
_refine.overall_SU_B                             4.116 
_refine.ls_redundancy_reflns_obs                 ? 
_refine.B_iso_min                                ? 
_refine.B_iso_max                                ? 
_refine.overall_SU_R_Cruickshank_DPI             ? 
_refine.overall_SU_R_free                        ? 
_refine.ls_wR_factor_R_free                      ? 
_refine.ls_wR_factor_R_work                      ? 
_refine.overall_FOM_free_R_set                   ? 
_refine.overall_FOM_work_R_set                   ? 
_refine.pdbx_refine_id                           'X-RAY DIFFRACTION' 
_refine.pdbx_overall_phase_error                 ? 
_refine.pdbx_TLS_residual_ADP_flag               'LIKELY RESIDUAL' 
_refine.pdbx_diffrn_id                           1 
_refine.pdbx_overall_SU_R_free_Cruickshank_DPI   ? 
_refine.pdbx_overall_SU_R_Blow_DPI               ? 
_refine.pdbx_overall_SU_R_free_Blow_DPI          ? 
# 
_refine_hist.pdbx_refine_id                   'X-RAY DIFFRACTION' 
_refine_hist.cycle_id                         LAST 
_refine_hist.pdbx_number_atoms_protein        1543 
_refine_hist.pdbx_number_atoms_nucleic_acid   0 
_refine_hist.pdbx_number_atoms_ligand         54 
_refine_hist.number_atoms_solvent             57 
_refine_hist.number_atoms_total               1654 
_refine_hist.d_res_high                       1.65 
_refine_hist.d_res_low                        20.00 
# 
loop_
_refine_ls_restr.type 
_refine_ls_restr.dev_ideal 
_refine_ls_restr.dev_ideal_target 
_refine_ls_restr.weight 
_refine_ls_restr.number 
_refine_ls_restr.pdbx_refine_id 
_refine_ls_restr.pdbx_restraint_function 
r_bond_refined_d         0.017  0.022  ? 1625 'X-RAY DIFFRACTION' ? 
r_bond_other_d           0.004  0.020  ? 1116 'X-RAY DIFFRACTION' ? 
r_angle_refined_deg      1.599  1.986  ? 2200 'X-RAY DIFFRACTION' ? 
r_angle_other_deg        0.890  3.000  ? 2749 'X-RAY DIFFRACTION' ? 
r_dihedral_angle_1_deg   6.214  5.000  ? 207  'X-RAY DIFFRACTION' ? 
r_dihedral_angle_2_deg   41.376 24.915 ? 59   'X-RAY DIFFRACTION' ? 
r_dihedral_angle_3_deg   13.449 15.000 ? 294  'X-RAY DIFFRACTION' ? 
r_dihedral_angle_4_deg   17.352 15.000 ? 9    'X-RAY DIFFRACTION' ? 
r_chiral_restr           0.105  0.200  ? 257  'X-RAY DIFFRACTION' ? 
r_gen_planes_refined     0.007  0.020  ? 1756 'X-RAY DIFFRACTION' ? 
r_gen_planes_other       0.001  0.020  ? 282  'X-RAY DIFFRACTION' ? 
r_nbd_refined            0.205  0.200  ? 201  'X-RAY DIFFRACTION' ? 
r_nbd_other              0.194  0.200  ? 1063 'X-RAY DIFFRACTION' ? 
r_nbtor_refined          0.169  0.200  ? 779  'X-RAY DIFFRACTION' ? 
r_nbtor_other            0.091  0.200  ? 902  'X-RAY DIFFRACTION' ? 
r_xyhbond_nbd_refined    0.108  0.200  ? 37   'X-RAY DIFFRACTION' ? 
r_symmetry_vdw_refined   0.188  0.200  ? 7    'X-RAY DIFFRACTION' ? 
r_symmetry_vdw_other     0.167  0.200  ? 29   'X-RAY DIFFRACTION' ? 
r_symmetry_hbond_refined 0.297  0.200  ? 3    'X-RAY DIFFRACTION' ? 
r_mcbond_it              1.168  1.500  ? 1060 'X-RAY DIFFRACTION' ? 
r_mcbond_other           0.339  1.500  ? 437  'X-RAY DIFFRACTION' ? 
r_mcangle_it             1.811  2.000  ? 1674 'X-RAY DIFFRACTION' ? 
r_scbond_it              2.626  3.000  ? 635  'X-RAY DIFFRACTION' ? 
r_scangle_it             4.005  4.500  ? 526  'X-RAY DIFFRACTION' ? 
# 
_refine_ls_shell.pdbx_total_number_of_bins_used   20 
_refine_ls_shell.d_res_high                       1.651 
_refine_ls_shell.d_res_low                        1.694 
_refine_ls_shell.number_reflns_R_work             1404 
_refine_ls_shell.R_factor_R_work                  0.241 
_refine_ls_shell.percent_reflns_obs               88.68 
_refine_ls_shell.R_factor_R_free                  0.311 
_refine_ls_shell.R_factor_R_free_error            ? 
_refine_ls_shell.percent_reflns_R_free            ? 
_refine_ls_shell.number_reflns_R_free             61 
_refine_ls_shell.number_reflns_all                ? 
_refine_ls_shell.R_factor_all                     ? 
_refine_ls_shell.number_reflns_obs                ? 
_refine_ls_shell.redundancy_reflns_obs            ? 
_refine_ls_shell.pdbx_refine_id                   'X-RAY DIFFRACTION' 
# 
_struct.entry_id                  2O40 
_struct.title                     
;Crystal Structure of a Chemically Synthesized 203 Amino Acid 'Covalent Dimer' HIV-1 Protease Molecule
;
_struct.pdbx_model_details        ? 
_struct.pdbx_CASP_flag            ? 
_struct.pdbx_model_type_details   ? 
# 
_struct_keywords.entry_id        2O40 
_struct_keywords.pdbx_keywords   'Hydrolase/Hydrolase inhibitor' 
_struct_keywords.text            'beta-turn, Hydrolase-Hydrolase inhibitor complex' 
# 
loop_
_struct_asym.id 
_struct_asym.pdbx_blank_PDB_chainid_flag 
_struct_asym.pdbx_modified 
_struct_asym.entity_id 
_struct_asym.details 
A N N 1 ? 
B N N 2 ? 
C N N 3 ? 
# 
_struct_ref.id                         1 
_struct_ref.db_name                    PDB 
_struct_ref.db_code                    2O40 
_struct_ref.pdbx_db_accession          2O40 
_struct_ref.entity_id                  1 
_struct_ref.pdbx_align_begin           ? 
_struct_ref.pdbx_seq_one_letter_code   ? 
_struct_ref.pdbx_db_isoform            ? 
# 
_struct_ref_seq.align_id                      1 
_struct_ref_seq.ref_id                        1 
_struct_ref_seq.pdbx_PDB_id_code              2O40 
_struct_ref_seq.pdbx_strand_id                A 
_struct_ref_seq.seq_align_beg                 1 
_struct_ref_seq.pdbx_seq_align_beg_ins_code   ? 
_struct_ref_seq.seq_align_end                 203 
_struct_ref_seq.pdbx_seq_align_end_ins_code   ? 
_struct_ref_seq.pdbx_db_accession             2O40 
_struct_ref_seq.db_align_beg                  1 
_struct_ref_seq.pdbx_db_align_beg_ins_code    ? 
_struct_ref_seq.db_align_end                  203 
_struct_ref_seq.pdbx_db_align_end_ins_code    ? 
_struct_ref_seq.pdbx_auth_seq_align_beg       1 
_struct_ref_seq.pdbx_auth_seq_align_end       203 
# 
_pdbx_struct_assembly.id                   1 
_pdbx_struct_assembly.details              author_and_software_defined_assembly 
_pdbx_struct_assembly.method_details       PISA 
_pdbx_struct_assembly.oligomeric_details   monomeric 
_pdbx_struct_assembly.oligomeric_count     1 
# 
_pdbx_struct_assembly_gen.assembly_id       1 
_pdbx_struct_assembly_gen.oper_expression   1 
_pdbx_struct_assembly_gen.asym_id_list      A,B,C 
# 
_pdbx_struct_oper_list.id                   1 
_pdbx_struct_oper_list.type                 'identity operation' 
_pdbx_struct_oper_list.name                 1_555 
_pdbx_struct_oper_list.symmetry_operation   x,y,z 
_pdbx_struct_oper_list.matrix[1][1]         1.0000000000 
_pdbx_struct_oper_list.matrix[1][2]         0.0000000000 
_pdbx_struct_oper_list.matrix[1][3]         0.0000000000 
_pdbx_struct_oper_list.vector[1]            0.0000000000 
_pdbx_struct_oper_list.matrix[2][1]         0.0000000000 
_pdbx_struct_oper_list.matrix[2][2]         1.0000000000 
_pdbx_struct_oper_list.matrix[2][3]         0.0000000000 
_pdbx_struct_oper_list.vector[2]            0.0000000000 
_pdbx_struct_oper_list.matrix[3][1]         0.0000000000 
_pdbx_struct_oper_list.matrix[3][2]         0.0000000000 
_pdbx_struct_oper_list.matrix[3][3]         1.0000000000 
_pdbx_struct_oper_list.vector[3]            0.0000000000 
# 
_struct_biol.id        1 
_struct_biol.details   ? 
# 
loop_
_struct_conf.conf_type_id 
_struct_conf.id 
_struct_conf.pdbx_PDB_helix_id 
_struct_conf.beg_label_comp_id 
_struct_conf.beg_label_asym_id 
_struct_conf.beg_label_seq_id 
_struct_conf.pdbx_beg_PDB_ins_code 
_struct_conf.end_label_comp_id 
_struct_conf.end_label_asym_id 
_struct_conf.end_label_seq_id 
_struct_conf.pdbx_end_PDB_ins_code 
_struct_conf.beg_auth_comp_id 
_struct_conf.beg_auth_asym_id 
_struct_conf.beg_auth_seq_id 
_struct_conf.end_auth_comp_id 
_struct_conf.end_auth_asym_id 
_struct_conf.end_auth_seq_id 
_struct_conf.pdbx_PDB_helix_class 
_struct_conf.details 
_struct_conf.pdbx_PDB_helix_length 
HELX_P HELX_P1 1 GLY A 86  ? THR A 91  ? GLY A 86  THR A 91  1 ? 6 
HELX_P HELX_P2 2 YCM A 100 ? GLY A 103 ? YCM A 100 GLY A 103 5 ? 4 
HELX_P HELX_P3 3 GLY A 190 ? THR A 195 ? GLY A 190 THR A 195 1 ? 6 
# 
_struct_conf_type.id          HELX_P 
_struct_conf_type.criteria    ? 
_struct_conf_type.reference   ? 
# 
loop_
_struct_conn.id 
_struct_conn.conn_type_id 
_struct_conn.pdbx_leaving_atom_flag 
_struct_conn.pdbx_PDB_id 
_struct_conn.ptnr1_label_asym_id 
_struct_conn.ptnr1_label_comp_id 
_struct_conn.ptnr1_label_seq_id 
_struct_conn.ptnr1_label_atom_id 
_struct_conn.pdbx_ptnr1_label_alt_id 
_struct_conn.pdbx_ptnr1_PDB_ins_code 
_struct_conn.pdbx_ptnr1_standard_comp_id 
_struct_conn.ptnr1_symmetry 
_struct_conn.ptnr2_label_asym_id 
_struct_conn.ptnr2_label_comp_id 
_struct_conn.ptnr2_label_seq_id 
_struct_conn.ptnr2_label_atom_id 
_struct_conn.pdbx_ptnr2_label_alt_id 
_struct_conn.pdbx_ptnr2_PDB_ins_code 
_struct_conn.ptnr1_auth_asym_id 
_struct_conn.ptnr1_auth_comp_id 
_struct_conn.ptnr1_auth_seq_id 
_struct_conn.ptnr2_auth_asym_id 
_struct_conn.ptnr2_auth_comp_id 
_struct_conn.ptnr2_auth_seq_id 
_struct_conn.ptnr2_symmetry 
_struct_conn.pdbx_ptnr3_label_atom_id 
_struct_conn.pdbx_ptnr3_label_seq_id 
_struct_conn.pdbx_ptnr3_label_comp_id 
_struct_conn.pdbx_ptnr3_label_asym_id 
_struct_conn.pdbx_ptnr3_label_alt_id 
_struct_conn.pdbx_ptnr3_PDB_ins_code 
_struct_conn.details 
_struct_conn.pdbx_dist_value 
_struct_conn.pdbx_value_order 
_struct_conn.pdbx_role 
covale1  covale both ? A GLU 35  C ? ? ? 1_555 A NLE 36  N ? ? A GLU 35  A NLE 36  1_555 ? ? ? ? ? ? ? 1.324 ? ? 
covale2  covale both ? A NLE 36  C ? ? ? 1_555 A ASN 37  N ? ? A NLE 36  A ASN 37  1_555 ? ? ? ? ? ? ? 1.326 ? ? 
covale3  covale both ? A GLY 40  C ? ? ? 1_555 A YCM 41  N ? ? A GLY 40  A YCM 41  1_555 ? ? ? ? ? ? ? 1.323 ? ? 
covale4  covale both ? A YCM 41  C ? ? ? 1_555 A TRP 42  N ? ? A YCM 41  A TRP 42  1_555 ? ? ? ? ? ? ? 1.319 ? ? 
covale5  covale both ? A LYS 45  C ? ? ? 1_555 A NLE 46  N ? ? A LYS 45  A NLE 46  1_555 ? ? ? ? ? ? ? 1.338 ? ? 
covale6  covale both ? A NLE 46  C ? ? ? 1_555 A ILE 47  N ? ? A NLE 46  A ILE 47  1_555 ? ? ? ? ? ? ? 1.343 ? ? 
covale7  covale both ? A ILE 66  C ? ? ? 1_555 A ABA 67  N ? ? A ILE 66  A ABA 67  1_555 ? ? ? ? ? ? ? 1.338 ? ? 
covale8  covale both ? A ABA 67  C ? ? ? 1_555 A GLY 68  N ? ? A ABA 67  A GLY 68  1_555 ? ? ? ? ? ? ? 1.333 ? ? 
covale9  covale both ? A GLY 94  C ? ? ? 1_555 A ABA 95  N ? ? A GLY 94  A ABA 95  1_555 ? ? ? ? ? ? ? 1.317 ? ? 
covale10 covale both ? A ABA 95  C ? ? ? 1_555 A THR 96  N ? ? A ABA 95  A THR 96  1_555 ? ? ? ? ? ? ? 1.335 ? ? 
covale11 covale both ? A PHE 99  C ? ? ? 1_555 A YCM 100 N ? ? A PHE 99  A YCM 100 1_555 ? ? ? ? ? ? ? 1.332 ? ? 
covale12 covale both ? A YCM 100 C ? ? ? 1_555 A GLY 101 N ? ? A YCM 100 A GLY 101 1_555 ? ? ? ? ? ? ? 1.325 ? ? 
covale13 covale both ? A GLU 139 C ? ? ? 1_555 A NLE 140 N ? ? A GLU 139 A NLE 140 1_555 ? ? ? ? ? ? ? 1.329 ? ? 
covale14 covale both ? A NLE 140 C ? ? ? 1_555 A ASN 141 N ? ? A NLE 140 A ASN 141 1_555 ? ? ? ? ? ? ? 1.334 ? ? 
covale15 covale both ? A GLY 144 C ? ? ? 1_555 A YCM 145 N ? ? A GLY 144 A YCM 145 1_555 ? ? ? ? ? ? ? 1.350 ? ? 
covale16 covale both ? A YCM 145 C ? ? ? 1_555 A TRP 146 N ? ? A YCM 145 A TRP 146 1_555 ? ? ? ? ? ? ? 1.327 ? ? 
covale17 covale both ? A LYS 149 C ? ? ? 1_555 A NLE 150 N ? ? A LYS 149 A NLE 150 1_555 ? ? ? ? ? ? ? 1.329 ? ? 
covale18 covale both ? A NLE 150 C ? ? ? 1_555 A ILE 151 N ? ? A NLE 150 A ILE 151 1_555 ? ? ? ? ? ? ? 1.336 ? ? 
covale19 covale both ? A ILE 170 C ? ? ? 1_555 A ABA 171 N ? ? A ILE 170 A ABA 171 1_555 ? ? ? ? ? ? ? 1.331 ? ? 
covale20 covale both ? A ABA 171 C ? ? ? 1_555 A GLY 172 N ? ? A ABA 171 A GLY 172 1_555 ? ? ? ? ? ? ? 1.328 ? ? 
covale21 covale both ? A GLY 198 C ? ? ? 1_555 A ABA 199 N ? ? A GLY 198 A ABA 199 1_555 ? ? ? ? ? ? ? 1.336 ? ? 
covale22 covale both ? A ABA 199 C ? ? ? 1_555 A THR 200 N ? ? A ABA 199 A THR 200 1_555 ? ? ? ? ? ? ? 1.318 ? ? 
# 
_struct_conn_type.id          covale 
_struct_conn_type.criteria    ? 
_struct_conn_type.reference   ? 
# 
loop_
_struct_sheet.id 
_struct_sheet.type 
_struct_sheet.number_strands 
_struct_sheet.details 
A ? 4 ? 
B ? 8 ? 
C ? 8 ? 
# 
loop_
_struct_sheet_order.sheet_id 
_struct_sheet_order.range_id_1 
_struct_sheet_order.range_id_2 
_struct_sheet_order.offset 
_struct_sheet_order.sense 
A 1 2 ? anti-parallel 
A 2 3 ? anti-parallel 
A 3 4 ? anti-parallel 
B 1 2 ? anti-parallel 
B 2 3 ? anti-parallel 
B 3 4 ? parallel      
B 4 5 ? anti-parallel 
B 5 6 ? parallel      
B 6 7 ? anti-parallel 
B 7 8 ? anti-parallel 
C 1 2 ? anti-parallel 
C 2 3 ? anti-parallel 
C 3 4 ? parallel      
C 4 5 ? anti-parallel 
C 5 6 ? parallel      
C 6 7 ? anti-parallel 
C 7 8 ? anti-parallel 
# 
loop_
_struct_sheet_range.sheet_id 
_struct_sheet_range.id 
_struct_sheet_range.beg_label_comp_id 
_struct_sheet_range.beg_label_asym_id 
_struct_sheet_range.beg_label_seq_id 
_struct_sheet_range.pdbx_beg_PDB_ins_code 
_struct_sheet_range.end_label_comp_id 
_struct_sheet_range.end_label_asym_id 
_struct_sheet_range.end_label_seq_id 
_struct_sheet_range.pdbx_end_PDB_ins_code 
_struct_sheet_range.beg_auth_comp_id 
_struct_sheet_range.beg_auth_asym_id 
_struct_sheet_range.beg_auth_seq_id 
_struct_sheet_range.end_auth_comp_id 
_struct_sheet_range.end_auth_asym_id 
_struct_sheet_range.end_auth_seq_id 
A 1 GLN A 2   ? ILE A 3   ? GLN A 2   ILE A 3   
A 2 THR A 200 ? ASN A 202 ? THR A 200 ASN A 202 
A 3 THR A 96  ? ASN A 98  ? THR A 96  ASN A 98  
A 4 GLN A 106 ? ILE A 107 ? GLN A 106 ILE A 107 
B 1 LYS A 43  ? GLY A 49  ? LYS A 43  GLY A 49  
B 2 GLY A 52  ? ILE A 66  ? GLY A 52  ILE A 66  
B 3 HIS A 69  ? VAL A 77  ? HIS A 69  VAL A 77  
B 4 VAL A 32  ? ILE A 33  ? VAL A 32  ILE A 33  
B 5 ILE A 84  ? ILE A 85  ? ILE A 84  ILE A 85  
B 6 GLN A 18  ? LEU A 24  ? GLN A 18  LEU A 24  
B 7 LEU A 10  ? ILE A 15  ? LEU A 10  ILE A 15  
B 8 GLY A 52  ? ILE A 66  ? GLY A 52  ILE A 66  
C 1 LYS A 147 ? GLY A 153 ? LYS A 147 GLY A 153 
C 2 GLY A 156 ? ILE A 170 ? GLY A 156 ILE A 170 
C 3 ILE A 176 ? VAL A 181 ? ILE A 176 VAL A 181 
C 4 VAL A 136 ? ILE A 137 ? VAL A 136 ILE A 137 
C 5 ILE A 188 ? ILE A 189 ? ILE A 188 ILE A 189 
C 6 GLN A 122 ? LEU A 128 ? GLN A 122 LEU A 128 
C 7 LEU A 114 ? ILE A 119 ? LEU A 114 ILE A 119 
C 8 GLY A 156 ? ILE A 170 ? GLY A 156 ILE A 170 
# 
loop_
_pdbx_struct_sheet_hbond.sheet_id 
_pdbx_struct_sheet_hbond.range_id_1 
_pdbx_struct_sheet_hbond.range_id_2 
_pdbx_struct_sheet_hbond.range_1_label_atom_id 
_pdbx_struct_sheet_hbond.range_1_label_comp_id 
_pdbx_struct_sheet_hbond.range_1_label_asym_id 
_pdbx_struct_sheet_hbond.range_1_label_seq_id 
_pdbx_struct_sheet_hbond.range_1_PDB_ins_code 
_pdbx_struct_sheet_hbond.range_1_auth_atom_id 
_pdbx_struct_sheet_hbond.range_1_auth_comp_id 
_pdbx_struct_sheet_hbond.range_1_auth_asym_id 
_pdbx_struct_sheet_hbond.range_1_auth_seq_id 
_pdbx_struct_sheet_hbond.range_2_label_atom_id 
_pdbx_struct_sheet_hbond.range_2_label_comp_id 
_pdbx_struct_sheet_hbond.range_2_label_asym_id 
_pdbx_struct_sheet_hbond.range_2_label_seq_id 
_pdbx_struct_sheet_hbond.range_2_PDB_ins_code 
_pdbx_struct_sheet_hbond.range_2_auth_atom_id 
_pdbx_struct_sheet_hbond.range_2_auth_comp_id 
_pdbx_struct_sheet_hbond.range_2_auth_asym_id 
_pdbx_struct_sheet_hbond.range_2_auth_seq_id 
A 1 2 N ILE A 3   ? N ILE A 3   O LEU A 201 ? O LEU A 201 
A 2 3 O THR A 200 ? O THR A 200 N ASN A 98  ? N ASN A 98  
A 3 4 N LEU A 97  ? N LEU A 97  O ILE A 107 ? O ILE A 107 
B 1 2 N LYS A 43  ? N LYS A 43  O GLN A 58  ? O GLN A 58  
B 2 3 N ILE A 66  ? N ILE A 66  O HIS A 69  ? O HIS A 69  
B 3 4 O LEU A 76  ? O LEU A 76  N ILE A 33  ? N ILE A 33  
B 4 5 N VAL A 32  ? N VAL A 32  O ILE A 84  ? O ILE A 84  
B 5 6 O ILE A 85  ? O ILE A 85  N LEU A 23  ? N LEU A 23  
B 6 7 O LYS A 20  ? O LYS A 20  N ILE A 13  ? N ILE A 13  
B 7 8 N ARG A 14  ? N ARG A 14  O GLU A 65  ? O GLU A 65  
C 1 2 N LYS A 147 ? N LYS A 147 O GLN A 162 ? O GLN A 162 
C 2 3 N TYR A 163 ? N TYR A 163 O VAL A 179 ? O VAL A 179 
C 3 4 O LEU A 180 ? O LEU A 180 N ILE A 137 ? N ILE A 137 
C 4 5 N VAL A 136 ? N VAL A 136 O ILE A 188 ? O ILE A 188 
C 5 6 O ILE A 189 ? O ILE A 189 N LEU A 127 ? N LEU A 127 
C 6 7 O ALA A 126 ? O ALA A 126 N VAL A 115 ? N VAL A 115 
C 7 8 N ARG A 118 ? N ARG A 118 O GLU A 169 ? O GLU A 169 
# 
_struct_site.id                   AC1 
_struct_site.pdbx_evidence_code   Software 
_struct_site.pdbx_auth_asym_id    A 
_struct_site.pdbx_auth_comp_id    2NC 
_struct_site.pdbx_auth_seq_id     0 
_struct_site.pdbx_auth_ins_code   ? 
_struct_site.pdbx_num_residues    19 
_struct_site.details              'BINDING SITE FOR RESIDUE 2NC A 0' 
# 
loop_
_struct_site_gen.id 
_struct_site_gen.site_id 
_struct_site_gen.pdbx_num_res 
_struct_site_gen.label_comp_id 
_struct_site_gen.label_asym_id 
_struct_site_gen.label_seq_id 
_struct_site_gen.pdbx_auth_ins_code 
_struct_site_gen.auth_comp_id 
_struct_site_gen.auth_asym_id 
_struct_site_gen.auth_seq_id 
_struct_site_gen.label_atom_id 
_struct_site_gen.label_alt_id 
_struct_site_gen.symmetry 
_struct_site_gen.details 
1  AC1 19 ARG A 8   ? ARG A 8   . ? 1_555 ? 
2  AC1 19 ASP A 25  ? ASP A 25  . ? 1_555 ? 
3  AC1 19 GLY A 27  ? GLY A 27  . ? 1_555 ? 
4  AC1 19 ALA A 28  ? ALA A 28  . ? 1_555 ? 
5  AC1 19 ASP A 29  ? ASP A 29  . ? 1_555 ? 
6  AC1 19 ASP A 30  ? ASP A 30  . ? 1_555 ? 
7  AC1 19 ILE A 47  ? ILE A 47  . ? 1_555 ? 
8  AC1 19 GLY A 48  ? GLY A 48  . ? 1_555 ? 
9  AC1 19 GLY A 49  ? GLY A 49  . ? 1_555 ? 
10 AC1 19 VAL A 82  ? VAL A 82  . ? 1_555 ? 
11 AC1 19 ARG A 112 ? ARG A 112 . ? 1_555 ? 
12 AC1 19 ASP A 129 ? ASP A 129 . ? 1_555 ? 
13 AC1 19 GLY A 131 ? GLY A 131 . ? 1_555 ? 
14 AC1 19 ALA A 132 ? ALA A 132 . ? 1_555 ? 
15 AC1 19 ASP A 133 ? ASP A 133 . ? 1_555 ? 
16 AC1 19 GLY A 152 ? GLY A 152 . ? 1_555 ? 
17 AC1 19 HOH C .   ? HOH A 207 . ? 1_555 ? 
18 AC1 19 HOH C .   ? HOH A 258 . ? 1_555 ? 
19 AC1 19 HOH C .   ? HOH A 260 . ? 1_555 ? 
# 
_pdbx_validate_rmsd_angle.id                         1 
_pdbx_validate_rmsd_angle.PDB_model_num              1 
_pdbx_validate_rmsd_angle.auth_atom_id_1             NE 
_pdbx_validate_rmsd_angle.auth_asym_id_1             A 
_pdbx_validate_rmsd_angle.auth_comp_id_1             ARG 
_pdbx_validate_rmsd_angle.auth_seq_id_1              191 
_pdbx_validate_rmsd_angle.PDB_ins_code_1             ? 
_pdbx_validate_rmsd_angle.label_alt_id_1             ? 
_pdbx_validate_rmsd_angle.auth_atom_id_2             CZ 
_pdbx_validate_rmsd_angle.auth_asym_id_2             A 
_pdbx_validate_rmsd_angle.auth_comp_id_2             ARG 
_pdbx_validate_rmsd_angle.auth_seq_id_2              191 
_pdbx_validate_rmsd_angle.PDB_ins_code_2             ? 
_pdbx_validate_rmsd_angle.label_alt_id_2             ? 
_pdbx_validate_rmsd_angle.auth_atom_id_3             NH1 
_pdbx_validate_rmsd_angle.auth_asym_id_3             A 
_pdbx_validate_rmsd_angle.auth_comp_id_3             ARG 
_pdbx_validate_rmsd_angle.auth_seq_id_3              191 
_pdbx_validate_rmsd_angle.PDB_ins_code_3             ? 
_pdbx_validate_rmsd_angle.label_alt_id_3             ? 
_pdbx_validate_rmsd_angle.angle_value                124.21 
_pdbx_validate_rmsd_angle.angle_target_value         120.30 
_pdbx_validate_rmsd_angle.angle_deviation            3.91 
_pdbx_validate_rmsd_angle.angle_standard_deviation   0.50 
_pdbx_validate_rmsd_angle.linker_flag                N 
# 
_pdbx_validate_torsion.id              1 
_pdbx_validate_torsion.PDB_model_num   1 
_pdbx_validate_torsion.auth_comp_id    ABA 
_pdbx_validate_torsion.auth_asym_id    A 
_pdbx_validate_torsion.auth_seq_id     67 
_pdbx_validate_torsion.PDB_ins_code    ? 
_pdbx_validate_torsion.label_alt_id    ? 
_pdbx_validate_torsion.phi             36.05 
_pdbx_validate_torsion.psi             46.91 
# 
_pdbx_molecule_features.prd_id    PRD_000398 
_pdbx_molecule_features.name      
'N-{(2S)-2-[(N-acetyl-L-threonyl-L-isoleucyl)amino]hexyl}-L-norleucyl-L-glutaminyl-N~5~-[amino(iminio)methyl]-L-ornithinamide' 
_pdbx_molecule_features.type      Peptide-like 
_pdbx_molecule_features.class     Inhibitor 
_pdbx_molecule_features.details   ? 
# 
_pdbx_molecule.instance_id   1 
_pdbx_molecule.prd_id        PRD_000398 
_pdbx_molecule.asym_id       B 
# 
loop_
_pdbx_struct_mod_residue.id 
_pdbx_struct_mod_residue.label_asym_id 
_pdbx_struct_mod_residue.label_comp_id 
_pdbx_struct_mod_residue.label_seq_id 
_pdbx_struct_mod_residue.auth_asym_id 
_pdbx_struct_mod_residue.auth_comp_id 
_pdbx_struct_mod_residue.auth_seq_id 
_pdbx_struct_mod_residue.PDB_ins_code 
_pdbx_struct_mod_residue.parent_comp_id 
_pdbx_struct_mod_residue.details 
1  A NLE 36  A NLE 36  ? LEU NORLEUCINE                          
2  A YCM 41  A YCM 41  ? CYS 'S-(2-AMINO-2-OXOETHYL)-L-CYSTEINE' 
3  A NLE 46  A NLE 46  ? LEU NORLEUCINE                          
4  A ABA 67  A ABA 67  ? ALA 'ALPHA-AMINOBUTYRIC ACID'           
5  A ABA 95  A ABA 95  ? ALA 'ALPHA-AMINOBUTYRIC ACID'           
6  A YCM 100 A YCM 100 ? CYS 'S-(2-AMINO-2-OXOETHYL)-L-CYSTEINE' 
7  A NLE 140 A NLE 140 ? LEU NORLEUCINE                          
8  A YCM 145 A YCM 145 ? CYS 'S-(2-AMINO-2-OXOETHYL)-L-CYSTEINE' 
9  A NLE 150 A NLE 150 ? LEU NORLEUCINE                          
10 A ABA 171 A ABA 171 ? ALA 'ALPHA-AMINOBUTYRIC ACID'           
11 A ABA 199 A ABA 199 ? ALA 'ALPHA-AMINOBUTYRIC ACID'           
# 
_pdbx_refine_tls.id               1 
_pdbx_refine_tls.details          ? 
_pdbx_refine_tls.method           refined 
_pdbx_refine_tls.origin_x         -0.4309 
_pdbx_refine_tls.origin_y         0.1994 
_pdbx_refine_tls.origin_z         -0.3677 
_pdbx_refine_tls.T[1][1]          -0.1061 
_pdbx_refine_tls.T[2][2]          -0.0879 
_pdbx_refine_tls.T[3][3]          -0.0737 
_pdbx_refine_tls.T[1][2]          -0.0110 
_pdbx_refine_tls.T[1][3]          0.0034 
_pdbx_refine_tls.T[2][3]          0.0123 
_pdbx_refine_tls.L[1][1]          0.8940 
_pdbx_refine_tls.L[2][2]          2.4652 
_pdbx_refine_tls.L[3][3]          1.7614 
_pdbx_refine_tls.L[1][2]          -0.1345 
_pdbx_refine_tls.L[1][3]          0.3751 
_pdbx_refine_tls.L[2][3]          0.5503 
_pdbx_refine_tls.S[1][1]          -0.0305 
_pdbx_refine_tls.S[1][2]          -0.0420 
_pdbx_refine_tls.S[1][3]          0.0374 
_pdbx_refine_tls.S[2][1]          -0.0012 
_pdbx_refine_tls.S[2][2]          -0.0416 
_pdbx_refine_tls.S[2][3]          -0.0317 
_pdbx_refine_tls.S[3][1]          -0.0827 
_pdbx_refine_tls.S[3][2]          -0.0568 
_pdbx_refine_tls.S[3][3]          0.0721 
_pdbx_refine_tls.pdbx_refine_id   'X-RAY DIFFRACTION' 
# 
loop_
_pdbx_refine_tls_group.id 
_pdbx_refine_tls_group.refine_tls_id 
_pdbx_refine_tls_group.beg_auth_asym_id 
_pdbx_refine_tls_group.beg_auth_seq_id 
_pdbx_refine_tls_group.beg_label_asym_id 
_pdbx_refine_tls_group.beg_label_seq_id 
_pdbx_refine_tls_group.end_auth_asym_id 
_pdbx_refine_tls_group.end_auth_seq_id 
_pdbx_refine_tls_group.end_label_asym_id 
_pdbx_refine_tls_group.end_label_seq_id 
_pdbx_refine_tls_group.selection 
_pdbx_refine_tls_group.pdbx_refine_id 
_pdbx_refine_tls_group.selection_details 
1 1 A 1 A 1 A 203 A 203 ? 'X-RAY DIFFRACTION' ? 
2 1 A 0 B 1 A 6   B 6   ? 'X-RAY DIFFRACTION' ? 
# 
_pdbx_entry_details.entry_id                 2O40 
_pdbx_entry_details.compound_details         ? 
_pdbx_entry_details.source_details           ? 
_pdbx_entry_details.nonpolymer_details       
;THE INHIBITOR HAS A REDUCED PEPTIDE BOND ISOSTERE 
[CH2-NH] IN PLACE OF THE SCISSILE AMIDE
;
_pdbx_entry_details.sequence_details         ? 
_pdbx_entry_details.has_ligand_of_interest   ? 
# 
loop_
_chem_comp_atom.comp_id 
_chem_comp_atom.atom_id 
_chem_comp_atom.type_symbol 
_chem_comp_atom.pdbx_aromatic_flag 
_chem_comp_atom.pdbx_stereo_config 
_chem_comp_atom.pdbx_ordinal 
2NC C    C N N 1   
2NC O    O N N 2   
2NC CH3  C N N 3   
2NC N    N N N 4   
2NC CA   C N S 5   
2NC C1   C N N 6   
2NC O1   O N N 7   
2NC CB   C N R 8   
2NC OG1  O N N 9   
2NC CG2  C N N 10  
2NC N1   N N N 11  
2NC CA1  C N S 12  
2NC C2   C N N 13  
2NC O2   O N N 14  
2NC CB1  C N S 15  
2NC CG1  C N N 16  
2NC CG21 C N N 17  
2NC CD1  C N N 18  
2NC N2   N N N 19  
2NC CA2  C N S 20  
2NC C3   C N N 21  
2NC CB2  C N N 22  
2NC CG   C N N 23  
2NC CD   C N N 24  
2NC CE   C N N 25  
2NC N3   N N N 26  
2NC CA3  C N S 27  
2NC C4   C N N 28  
2NC O3   O N N 29  
2NC CB3  C N N 30  
2NC CG3  C N N 31  
2NC CD2  C N N 32  
2NC CE1  C N N 33  
2NC N4   N N N 34  
2NC CA4  C N S 35  
2NC C5   C N N 36  
2NC O4   O N N 37  
2NC CB4  C N N 38  
2NC CG4  C N N 39  
2NC CD3  C N N 40  
2NC OE1  O N N 41  
2NC NE2  N N N 42  
2NC N5   N N N 43  
2NC CA5  C N S 44  
2NC C6   C N N 45  
2NC O5   O N N 46  
2NC CB5  C N N 47  
2NC CG5  C N N 48  
2NC CD4  C N N 49  
2NC NE   N N N 50  
2NC CZ   C N N 51  
2NC NH1  N N N 52  
2NC NH2  N N N 53  
2NC N6   N N N 54  
2NC H1   H N N 55  
2NC H2   H N N 56  
2NC H3   H N N 57  
2NC H    H N N 58  
2NC HA   H N N 59  
2NC HB   H N N 60  
2NC HG1  H N N 61  
2NC HG21 H N N 62  
2NC HG22 H N N 63  
2NC HG23 H N N 64  
2NC H4   H N N 65  
2NC HA1  H N N 66  
2NC HB1  H N N 67  
2NC HG12 H N N 68  
2NC HG13 H N N 69  
2NC HG24 H N N 70  
2NC HG25 H N N 71  
2NC HG26 H N N 72  
2NC HD11 H N N 73  
2NC HD12 H N N 74  
2NC HD13 H N N 75  
2NC H5   H N N 76  
2NC HA2  H N N 77  
2NC HC31 H N N 78  
2NC HC32 H N N 79  
2NC HB2  H N N 80  
2NC HB3  H N N 81  
2NC HG2  H N N 82  
2NC HG3  H N N 83  
2NC HD2  H N N 84  
2NC HD3  H N N 85  
2NC HE1  H N N 86  
2NC HE2  H N N 87  
2NC HE3  H N N 88  
2NC H6   H N N 89  
2NC HA3  H N N 90  
2NC HB21 H N N 91  
2NC HB31 H N N 92  
2NC HG27 H N N 93  
2NC HG31 H N N 94  
2NC HD21 H N N 95  
2NC HD31 H N N 96  
2NC HE11 H N N 97  
2NC HE21 H N N 98  
2NC HE31 H N N 99  
2NC H7   H N N 100 
2NC HA4  H N N 101 
2NC HB22 H N N 102 
2NC HB32 H N N 103 
2NC HG28 H N N 104 
2NC HG32 H N N 105 
2NC HE22 H N N 106 
2NC HE23 H N N 107 
2NC H8   H N N 108 
2NC HA5  H N N 109 
2NC HB23 H N N 110 
2NC HB33 H N N 111 
2NC HG29 H N N 112 
2NC HG33 H N N 113 
2NC HD22 H N N 114 
2NC HD32 H N N 115 
2NC HE   H N N 116 
2NC HH11 H N N 117 
2NC HH12 H N N 118 
2NC HH21 H N N 119 
2NC HH22 H N N 120 
2NC HN1  H N N 121 
2NC HN2  H N N 122 
ABA N    N N N 123 
ABA CA   C N S 124 
ABA C    C N N 125 
ABA O    O N N 126 
ABA CB   C N N 127 
ABA CG   C N N 128 
ABA OXT  O N N 129 
ABA H    H N N 130 
ABA H2   H N N 131 
ABA HA   H N N 132 
ABA HB3  H N N 133 
ABA HB2  H N N 134 
ABA HG1  H N N 135 
ABA HG3  H N N 136 
ABA HG2  H N N 137 
ABA HXT  H N N 138 
ALA N    N N N 139 
ALA CA   C N S 140 
ALA C    C N N 141 
ALA O    O N N 142 
ALA CB   C N N 143 
ALA OXT  O N N 144 
ALA H    H N N 145 
ALA H2   H N N 146 
ALA HA   H N N 147 
ALA HB1  H N N 148 
ALA HB2  H N N 149 
ALA HB3  H N N 150 
ALA HXT  H N N 151 
ARG N    N N N 152 
ARG CA   C N S 153 
ARG C    C N N 154 
ARG O    O N N 155 
ARG CB   C N N 156 
ARG CG   C N N 157 
ARG CD   C N N 158 
ARG NE   N N N 159 
ARG CZ   C N N 160 
ARG NH1  N N N 161 
ARG NH2  N N N 162 
ARG OXT  O N N 163 
ARG H    H N N 164 
ARG H2   H N N 165 
ARG HA   H N N 166 
ARG HB2  H N N 167 
ARG HB3  H N N 168 
ARG HG2  H N N 169 
ARG HG3  H N N 170 
ARG HD2  H N N 171 
ARG HD3  H N N 172 
ARG HE   H N N 173 
ARG HH11 H N N 174 
ARG HH12 H N N 175 
ARG HH21 H N N 176 
ARG HH22 H N N 177 
ARG HXT  H N N 178 
ASN N    N N N 179 
ASN CA   C N S 180 
ASN C    C N N 181 
ASN O    O N N 182 
ASN CB   C N N 183 
ASN CG   C N N 184 
ASN OD1  O N N 185 
ASN ND2  N N N 186 
ASN OXT  O N N 187 
ASN H    H N N 188 
ASN H2   H N N 189 
ASN HA   H N N 190 
ASN HB2  H N N 191 
ASN HB3  H N N 192 
ASN HD21 H N N 193 
ASN HD22 H N N 194 
ASN HXT  H N N 195 
ASP N    N N N 196 
ASP CA   C N S 197 
ASP C    C N N 198 
ASP O    O N N 199 
ASP CB   C N N 200 
ASP CG   C N N 201 
ASP OD1  O N N 202 
ASP OD2  O N N 203 
ASP OXT  O N N 204 
ASP H    H N N 205 
ASP H2   H N N 206 
ASP HA   H N N 207 
ASP HB2  H N N 208 
ASP HB3  H N N 209 
ASP HD2  H N N 210 
ASP HXT  H N N 211 
GLN N    N N N 212 
GLN CA   C N S 213 
GLN C    C N N 214 
GLN O    O N N 215 
GLN CB   C N N 216 
GLN CG   C N N 217 
GLN CD   C N N 218 
GLN OE1  O N N 219 
GLN NE2  N N N 220 
GLN OXT  O N N 221 
GLN H    H N N 222 
GLN H2   H N N 223 
GLN HA   H N N 224 
GLN HB2  H N N 225 
GLN HB3  H N N 226 
GLN HG2  H N N 227 
GLN HG3  H N N 228 
GLN HE21 H N N 229 
GLN HE22 H N N 230 
GLN HXT  H N N 231 
GLU N    N N N 232 
GLU CA   C N S 233 
GLU C    C N N 234 
GLU O    O N N 235 
GLU CB   C N N 236 
GLU CG   C N N 237 
GLU CD   C N N 238 
GLU OE1  O N N 239 
GLU OE2  O N N 240 
GLU OXT  O N N 241 
GLU H    H N N 242 
GLU H2   H N N 243 
GLU HA   H N N 244 
GLU HB2  H N N 245 
GLU HB3  H N N 246 
GLU HG2  H N N 247 
GLU HG3  H N N 248 
GLU HE2  H N N 249 
GLU HXT  H N N 250 
GLY N    N N N 251 
GLY CA   C N N 252 
GLY C    C N N 253 
GLY O    O N N 254 
GLY OXT  O N N 255 
GLY H    H N N 256 
GLY H2   H N N 257 
GLY HA2  H N N 258 
GLY HA3  H N N 259 
GLY HXT  H N N 260 
HIS N    N N N 261 
HIS CA   C N S 262 
HIS C    C N N 263 
HIS O    O N N 264 
HIS CB   C N N 265 
HIS CG   C Y N 266 
HIS ND1  N Y N 267 
HIS CD2  C Y N 268 
HIS CE1  C Y N 269 
HIS NE2  N Y N 270 
HIS OXT  O N N 271 
HIS H    H N N 272 
HIS H2   H N N 273 
HIS HA   H N N 274 
HIS HB2  H N N 275 
HIS HB3  H N N 276 
HIS HD1  H N N 277 
HIS HD2  H N N 278 
HIS HE1  H N N 279 
HIS HE2  H N N 280 
HIS HXT  H N N 281 
HOH O    O N N 282 
HOH H1   H N N 283 
HOH H2   H N N 284 
ILE N    N N N 285 
ILE CA   C N S 286 
ILE C    C N N 287 
ILE O    O N N 288 
ILE CB   C N S 289 
ILE CG1  C N N 290 
ILE CG2  C N N 291 
ILE CD1  C N N 292 
ILE OXT  O N N 293 
ILE H    H N N 294 
ILE H2   H N N 295 
ILE HA   H N N 296 
ILE HB   H N N 297 
ILE HG12 H N N 298 
ILE HG13 H N N 299 
ILE HG21 H N N 300 
ILE HG22 H N N 301 
ILE HG23 H N N 302 
ILE HD11 H N N 303 
ILE HD12 H N N 304 
ILE HD13 H N N 305 
ILE HXT  H N N 306 
LEU N    N N N 307 
LEU CA   C N S 308 
LEU C    C N N 309 
LEU O    O N N 310 
LEU CB   C N N 311 
LEU CG   C N N 312 
LEU CD1  C N N 313 
LEU CD2  C N N 314 
LEU OXT  O N N 315 
LEU H    H N N 316 
LEU H2   H N N 317 
LEU HA   H N N 318 
LEU HB2  H N N 319 
LEU HB3  H N N 320 
LEU HG   H N N 321 
LEU HD11 H N N 322 
LEU HD12 H N N 323 
LEU HD13 H N N 324 
LEU HD21 H N N 325 
LEU HD22 H N N 326 
LEU HD23 H N N 327 
LEU HXT  H N N 328 
LYS N    N N N 329 
LYS CA   C N S 330 
LYS C    C N N 331 
LYS O    O N N 332 
LYS CB   C N N 333 
LYS CG   C N N 334 
LYS CD   C N N 335 
LYS CE   C N N 336 
LYS NZ   N N N 337 
LYS OXT  O N N 338 
LYS H    H N N 339 
LYS H2   H N N 340 
LYS HA   H N N 341 
LYS HB2  H N N 342 
LYS HB3  H N N 343 
LYS HG2  H N N 344 
LYS HG3  H N N 345 
LYS HD2  H N N 346 
LYS HD3  H N N 347 
LYS HE2  H N N 348 
LYS HE3  H N N 349 
LYS HZ1  H N N 350 
LYS HZ2  H N N 351 
LYS HZ3  H N N 352 
LYS HXT  H N N 353 
NLE N    N N N 354 
NLE CA   C N S 355 
NLE C    C N N 356 
NLE O    O N N 357 
NLE OXT  O N N 358 
NLE CB   C N N 359 
NLE CG   C N N 360 
NLE CD   C N N 361 
NLE CE   C N N 362 
NLE H    H N N 363 
NLE H2   H N N 364 
NLE HA   H N N 365 
NLE HXT  H N N 366 
NLE HB2  H N N 367 
NLE HB3  H N N 368 
NLE HG2  H N N 369 
NLE HG3  H N N 370 
NLE HD2  H N N 371 
NLE HD3  H N N 372 
NLE HE1  H N N 373 
NLE HE2  H N N 374 
NLE HE3  H N N 375 
PHE N    N N N 376 
PHE CA   C N S 377 
PHE C    C N N 378 
PHE O    O N N 379 
PHE CB   C N N 380 
PHE CG   C Y N 381 
PHE CD1  C Y N 382 
PHE CD2  C Y N 383 
PHE CE1  C Y N 384 
PHE CE2  C Y N 385 
PHE CZ   C Y N 386 
PHE OXT  O N N 387 
PHE H    H N N 388 
PHE H2   H N N 389 
PHE HA   H N N 390 
PHE HB2  H N N 391 
PHE HB3  H N N 392 
PHE HD1  H N N 393 
PHE HD2  H N N 394 
PHE HE1  H N N 395 
PHE HE2  H N N 396 
PHE HZ   H N N 397 
PHE HXT  H N N 398 
PRO N    N N N 399 
PRO CA   C N S 400 
PRO C    C N N 401 
PRO O    O N N 402 
PRO CB   C N N 403 
PRO CG   C N N 404 
PRO CD   C N N 405 
PRO OXT  O N N 406 
PRO H    H N N 407 
PRO HA   H N N 408 
PRO HB2  H N N 409 
PRO HB3  H N N 410 
PRO HG2  H N N 411 
PRO HG3  H N N 412 
PRO HD2  H N N 413 
PRO HD3  H N N 414 
PRO HXT  H N N 415 
THR N    N N N 416 
THR CA   C N S 417 
THR C    C N N 418 
THR O    O N N 419 
THR CB   C N R 420 
THR OG1  O N N 421 
THR CG2  C N N 422 
THR OXT  O N N 423 
THR H    H N N 424 
THR H2   H N N 425 
THR HA   H N N 426 
THR HB   H N N 427 
THR HG1  H N N 428 
THR HG21 H N N 429 
THR HG22 H N N 430 
THR HG23 H N N 431 
THR HXT  H N N 432 
TRP N    N N N 433 
TRP CA   C N S 434 
TRP C    C N N 435 
TRP O    O N N 436 
TRP CB   C N N 437 
TRP CG   C Y N 438 
TRP CD1  C Y N 439 
TRP CD2  C Y N 440 
TRP NE1  N Y N 441 
TRP CE2  C Y N 442 
TRP CE3  C Y N 443 
TRP CZ2  C Y N 444 
TRP CZ3  C Y N 445 
TRP CH2  C Y N 446 
TRP OXT  O N N 447 
TRP H    H N N 448 
TRP H2   H N N 449 
TRP HA   H N N 450 
TRP HB2  H N N 451 
TRP HB3  H N N 452 
TRP HD1  H N N 453 
TRP HE1  H N N 454 
TRP HE3  H N N 455 
TRP HZ2  H N N 456 
TRP HZ3  H N N 457 
TRP HH2  H N N 458 
TRP HXT  H N N 459 
TYR N    N N N 460 
TYR CA   C N S 461 
TYR C    C N N 462 
TYR O    O N N 463 
TYR CB   C N N 464 
TYR CG   C Y N 465 
TYR CD1  C Y N 466 
TYR CD2  C Y N 467 
TYR CE1  C Y N 468 
TYR CE2  C Y N 469 
TYR CZ   C Y N 470 
TYR OH   O N N 471 
TYR OXT  O N N 472 
TYR H    H N N 473 
TYR H2   H N N 474 
TYR HA   H N N 475 
TYR HB2  H N N 476 
TYR HB3  H N N 477 
TYR HD1  H N N 478 
TYR HD2  H N N 479 
TYR HE1  H N N 480 
TYR HE2  H N N 481 
TYR HH   H N N 482 
TYR HXT  H N N 483 
VAL N    N N N 484 
VAL CA   C N S 485 
VAL C    C N N 486 
VAL O    O N N 487 
VAL CB   C N N 488 
VAL CG1  C N N 489 
VAL CG2  C N N 490 
VAL OXT  O N N 491 
VAL H    H N N 492 
VAL H2   H N N 493 
VAL HA   H N N 494 
VAL HB   H N N 495 
VAL HG11 H N N 496 
VAL HG12 H N N 497 
VAL HG13 H N N 498 
VAL HG21 H N N 499 
VAL HG22 H N N 500 
VAL HG23 H N N 501 
VAL HXT  H N N 502 
YCM N    N N N 503 
YCM CA   C N R 504 
YCM CB   C N N 505 
YCM SG   S N N 506 
YCM CD   C N N 507 
YCM CE   C N N 508 
YCM OZ1  O N N 509 
YCM NZ2  N N N 510 
YCM C    C N N 511 
YCM O    O N N 512 
YCM OXT  O N N 513 
YCM H    H N N 514 
YCM H2   H N N 515 
YCM HA   H N N 516 
YCM HB2  H N N 517 
YCM HB3  H N N 518 
YCM HD2  H N N 519 
YCM HD3  H N N 520 
YCM HZ21 H N N 521 
YCM HZ22 H N N 522 
YCM HXT  H N N 523 
# 
loop_
_chem_comp_bond.comp_id 
_chem_comp_bond.atom_id_1 
_chem_comp_bond.atom_id_2 
_chem_comp_bond.value_order 
_chem_comp_bond.pdbx_aromatic_flag 
_chem_comp_bond.pdbx_stereo_config 
_chem_comp_bond.pdbx_ordinal 
2NC C    O    doub N N 1   
2NC C    CH3  sing N N 2   
2NC CH3  H1   sing N N 3   
2NC CH3  H2   sing N N 4   
2NC CH3  H3   sing N N 5   
2NC N    CA   sing N N 6   
2NC N    H    sing N N 7   
2NC CA   C1   sing N N 8   
2NC CA   CB   sing N N 9   
2NC CA   HA   sing N N 10  
2NC C1   O1   doub N N 11  
2NC CB   OG1  sing N N 12  
2NC CB   CG2  sing N N 13  
2NC CB   HB   sing N N 14  
2NC OG1  HG1  sing N N 15  
2NC CG2  HG21 sing N N 16  
2NC CG2  HG22 sing N N 17  
2NC CG2  HG23 sing N N 18  
2NC N1   CA1  sing N N 19  
2NC N1   H4   sing N N 20  
2NC CA1  C2   sing N N 21  
2NC CA1  CB1  sing N N 22  
2NC CA1  HA1  sing N N 23  
2NC C2   O2   doub N N 24  
2NC CB1  CG1  sing N N 25  
2NC CB1  CG21 sing N N 26  
2NC CB1  HB1  sing N N 27  
2NC CG1  CD1  sing N N 28  
2NC CG1  HG12 sing N N 29  
2NC CG1  HG13 sing N N 30  
2NC CG21 HG24 sing N N 31  
2NC CG21 HG25 sing N N 32  
2NC CG21 HG26 sing N N 33  
2NC CD1  HD11 sing N N 34  
2NC CD1  HD12 sing N N 35  
2NC CD1  HD13 sing N N 36  
2NC N2   CA2  sing N N 37  
2NC N2   H5   sing N N 38  
2NC CA2  C3   sing N N 39  
2NC CA2  CB2  sing N N 40  
2NC CA2  HA2  sing N N 41  
2NC CB2  CG   sing N N 42  
2NC CB2  HB2  sing N N 43  
2NC CB2  HB3  sing N N 44  
2NC CG   CD   sing N N 45  
2NC CG   HG2  sing N N 46  
2NC CG   HG3  sing N N 47  
2NC CD   CE   sing N N 48  
2NC CD   HD2  sing N N 49  
2NC CD   HD3  sing N N 50  
2NC CE   HE1  sing N N 51  
2NC CE   HE2  sing N N 52  
2NC CE   HE3  sing N N 53  
2NC N3   CA3  sing N N 54  
2NC N3   H6   sing N N 55  
2NC CA3  C4   sing N N 56  
2NC CA3  CB3  sing N N 57  
2NC CA3  HA3  sing N N 58  
2NC C4   O3   doub N N 59  
2NC CB3  CG3  sing N N 60  
2NC CB3  HB21 sing N N 61  
2NC CB3  HB31 sing N N 62  
2NC CG3  CD2  sing N N 63  
2NC CG3  HG27 sing N N 64  
2NC CG3  HG31 sing N N 65  
2NC CD2  CE1  sing N N 66  
2NC CD2  HD21 sing N N 67  
2NC CD2  HD31 sing N N 68  
2NC CE1  HE11 sing N N 69  
2NC CE1  HE21 sing N N 70  
2NC CE1  HE31 sing N N 71  
2NC N4   CA4  sing N N 72  
2NC N4   H7   sing N N 73  
2NC CA4  C5   sing N N 74  
2NC CA4  CB4  sing N N 75  
2NC CA4  HA4  sing N N 76  
2NC C5   O4   doub N N 77  
2NC CB4  CG4  sing N N 78  
2NC CB4  HB22 sing N N 79  
2NC CB4  HB32 sing N N 80  
2NC CG4  CD3  sing N N 81  
2NC CG4  HG28 sing N N 82  
2NC CG4  HG32 sing N N 83  
2NC CD3  OE1  doub N N 84  
2NC CD3  NE2  sing N N 85  
2NC NE2  HE22 sing N N 86  
2NC NE2  HE23 sing N N 87  
2NC N5   CA5  sing N N 88  
2NC N5   H8   sing N N 89  
2NC CA5  C6   sing N N 90  
2NC CA5  CB5  sing N N 91  
2NC CA5  HA5  sing N N 92  
2NC C6   O5   doub N N 93  
2NC CB5  CG5  sing N N 94  
2NC CB5  HB23 sing N N 95  
2NC CB5  HB33 sing N N 96  
2NC CG5  CD4  sing N N 97  
2NC CG5  HG29 sing N N 98  
2NC CG5  HG33 sing N N 99  
2NC CD4  NE   sing N N 100 
2NC CD4  HD22 sing N N 101 
2NC CD4  HD32 sing N N 102 
2NC NE   CZ   sing N N 103 
2NC NE   HE   sing N N 104 
2NC CZ   NH1  sing N N 105 
2NC CZ   NH2  doub N N 106 
2NC NH1  HH11 sing N N 107 
2NC NH1  HH12 sing N N 108 
2NC NH2  HH21 sing N N 109 
2NC NH2  HH22 sing N N 110 
2NC N6   HN1  sing N N 111 
2NC N6   HN2  sing N N 112 
2NC C    N    sing N N 113 
2NC C1   N1   sing N N 114 
2NC C2   N2   sing N N 115 
2NC C3   N3   sing N N 116 
2NC C4   N4   sing N N 117 
2NC C5   N5   sing N N 118 
2NC C3   HC31 sing N N 119 
2NC C3   HC32 sing N N 120 
2NC C6   N6   sing N N 121 
ABA N    CA   sing N N 122 
ABA N    H    sing N N 123 
ABA N    H2   sing N N 124 
ABA CA   C    sing N N 125 
ABA CA   CB   sing N N 126 
ABA CA   HA   sing N N 127 
ABA C    O    doub N N 128 
ABA C    OXT  sing N N 129 
ABA CB   CG   sing N N 130 
ABA CB   HB3  sing N N 131 
ABA CB   HB2  sing N N 132 
ABA CG   HG1  sing N N 133 
ABA CG   HG3  sing N N 134 
ABA CG   HG2  sing N N 135 
ABA OXT  HXT  sing N N 136 
ALA N    CA   sing N N 137 
ALA N    H    sing N N 138 
ALA N    H2   sing N N 139 
ALA CA   C    sing N N 140 
ALA CA   CB   sing N N 141 
ALA CA   HA   sing N N 142 
ALA C    O    doub N N 143 
ALA C    OXT  sing N N 144 
ALA CB   HB1  sing N N 145 
ALA CB   HB2  sing N N 146 
ALA CB   HB3  sing N N 147 
ALA OXT  HXT  sing N N 148 
ARG N    CA   sing N N 149 
ARG N    H    sing N N 150 
ARG N    H2   sing N N 151 
ARG CA   C    sing N N 152 
ARG CA   CB   sing N N 153 
ARG CA   HA   sing N N 154 
ARG C    O    doub N N 155 
ARG C    OXT  sing N N 156 
ARG CB   CG   sing N N 157 
ARG CB   HB2  sing N N 158 
ARG CB   HB3  sing N N 159 
ARG CG   CD   sing N N 160 
ARG CG   HG2  sing N N 161 
ARG CG   HG3  sing N N 162 
ARG CD   NE   sing N N 163 
ARG CD   HD2  sing N N 164 
ARG CD   HD3  sing N N 165 
ARG NE   CZ   sing N N 166 
ARG NE   HE   sing N N 167 
ARG CZ   NH1  sing N N 168 
ARG CZ   NH2  doub N N 169 
ARG NH1  HH11 sing N N 170 
ARG NH1  HH12 sing N N 171 
ARG NH2  HH21 sing N N 172 
ARG NH2  HH22 sing N N 173 
ARG OXT  HXT  sing N N 174 
ASN N    CA   sing N N 175 
ASN N    H    sing N N 176 
ASN N    H2   sing N N 177 
ASN CA   C    sing N N 178 
ASN CA   CB   sing N N 179 
ASN CA   HA   sing N N 180 
ASN C    O    doub N N 181 
ASN C    OXT  sing N N 182 
ASN CB   CG   sing N N 183 
ASN CB   HB2  sing N N 184 
ASN CB   HB3  sing N N 185 
ASN CG   OD1  doub N N 186 
ASN CG   ND2  sing N N 187 
ASN ND2  HD21 sing N N 188 
ASN ND2  HD22 sing N N 189 
ASN OXT  HXT  sing N N 190 
ASP N    CA   sing N N 191 
ASP N    H    sing N N 192 
ASP N    H2   sing N N 193 
ASP CA   C    sing N N 194 
ASP CA   CB   sing N N 195 
ASP CA   HA   sing N N 196 
ASP C    O    doub N N 197 
ASP C    OXT  sing N N 198 
ASP CB   CG   sing N N 199 
ASP CB   HB2  sing N N 200 
ASP CB   HB3  sing N N 201 
ASP CG   OD1  doub N N 202 
ASP CG   OD2  sing N N 203 
ASP OD2  HD2  sing N N 204 
ASP OXT  HXT  sing N N 205 
GLN N    CA   sing N N 206 
GLN N    H    sing N N 207 
GLN N    H2   sing N N 208 
GLN CA   C    sing N N 209 
GLN CA   CB   sing N N 210 
GLN CA   HA   sing N N 211 
GLN C    O    doub N N 212 
GLN C    OXT  sing N N 213 
GLN CB   CG   sing N N 214 
GLN CB   HB2  sing N N 215 
GLN CB   HB3  sing N N 216 
GLN CG   CD   sing N N 217 
GLN CG   HG2  sing N N 218 
GLN CG   HG3  sing N N 219 
GLN CD   OE1  doub N N 220 
GLN CD   NE2  sing N N 221 
GLN NE2  HE21 sing N N 222 
GLN NE2  HE22 sing N N 223 
GLN OXT  HXT  sing N N 224 
GLU N    CA   sing N N 225 
GLU N    H    sing N N 226 
GLU N    H2   sing N N 227 
GLU CA   C    sing N N 228 
GLU CA   CB   sing N N 229 
GLU CA   HA   sing N N 230 
GLU C    O    doub N N 231 
GLU C    OXT  sing N N 232 
GLU CB   CG   sing N N 233 
GLU CB   HB2  sing N N 234 
GLU CB   HB3  sing N N 235 
GLU CG   CD   sing N N 236 
GLU CG   HG2  sing N N 237 
GLU CG   HG3  sing N N 238 
GLU CD   OE1  doub N N 239 
GLU CD   OE2  sing N N 240 
GLU OE2  HE2  sing N N 241 
GLU OXT  HXT  sing N N 242 
GLY N    CA   sing N N 243 
GLY N    H    sing N N 244 
GLY N    H2   sing N N 245 
GLY CA   C    sing N N 246 
GLY CA   HA2  sing N N 247 
GLY CA   HA3  sing N N 248 
GLY C    O    doub N N 249 
GLY C    OXT  sing N N 250 
GLY OXT  HXT  sing N N 251 
HIS N    CA   sing N N 252 
HIS N    H    sing N N 253 
HIS N    H2   sing N N 254 
HIS CA   C    sing N N 255 
HIS CA   CB   sing N N 256 
HIS CA   HA   sing N N 257 
HIS C    O    doub N N 258 
HIS C    OXT  sing N N 259 
HIS CB   CG   sing N N 260 
HIS CB   HB2  sing N N 261 
HIS CB   HB3  sing N N 262 
HIS CG   ND1  sing Y N 263 
HIS CG   CD2  doub Y N 264 
HIS ND1  CE1  doub Y N 265 
HIS ND1  HD1  sing N N 266 
HIS CD2  NE2  sing Y N 267 
HIS CD2  HD2  sing N N 268 
HIS CE1  NE2  sing Y N 269 
HIS CE1  HE1  sing N N 270 
HIS NE2  HE2  sing N N 271 
HIS OXT  HXT  sing N N 272 
HOH O    H1   sing N N 273 
HOH O    H2   sing N N 274 
ILE N    CA   sing N N 275 
ILE N    H    sing N N 276 
ILE N    H2   sing N N 277 
ILE CA   C    sing N N 278 
ILE CA   CB   sing N N 279 
ILE CA   HA   sing N N 280 
ILE C    O    doub N N 281 
ILE C    OXT  sing N N 282 
ILE CB   CG1  sing N N 283 
ILE CB   CG2  sing N N 284 
ILE CB   HB   sing N N 285 
ILE CG1  CD1  sing N N 286 
ILE CG1  HG12 sing N N 287 
ILE CG1  HG13 sing N N 288 
ILE CG2  HG21 sing N N 289 
ILE CG2  HG22 sing N N 290 
ILE CG2  HG23 sing N N 291 
ILE CD1  HD11 sing N N 292 
ILE CD1  HD12 sing N N 293 
ILE CD1  HD13 sing N N 294 
ILE OXT  HXT  sing N N 295 
LEU N    CA   sing N N 296 
LEU N    H    sing N N 297 
LEU N    H2   sing N N 298 
LEU CA   C    sing N N 299 
LEU CA   CB   sing N N 300 
LEU CA   HA   sing N N 301 
LEU C    O    doub N N 302 
LEU C    OXT  sing N N 303 
LEU CB   CG   sing N N 304 
LEU CB   HB2  sing N N 305 
LEU CB   HB3  sing N N 306 
LEU CG   CD1  sing N N 307 
LEU CG   CD2  sing N N 308 
LEU CG   HG   sing N N 309 
LEU CD1  HD11 sing N N 310 
LEU CD1  HD12 sing N N 311 
LEU CD1  HD13 sing N N 312 
LEU CD2  HD21 sing N N 313 
LEU CD2  HD22 sing N N 314 
LEU CD2  HD23 sing N N 315 
LEU OXT  HXT  sing N N 316 
LYS N    CA   sing N N 317 
LYS N    H    sing N N 318 
LYS N    H2   sing N N 319 
LYS CA   C    sing N N 320 
LYS CA   CB   sing N N 321 
LYS CA   HA   sing N N 322 
LYS C    O    doub N N 323 
LYS C    OXT  sing N N 324 
LYS CB   CG   sing N N 325 
LYS CB   HB2  sing N N 326 
LYS CB   HB3  sing N N 327 
LYS CG   CD   sing N N 328 
LYS CG   HG2  sing N N 329 
LYS CG   HG3  sing N N 330 
LYS CD   CE   sing N N 331 
LYS CD   HD2  sing N N 332 
LYS CD   HD3  sing N N 333 
LYS CE   NZ   sing N N 334 
LYS CE   HE2  sing N N 335 
LYS CE   HE3  sing N N 336 
LYS NZ   HZ1  sing N N 337 
LYS NZ   HZ2  sing N N 338 
LYS NZ   HZ3  sing N N 339 
LYS OXT  HXT  sing N N 340 
NLE N    CA   sing N N 341 
NLE N    H    sing N N 342 
NLE N    H2   sing N N 343 
NLE CA   C    sing N N 344 
NLE CA   CB   sing N N 345 
NLE CA   HA   sing N N 346 
NLE C    O    doub N N 347 
NLE C    OXT  sing N N 348 
NLE OXT  HXT  sing N N 349 
NLE CB   CG   sing N N 350 
NLE CB   HB2  sing N N 351 
NLE CB   HB3  sing N N 352 
NLE CG   CD   sing N N 353 
NLE CG   HG2  sing N N 354 
NLE CG   HG3  sing N N 355 
NLE CD   CE   sing N N 356 
NLE CD   HD2  sing N N 357 
NLE CD   HD3  sing N N 358 
NLE CE   HE1  sing N N 359 
NLE CE   HE2  sing N N 360 
NLE CE   HE3  sing N N 361 
PHE N    CA   sing N N 362 
PHE N    H    sing N N 363 
PHE N    H2   sing N N 364 
PHE CA   C    sing N N 365 
PHE CA   CB   sing N N 366 
PHE CA   HA   sing N N 367 
PHE C    O    doub N N 368 
PHE C    OXT  sing N N 369 
PHE CB   CG   sing N N 370 
PHE CB   HB2  sing N N 371 
PHE CB   HB3  sing N N 372 
PHE CG   CD1  doub Y N 373 
PHE CG   CD2  sing Y N 374 
PHE CD1  CE1  sing Y N 375 
PHE CD1  HD1  sing N N 376 
PHE CD2  CE2  doub Y N 377 
PHE CD2  HD2  sing N N 378 
PHE CE1  CZ   doub Y N 379 
PHE CE1  HE1  sing N N 380 
PHE CE2  CZ   sing Y N 381 
PHE CE2  HE2  sing N N 382 
PHE CZ   HZ   sing N N 383 
PHE OXT  HXT  sing N N 384 
PRO N    CA   sing N N 385 
PRO N    CD   sing N N 386 
PRO N    H    sing N N 387 
PRO CA   C    sing N N 388 
PRO CA   CB   sing N N 389 
PRO CA   HA   sing N N 390 
PRO C    O    doub N N 391 
PRO C    OXT  sing N N 392 
PRO CB   CG   sing N N 393 
PRO CB   HB2  sing N N 394 
PRO CB   HB3  sing N N 395 
PRO CG   CD   sing N N 396 
PRO CG   HG2  sing N N 397 
PRO CG   HG3  sing N N 398 
PRO CD   HD2  sing N N 399 
PRO CD   HD3  sing N N 400 
PRO OXT  HXT  sing N N 401 
THR N    CA   sing N N 402 
THR N    H    sing N N 403 
THR N    H2   sing N N 404 
THR CA   C    sing N N 405 
THR CA   CB   sing N N 406 
THR CA   HA   sing N N 407 
THR C    O    doub N N 408 
THR C    OXT  sing N N 409 
THR CB   OG1  sing N N 410 
THR CB   CG2  sing N N 411 
THR CB   HB   sing N N 412 
THR OG1  HG1  sing N N 413 
THR CG2  HG21 sing N N 414 
THR CG2  HG22 sing N N 415 
THR CG2  HG23 sing N N 416 
THR OXT  HXT  sing N N 417 
TRP N    CA   sing N N 418 
TRP N    H    sing N N 419 
TRP N    H2   sing N N 420 
TRP CA   C    sing N N 421 
TRP CA   CB   sing N N 422 
TRP CA   HA   sing N N 423 
TRP C    O    doub N N 424 
TRP C    OXT  sing N N 425 
TRP CB   CG   sing N N 426 
TRP CB   HB2  sing N N 427 
TRP CB   HB3  sing N N 428 
TRP CG   CD1  doub Y N 429 
TRP CG   CD2  sing Y N 430 
TRP CD1  NE1  sing Y N 431 
TRP CD1  HD1  sing N N 432 
TRP CD2  CE2  doub Y N 433 
TRP CD2  CE3  sing Y N 434 
TRP NE1  CE2  sing Y N 435 
TRP NE1  HE1  sing N N 436 
TRP CE2  CZ2  sing Y N 437 
TRP CE3  CZ3  doub Y N 438 
TRP CE3  HE3  sing N N 439 
TRP CZ2  CH2  doub Y N 440 
TRP CZ2  HZ2  sing N N 441 
TRP CZ3  CH2  sing Y N 442 
TRP CZ3  HZ3  sing N N 443 
TRP CH2  HH2  sing N N 444 
TRP OXT  HXT  sing N N 445 
TYR N    CA   sing N N 446 
TYR N    H    sing N N 447 
TYR N    H2   sing N N 448 
TYR CA   C    sing N N 449 
TYR CA   CB   sing N N 450 
TYR CA   HA   sing N N 451 
TYR C    O    doub N N 452 
TYR C    OXT  sing N N 453 
TYR CB   CG   sing N N 454 
TYR CB   HB2  sing N N 455 
TYR CB   HB3  sing N N 456 
TYR CG   CD1  doub Y N 457 
TYR CG   CD2  sing Y N 458 
TYR CD1  CE1  sing Y N 459 
TYR CD1  HD1  sing N N 460 
TYR CD2  CE2  doub Y N 461 
TYR CD2  HD2  sing N N 462 
TYR CE1  CZ   doub Y N 463 
TYR CE1  HE1  sing N N 464 
TYR CE2  CZ   sing Y N 465 
TYR CE2  HE2  sing N N 466 
TYR CZ   OH   sing N N 467 
TYR OH   HH   sing N N 468 
TYR OXT  HXT  sing N N 469 
VAL N    CA   sing N N 470 
VAL N    H    sing N N 471 
VAL N    H2   sing N N 472 
VAL CA   C    sing N N 473 
VAL CA   CB   sing N N 474 
VAL CA   HA   sing N N 475 
VAL C    O    doub N N 476 
VAL C    OXT  sing N N 477 
VAL CB   CG1  sing N N 478 
VAL CB   CG2  sing N N 479 
VAL CB   HB   sing N N 480 
VAL CG1  HG11 sing N N 481 
VAL CG1  HG12 sing N N 482 
VAL CG1  HG13 sing N N 483 
VAL CG2  HG21 sing N N 484 
VAL CG2  HG22 sing N N 485 
VAL CG2  HG23 sing N N 486 
VAL OXT  HXT  sing N N 487 
YCM N    CA   sing N N 488 
YCM N    H    sing N N 489 
YCM N    H2   sing N N 490 
YCM CA   CB   sing N N 491 
YCM CA   C    sing N N 492 
YCM CA   HA   sing N N 493 
YCM CB   SG   sing N N 494 
YCM CB   HB2  sing N N 495 
YCM CB   HB3  sing N N 496 
YCM SG   CD   sing N N 497 
YCM CD   CE   sing N N 498 
YCM CD   HD2  sing N N 499 
YCM CD   HD3  sing N N 500 
YCM CE   OZ1  doub N N 501 
YCM CE   NZ2  sing N N 502 
YCM NZ2  HZ21 sing N N 503 
YCM NZ2  HZ22 sing N N 504 
YCM C    O    doub N N 505 
YCM C    OXT  sing N N 506 
YCM OXT  HXT  sing N N 507 
# 
_atom_sites.entry_id                    2O40 
_atom_sites.fract_transf_matrix[1][1]   -0.00389629 
_atom_sites.fract_transf_matrix[1][2]   0.01139212 
_atom_sites.fract_transf_matrix[1][3]   0.01531750 
_atom_sites.fract_transf_matrix[2][1]   -0.00327050 
_atom_sites.fract_transf_matrix[2][2]   -0.01389731 
_atom_sites.fract_transf_matrix[2][3]   0.00950397 
_atom_sites.fract_transf_matrix[3][1]   0.01557693 
_atom_sites.fract_transf_matrix[3][2]   -0.00063374 
_atom_sites.fract_transf_matrix[3][3]   0.00443361 
_atom_sites.fract_transf_vector[1]      0.102545 
_atom_sites.fract_transf_vector[2]      0.023782 
_atom_sites.fract_transf_vector[3]      0.303174 
# 
loop_
_atom_type.symbol 
C 
N 
O 
S 
# 
loop_
_atom_site.group_PDB 
_atom_site.id 
_atom_site.type_symbol 
_atom_site.label_atom_id 
_atom_site.label_alt_id 
_atom_site.label_comp_id 
_atom_site.label_asym_id 
_atom_site.label_entity_id 
_atom_site.label_seq_id 
_atom_site.pdbx_PDB_ins_code 
_atom_site.Cartn_x 
_atom_site.Cartn_y 
_atom_site.Cartn_z 
_atom_site.occupancy 
_atom_site.B_iso_or_equiv 
_atom_site.pdbx_formal_charge 
_atom_site.auth_seq_id 
_atom_site.auth_comp_id 
_atom_site.auth_asym_id 
_atom_site.auth_atom_id 
_atom_site.pdbx_PDB_model_num 
ATOM   1    N N    . PRO A 1 1   ? 15.308  -10.825 0.620   1.00 37.11 ? 1   PRO A N    1 
ATOM   2    C CA   . PRO A 1 1   ? 15.899  -9.542  0.994   1.00 36.07 ? 1   PRO A CA   1 
ATOM   3    C C    . PRO A 1 1   ? 15.121  -8.832  2.103   1.00 34.96 ? 1   PRO A C    1 
ATOM   4    O O    . PRO A 1 1   ? 13.989  -9.216  2.383   1.00 34.44 ? 1   PRO A O    1 
ATOM   5    C CB   . PRO A 1 1   ? 15.817  -8.735  -0.311  1.00 37.02 ? 1   PRO A CB   1 
ATOM   6    C CG   . PRO A 1 1   ? 14.648  -9.293  -1.040  1.00 37.95 ? 1   PRO A CG   1 
ATOM   7    C CD   . PRO A 1 1   ? 14.567  -10.752 -0.654  1.00 37.60 ? 1   PRO A CD   1 
ATOM   8    N N    . GLN A 1 2   ? 15.745  -7.838  2.737   1.00 32.55 ? 2   GLN A N    1 
ATOM   9    C CA   . GLN A 1 2   ? 15.073  -6.924  3.671   1.00 31.51 ? 2   GLN A CA   1 
ATOM   10   C C    . GLN A 1 2   ? 15.047  -5.563  2.986   1.00 29.67 ? 2   GLN A C    1 
ATOM   11   O O    . GLN A 1 2   ? 16.057  -5.076  2.503   1.00 30.01 ? 2   GLN A O    1 
ATOM   12   C CB   . GLN A 1 2   ? 15.801  -6.823  5.023   1.00 31.46 ? 2   GLN A CB   1 
ATOM   13   C CG   . GLN A 1 2   ? 15.128  -5.845  6.029   1.00 33.02 ? 2   GLN A CG   1 
ATOM   14   C CD   . GLN A 1 2   ? 15.735  -5.863  7.452   1.00 34.30 ? 2   GLN A CD   1 
ATOM   15   O OE1  . GLN A 1 2   ? 16.826  -5.339  7.688   0.50 33.90 ? 2   GLN A OE1  1 
ATOM   16   N NE2  . GLN A 1 2   ? 14.992  -6.411  8.401   1.00 36.12 ? 2   GLN A NE2  1 
ATOM   17   N N    . ILE A 1 3   ? 13.870  -4.975  2.903   1.00 26.50 ? 3   ILE A N    1 
ATOM   18   C CA   . ILE A 1 3   ? 13.689  -3.739  2.146   1.00 25.03 ? 3   ILE A CA   1 
ATOM   19   C C    . ILE A 1 3   ? 13.165  -2.697  3.110   1.00 23.69 ? 3   ILE A C    1 
ATOM   20   O O    . ILE A 1 3   ? 12.119  -2.885  3.741   1.00 23.34 ? 3   ILE A O    1 
ATOM   21   C CB   . ILE A 1 3   ? 12.678  -3.982  1.018   1.00 25.94 ? 3   ILE A CB   1 
ATOM   22   C CG1  . ILE A 1 3   ? 13.266  -4.994  0.004   1.00 25.89 ? 3   ILE A CG1  1 
ATOM   23   C CG2  . ILE A 1 3   ? 12.281  -2.666  0.344   1.00 26.67 ? 3   ILE A CG2  1 
ATOM   24   C CD1  . ILE A 1 3   ? 12.305  -5.381  -1.076  1.00 30.05 ? 3   ILE A CD1  1 
ATOM   25   N N    . THR A 1 4   ? 13.892  -1.591  3.231   1.00 22.06 ? 4   THR A N    1 
ATOM   26   C CA   . THR A 1 4   ? 13.437  -0.463  4.018   1.00 21.46 ? 4   THR A CA   1 
ATOM   27   C C    . THR A 1 4   ? 12.573  0.464   3.179   1.00 21.09 ? 4   THR A C    1 
ATOM   28   O O    . THR A 1 4   ? 12.419  0.277   1.972   1.00 23.04 ? 4   THR A O    1 
ATOM   29   C CB   . THR A 1 4   ? 14.586  0.328   4.567   1.00 21.97 ? 4   THR A CB   1 
ATOM   30   O OG1  . THR A 1 4   ? 15.396  0.775   3.473   1.00 24.26 ? 4   THR A OG1  1 
ATOM   31   C CG2  . THR A 1 4   ? 15.452  -0.538  5.544   1.00 23.05 ? 4   THR A CG2  1 
ATOM   32   N N    . LEU A 1 5   ? 11.970  1.449   3.826   1.00 19.74 ? 5   LEU A N    1 
ATOM   33   C CA   . LEU A 1 5   ? 10.883  2.187   3.181   1.00 20.01 ? 5   LEU A CA   1 
ATOM   34   C C    . LEU A 1 5   ? 11.198  3.669   3.020   1.00 21.73 ? 5   LEU A C    1 
ATOM   35   O O    . LEU A 1 5   ? 10.274  4.457   2.778   1.00 21.23 ? 5   LEU A O    1 
ATOM   36   C CB   . LEU A 1 5   ? 9.586   1.966   3.966   1.00 19.53 ? 5   LEU A CB   1 
ATOM   37   C CG   . LEU A 1 5   ? 9.080   0.522   3.905   1.00 20.99 ? 5   LEU A CG   1 
ATOM   38   C CD1  . LEU A 1 5   ? 7.961   0.378   4.884   1.00 23.42 ? 5   LEU A CD1  1 
ATOM   39   C CD2  . LEU A 1 5   ? 8.651   0.152   2.465   1.00 21.59 ? 5   LEU A CD2  1 
ATOM   40   N N    . TRP A 1 6   ? 12.505  4.019   3.014   1.00 22.69 ? 6   TRP A N    1 
ATOM   41   C CA   . TRP A 1 6   ? 12.915  5.394   2.775   1.00 24.13 ? 6   TRP A CA   1 
ATOM   42   C C    . TRP A 1 6   ? 12.607  5.792   1.353   1.00 24.38 ? 6   TRP A C    1 
ATOM   43   O O    . TRP A 1 6   ? 12.359  6.961   1.103   1.00 26.03 ? 6   TRP A O    1 
ATOM   44   C CB   . TRP A 1 6   ? 14.395  5.600   3.080   1.00 25.82 ? 6   TRP A CB   1 
ATOM   45   C CG   . TRP A 1 6   ? 14.688  5.224   4.465   1.00 26.76 ? 6   TRP A CG   1 
ATOM   46   C CD1  . TRP A 1 6   ? 15.269  4.065   4.900   1.00 28.76 ? 6   TRP A CD1  1 
ATOM   47   C CD2  . TRP A 1 6   ? 14.360  5.980   5.632   1.00 28.74 ? 6   TRP A CD2  1 
ATOM   48   N NE1  . TRP A 1 6   ? 15.319  4.057   6.280   1.00 29.73 ? 6   TRP A NE1  1 
ATOM   49   C CE2  . TRP A 1 6   ? 14.784  5.230   6.749   1.00 27.98 ? 6   TRP A CE2  1 
ATOM   50   C CE3  . TRP A 1 6   ? 13.776  7.226   5.841   1.00 27.19 ? 6   TRP A CE3  1 
ATOM   51   C CZ2  . TRP A 1 6   ? 14.614  5.673   8.045   1.00 27.31 ? 6   TRP A CZ2  1 
ATOM   52   C CZ3  . TRP A 1 6   ? 13.637  7.684   7.143   1.00 29.04 ? 6   TRP A CZ3  1 
ATOM   53   C CH2  . TRP A 1 6   ? 14.037  6.896   8.224   1.00 28.13 ? 6   TRP A CH2  1 
ATOM   54   N N    . LYS A 1 7   ? 12.670  4.839   0.424   1.00 23.74 ? 7   LYS A N    1 
ATOM   55   C CA   . LYS A 1 7   ? 12.185  5.065   -0.934  1.00 25.55 ? 7   LYS A CA   1 
ATOM   56   C C    . LYS A 1 7   ? 11.075  4.088   -1.236  1.00 24.21 ? 7   LYS A C    1 
ATOM   57   O O    . LYS A 1 7   ? 10.885  3.111   -0.500  1.00 24.07 ? 7   LYS A O    1 
ATOM   58   C CB   . LYS A 1 7   ? 13.293  4.876   -1.981  1.00 25.35 ? 7   LYS A CB   1 
ATOM   59   C CG   . LYS A 1 7   ? 14.629  5.491   -1.645  1.00 28.92 ? 7   LYS A CG   1 
ATOM   60   C CD   . LYS A 1 7   ? 15.769  4.859   -2.491  1.00 30.37 ? 7   LYS A CD   1 
ATOM   61   C CE   . LYS A 1 7   ? 16.978  5.772   -2.561  0.50 30.57 ? 7   LYS A CE   1 
ATOM   62   N NZ   . LYS A 1 7   ? 18.191  5.177   -3.229  0.50 31.36 ? 7   LYS A NZ   1 
ATOM   63   N N    . ARG A 1 8   ? 10.359  4.329   -2.333  1.00 23.48 ? 8   ARG A N    1 
ATOM   64   C CA   . ARG A 1 8   ? 9.329   3.401   -2.775  1.00 23.31 ? 8   ARG A CA   1 
ATOM   65   C C    . ARG A 1 8   ? 9.927   2.012   -2.994  1.00 22.51 ? 8   ARG A C    1 
ATOM   66   O O    . ARG A 1 8   ? 11.019  1.898   -3.585  1.00 21.82 ? 8   ARG A O    1 
ATOM   67   C CB   . ARG A 1 8   ? 8.647   3.872   -4.064  1.00 23.59 ? 8   ARG A CB   1 
ATOM   68   C CG   . ARG A 1 8   ? 7.782   5.076   -3.826  1.00 25.74 ? 8   ARG A CG   1 
ATOM   69   C CD   . ARG A 1 8   ? 7.173   5.593   -5.136  1.00 29.01 ? 8   ARG A CD   1 
ATOM   70   N NE   . ARG A 1 8   ? 6.577   6.912   -4.927  0.50 27.06 ? 8   ARG A NE   1 
ATOM   71   C CZ   . ARG A 1 8   ? 6.479   7.855   -5.866  0.50 30.43 ? 8   ARG A CZ   1 
ATOM   72   N NH1  . ARG A 1 8   ? 6.961   7.657   -7.092  0.50 29.81 ? 8   ARG A NH1  1 
ATOM   73   N NH2  . ARG A 1 8   ? 5.928   9.025   -5.563  0.50 28.97 ? 8   ARG A NH2  1 
ATOM   74   N N    . PRO A 1 9   ? 9.227   0.968   -2.499  1.00 21.94 ? 9   PRO A N    1 
ATOM   75   C CA   . PRO A 1 9   ? 9.715   -0.406  -2.643  1.00 21.87 ? 9   PRO A CA   1 
ATOM   76   C C    . PRO A 1 9   ? 9.438   -0.956  -4.040  1.00 22.36 ? 9   PRO A C    1 
ATOM   77   O O    . PRO A 1 9   ? 8.603   -1.824  -4.225  1.00 21.61 ? 9   PRO A O    1 
ATOM   78   C CB   . PRO A 1 9   ? 8.951   -1.162  -1.538  1.00 21.82 ? 9   PRO A CB   1 
ATOM   79   C CG   . PRO A 1 9   ? 7.688   -0.430  -1.396  1.00 22.09 ? 9   PRO A CG   1 
ATOM   80   C CD   . PRO A 1 9   ? 8.020   1.020   -1.652  1.00 22.84 ? 9   PRO A CD   1 
ATOM   81   N N    . LEU A 1 10  ? 10.158  -0.408  -5.014  1.00 22.96 ? 10  LEU A N    1 
ATOM   82   C CA   . LEU A 1 10  ? 10.036  -0.796  -6.415  1.00 23.02 ? 10  LEU A CA   1 
ATOM   83   C C    . LEU A 1 10  ? 10.949  -1.979  -6.713  1.00 22.93 ? 10  LEU A C    1 
ATOM   84   O O    . LEU A 1 10  ? 12.146  -1.973  -6.333  1.00 23.22 ? 10  LEU A O    1 
ATOM   85   C CB   . LEU A 1 10  ? 10.382  0.394   -7.335  1.00 24.88 ? 10  LEU A CB   1 
ATOM   86   C CG   . LEU A 1 10  ? 9.467   1.607   -7.215  1.00 27.66 ? 10  LEU A CG   1 
ATOM   87   C CD1  . LEU A 1 10  ? 10.071  2.804   -7.974  1.00 30.25 ? 10  LEU A CD1  1 
ATOM   88   C CD2  . LEU A 1 10  ? 8.039   1.286   -7.677  1.00 29.05 ? 10  LEU A CD2  1 
ATOM   89   N N    . VAL A 1 11  ? 10.409  -2.970  -7.427  1.00 20.44 ? 11  VAL A N    1 
ATOM   90   C CA   . VAL A 1 11  ? 11.167  -4.165  -7.855  1.00 22.06 ? 11  VAL A CA   1 
ATOM   91   C C    . VAL A 1 11  ? 10.871  -4.508  -9.306  1.00 20.96 ? 11  VAL A C    1 
ATOM   92   O O    . VAL A 1 11  ? 9.850   -4.091  -9.825  1.00 21.87 ? 11  VAL A O    1 
ATOM   93   C CB   . VAL A 1 11  ? 10.801  -5.350  -6.977  1.00 22.04 ? 11  VAL A CB   1 
ATOM   94   C CG1  . VAL A 1 11  ? 11.158  -5.055  -5.492  1.00 24.86 ? 11  VAL A CG1  1 
ATOM   95   C CG2  . VAL A 1 11  ? 9.339   -5.727  -7.152  1.00 21.98 ? 11  VAL A CG2  1 
ATOM   96   N N    . THR A 1 12  ? 11.766  -5.270  -9.941  1.00 20.96 ? 12  THR A N    1 
ATOM   97   C CA   . THR A 1 12  ? 11.530  -5.783  -11.282 1.00 22.32 ? 12  THR A CA   1 
ATOM   98   C C    . THR A 1 12  ? 10.760  -7.066  -11.141 1.00 22.75 ? 12  THR A C    1 
ATOM   99   O O    . THR A 1 12  ? 11.071  -7.890  -10.269 1.00 23.58 ? 12  THR A O    1 
ATOM   100  C CB   . THR A 1 12  ? 12.837  -6.017  -12.030 1.00 22.43 ? 12  THR A CB   1 
ATOM   101  O OG1  . THR A 1 12  ? 13.508  -4.764  -12.112 1.00 24.65 ? 12  THR A OG1  1 
ATOM   102  C CG2  . THR A 1 12  ? 12.595  -6.608  -13.470 1.00 24.15 ? 12  THR A CG2  1 
ATOM   103  N N    . ILE A 1 13  ? 9.771   -7.233  -12.014 1.00 22.32 ? 13  ILE A N    1 
ATOM   104  C CA   . ILE A 1 13  ? 9.001   -8.460  -12.142 1.00 22.54 ? 13  ILE A CA   1 
ATOM   105  C C    . ILE A 1 13  ? 9.047   -8.958  -13.584 1.00 22.82 ? 13  ILE A C    1 
ATOM   106  O O    . ILE A 1 13  ? 9.395   -8.186  -14.513 1.00 23.65 ? 13  ILE A O    1 
ATOM   107  C CB   . ILE A 1 13  ? 7.545   -8.254  -11.661 1.00 21.82 ? 13  ILE A CB   1 
ATOM   108  C CG1  . ILE A 1 13  ? 6.750   -7.461  -12.723 1.00 21.85 ? 13  ILE A CG1  1 
ATOM   109  C CG2  . ILE A 1 13  ? 7.554   -7.613  -10.261 1.00 24.59 ? 13  ILE A CG2  1 
ATOM   110  C CD1  . ILE A 1 13  ? 5.237   -7.264  -12.434 1.00 24.50 ? 13  ILE A CD1  1 
ATOM   111  N N    . ARG A 1 14  ? 8.851   -10.265 -13.773 1.00 22.90 ? 14  ARG A N    1 
ATOM   112  C CA   . ARG A 1 14  ? 8.723   -10.864 -15.115 1.00 24.24 ? 14  ARG A CA   1 
ATOM   113  C C    . ARG A 1 14  ? 7.330   -11.457 -15.219 1.00 24.47 ? 14  ARG A C    1 
ATOM   114  O O    . ARG A 1 14  ? 6.887   -12.157 -14.313 1.00 24.84 ? 14  ARG A O    1 
ATOM   115  C CB   . ARG A 1 14  ? 9.716   -11.990 -15.392 1.00 24.65 ? 14  ARG A CB   1 
ATOM   116  C CG   . ARG A 1 14  ? 11.186  -11.688 -15.220 0.50 26.53 ? 14  ARG A CG   1 
ATOM   117  C CD   . ARG A 1 14  ? 12.027  -12.598 -16.141 0.50 29.78 ? 14  ARG A CD   1 
ATOM   118  N NE   . ARG A 1 14  ? 11.804  -14.007 -15.830 0.50 30.24 ? 14  ARG A NE   1 
ATOM   119  C CZ   . ARG A 1 14  ? 10.964  -14.832 -16.464 0.50 31.14 ? 14  ARG A CZ   1 
ATOM   120  N NH1  . ARG A 1 14  ? 10.251  -14.443 -17.522 0.50 30.42 ? 14  ARG A NH1  1 
ATOM   121  N NH2  . ARG A 1 14  ? 10.858  -16.086 -16.044 0.50 31.29 ? 14  ARG A NH2  1 
ATOM   122  N N    . ILE A 1 15  ? 6.613   -11.120 -16.283 1.00 25.20 ? 15  ILE A N    1 
ATOM   123  C CA   . ILE A 1 15  ? 5.201   -11.515 -16.427 1.00 25.14 ? 15  ILE A CA   1 
ATOM   124  C C    . ILE A 1 15  ? 4.894   -11.583 -17.922 1.00 26.12 ? 15  ILE A C    1 
ATOM   125  O O    . ILE A 1 15  ? 5.232   -10.653 -18.669 1.00 26.22 ? 15  ILE A O    1 
ATOM   126  C CB   . ILE A 1 15  ? 4.237   -10.606 -15.644 1.00 26.14 ? 15  ILE A CB   1 
ATOM   127  C CG1  . ILE A 1 15  ? 2.771   -11.029 -15.844 1.00 24.48 ? 15  ILE A CG1  1 
ATOM   128  C CG2  . ILE A 1 15  ? 4.389   -9.131  -16.053 1.00 26.17 ? 15  ILE A CG2  1 
ATOM   129  C CD1  . ILE A 1 15  ? 1.835   -10.261 -14.996 1.00 26.25 ? 15  ILE A CD1  1 
ATOM   130  N N    . GLY A 1 16  ? 4.369   -12.716 -18.379 1.00 26.46 ? 16  GLY A N    1 
ATOM   131  C CA   . GLY A 1 16  ? 4.067   -12.880 -19.810 1.00 26.63 ? 16  GLY A CA   1 
ATOM   132  C C    . GLY A 1 16  ? 5.316   -12.816 -20.700 1.00 27.31 ? 16  GLY A C    1 
ATOM   133  O O    . GLY A 1 16  ? 5.241   -12.451 -21.888 1.00 28.48 ? 16  GLY A O    1 
ATOM   134  N N    . GLY A 1 17  ? 6.472   -13.137 -20.124 1.00 27.32 ? 17  GLY A N    1 
ATOM   135  C CA   . GLY A 1 17  ? 7.744   -13.097 -20.855 1.00 27.62 ? 17  GLY A CA   1 
ATOM   136  C C    . GLY A 1 17  ? 8.464   -11.758 -20.867 1.00 28.43 ? 17  GLY A C    1 
ATOM   137  O O    . GLY A 1 17  ? 9.581   -11.672 -21.398 1.00 28.97 ? 17  GLY A O    1 
ATOM   138  N N    . GLN A 1 18  ? 7.843   -10.738 -20.273 1.00 28.19 ? 18  GLN A N    1 
ATOM   139  C CA   . GLN A 1 18  ? 8.308   -9.333  -20.323 1.00 29.51 ? 18  GLN A CA   1 
ATOM   140  C C    . GLN A 1 18  ? 8.629   -8.793  -18.914 1.00 27.52 ? 18  GLN A C    1 
ATOM   141  O O    . GLN A 1 18  ? 7.959   -9.169  -17.930 1.00 29.50 ? 18  GLN A O    1 
ATOM   142  C CB   . GLN A 1 18  ? 7.195   -8.469  -20.905 1.00 29.46 ? 18  GLN A CB   1 
ATOM   143  C CG   . GLN A 1 18  ? 7.603   -7.068  -21.352 0.50 32.03 ? 18  GLN A CG   1 
ATOM   144  C CD   . GLN A 1 18  ? 6.392   -6.187  -21.640 1.00 33.39 ? 18  GLN A CD   1 
ATOM   145  O OE1  . GLN A 1 18  ? 5.351   -6.291  -20.965 1.00 38.12 ? 18  GLN A OE1  1 
ATOM   146  N NE2  . GLN A 1 18  ? 6.522   -5.312  -22.639 1.00 39.05 ? 18  GLN A NE2  1 
ATOM   147  N N    . LEU A 1 19  ? 9.618   -7.902  -18.836 1.00 25.64 ? 19  LEU A N    1 
ATOM   148  C CA   . LEU A 1 19  ? 10.023  -7.262  -17.583 1.00 24.54 ? 19  LEU A CA   1 
ATOM   149  C C    . LEU A 1 19  ? 9.249   -5.981  -17.330 1.00 24.32 ? 19  LEU A C    1 
ATOM   150  O O    . LEU A 1 19  ? 9.014   -5.199  -18.245 1.00 25.17 ? 19  LEU A O    1 
ATOM   151  C CB   . LEU A 1 19  ? 11.529  -6.977  -17.574 1.00 24.18 ? 19  LEU A CB   1 
ATOM   152  C CG   . LEU A 1 19  ? 12.406  -8.208  -17.842 1.00 22.95 ? 19  LEU A CG   1 
ATOM   153  C CD1  . LEU A 1 19  ? 13.869  -7.841  -17.935 1.00 24.42 ? 19  LEU A CD1  1 
ATOM   154  C CD2  . LEU A 1 19  ? 12.163  -9.223  -16.741 1.00 23.82 ? 19  LEU A CD2  1 
ATOM   155  N N    . LYS A 1 20  ? 8.804   -5.794  -16.093 1.00 23.42 ? 20  LYS A N    1 
ATOM   156  C CA   . LYS A 1 20  ? 8.155   -4.560  -15.659 1.00 23.89 ? 20  LYS A CA   1 
ATOM   157  C C    . LYS A 1 20  ? 8.638   -4.157  -14.270 1.00 24.60 ? 20  LYS A C    1 
ATOM   158  O O    . LYS A 1 20  ? 9.217   -4.964  -13.535 1.00 24.70 ? 20  LYS A O    1 
ATOM   159  C CB   . LYS A 1 20  ? 6.644   -4.735  -15.623 1.00 25.66 ? 20  LYS A CB   1 
ATOM   160  C CG   . LYS A 1 20  ? 6.059   -5.162  -16.942 1.00 28.42 ? 20  LYS A CG   1 
ATOM   161  C CD   . LYS A 1 20  ? 4.551   -4.975  -16.997 1.00 33.64 ? 20  LYS A CD   1 
ATOM   162  C CE   . LYS A 1 20  ? 4.112   -4.561  -18.402 1.00 35.79 ? 20  LYS A CE   1 
ATOM   163  N NZ   . LYS A 1 20  ? 4.244   -3.109  -18.641 1.00 35.15 ? 20  LYS A NZ   1 
ATOM   164  N N    . GLU A 1 21  ? 8.383   -2.909  -13.912 1.00 23.60 ? 21  GLU A N    1 
ATOM   165  C CA   . GLU A 1 21  ? 8.690   -2.386  -12.589 1.00 24.20 ? 21  GLU A CA   1 
ATOM   166  C C    . GLU A 1 21  ? 7.381   -2.369  -11.815 1.00 22.69 ? 21  GLU A C    1 
ATOM   167  O O    . GLU A 1 21  ? 6.365   -2.012  -12.384 1.00 24.14 ? 21  GLU A O    1 
ATOM   168  C CB   . GLU A 1 21  ? 9.211   -0.971  -12.686 1.00 25.51 ? 21  GLU A CB   1 
ATOM   169  C CG   . GLU A 1 21  ? 9.685   -0.353  -11.367 1.00 30.63 ? 21  GLU A CG   1 
ATOM   170  C CD   . GLU A 1 21  ? 10.826  0.651   -11.536 0.50 32.31 ? 21  GLU A CD   1 
ATOM   171  O OE1  . GLU A 1 21  ? 11.639  0.770   -10.590 0.50 35.41 ? 21  GLU A OE1  1 
ATOM   172  O OE2  . GLU A 1 21  ? 10.924  1.316   -12.598 0.50 35.32 ? 21  GLU A OE2  1 
ATOM   173  N N    . ALA A 1 22  ? 7.397   -2.728  -10.544 1.00 21.17 ? 22  ALA A N    1 
ATOM   174  C CA   . ALA A 1 22  ? 6.192   -2.717  -9.739  1.00 20.10 ? 22  ALA A CA   1 
ATOM   175  C C    . ALA A 1 22  ? 6.490   -2.409  -8.274  1.00 21.96 ? 22  ALA A C    1 
ATOM   176  O O    . ALA A 1 22  ? 7.597   -2.612  -7.800  1.00 22.86 ? 22  ALA A O    1 
ATOM   177  C CB   . ALA A 1 22  ? 5.477   -4.072  -9.859  1.00 20.77 ? 22  ALA A CB   1 
ATOM   178  N N    . LEU A 1 23  ? 5.505   -1.875  -7.585  1.00 21.43 ? 23  LEU A N    1 
ATOM   179  C CA   . LEU A 1 23  ? 5.619   -1.504  -6.205  1.00 23.13 ? 23  LEU A CA   1 
ATOM   180  C C    . LEU A 1 23  ? 5.103   -2.611  -5.294  1.00 23.37 ? 23  LEU A C    1 
ATOM   181  O O    . LEU A 1 23  ? 3.965   -3.054  -5.470  1.00 22.20 ? 23  LEU A O    1 
ATOM   182  C CB   . LEU A 1 23  ? 4.764   -0.244  -6.045  1.00 24.58 ? 23  LEU A CB   1 
ATOM   183  C CG   . LEU A 1 23  ? 4.676   0.502   -4.743  1.00 29.31 ? 23  LEU A CG   1 
ATOM   184  C CD1  . LEU A 1 23  ? 5.964   1.161   -4.457  1.00 29.30 ? 23  LEU A CD1  1 
ATOM   185  C CD2  . LEU A 1 23  ? 3.576   1.533   -4.922  1.00 28.85 ? 23  LEU A CD2  1 
ATOM   186  N N    . LEU A 1 24  ? 5.896   -3.021  -4.283  1.00 22.28 ? 24  LEU A N    1 
ATOM   187  C CA   . LEU A 1 24  ? 5.446   -4.007  -3.273  1.00 23.16 ? 24  LEU A CA   1 
ATOM   188  C C    . LEU A 1 24  ? 4.470   -3.275  -2.350  1.00 24.76 ? 24  LEU A C    1 
ATOM   189  O O    . LEU A 1 24  ? 4.865   -2.307  -1.663  1.00 25.49 ? 24  LEU A O    1 
ATOM   190  C CB   . LEU A 1 24  ? 6.612   -4.569  -2.469  1.00 24.06 ? 24  LEU A CB   1 
ATOM   191  C CG   . LEU A 1 24  ? 7.703   -5.208  -3.302  1.00 23.48 ? 24  LEU A CG   1 
ATOM   192  C CD1  . LEU A 1 24  ? 8.861   -5.764  -2.430  1.00 24.70 ? 24  LEU A CD1  1 
ATOM   193  C CD2  . LEU A 1 24  ? 7.088   -6.306  -4.139  1.00 26.46 ? 24  LEU A CD2  1 
ATOM   194  N N    . ASP A 1 25  ? 3.197   -3.663  -2.402  1.00 23.14 ? 25  ASP A N    1 
ATOM   195  C CA   . ASP A 1 25  ? 2.108   -2.868  -1.803  1.00 21.80 ? 25  ASP A CA   1 
ATOM   196  C C    . ASP A 1 25  ? 1.278   -3.632  -0.767  1.00 21.55 ? 25  ASP A C    1 
ATOM   197  O O    . ASP A 1 25  ? 0.333   -4.288  -1.093  1.00 22.18 ? 25  ASP A O    1 
ATOM   198  C CB   . ASP A 1 25  ? 1.221   -2.285  -2.885  1.00 22.22 ? 25  ASP A CB   1 
ATOM   199  C CG   . ASP A 1 25  ? 0.271   -1.263  -2.348  1.00 27.09 ? 25  ASP A CG   1 
ATOM   200  O OD1  . ASP A 1 25  ? 0.251   -1.027  -1.075  1.00 27.01 ? 25  ASP A OD1  1 
ATOM   201  O OD2  . ASP A 1 25  ? -0.461  -0.648  -3.172  1.00 31.08 ? 25  ASP A OD2  1 
ATOM   202  N N    . THR A 1 26  ? 1.616   -3.513  0.525   1.00 21.04 ? 26  THR A N    1 
ATOM   203  C CA   . THR A 1 26  ? 0.878   -4.198  1.548   1.00 19.70 ? 26  THR A CA   1 
ATOM   204  C C    . THR A 1 26  ? -0.563  -3.679  1.730   1.00 20.14 ? 26  THR A C    1 
ATOM   205  O O    . THR A 1 26  ? -1.404  -4.359  2.359   1.00 20.30 ? 26  THR A O    1 
ATOM   206  C CB   . THR A 1 26  ? 1.593   -4.124  2.878   1.00 20.52 ? 26  THR A CB   1 
ATOM   207  O OG1  . THR A 1 26  ? 1.774   -2.756  3.237   1.00 19.13 ? 26  THR A OG1  1 
ATOM   208  C CG2  . THR A 1 26  ? 2.993   -4.734  2.756   1.00 21.03 ? 26  THR A CG2  1 
ATOM   209  N N    . GLY A 1 27  ? -0.840  -2.472  1.222   1.00 20.71 ? 27  GLY A N    1 
ATOM   210  C CA   . GLY A 1 27  ? -2.193  -1.902  1.257   1.00 21.37 ? 27  GLY A CA   1 
ATOM   211  C C    . GLY A 1 27  ? -3.087  -2.322  0.104   1.00 20.08 ? 27  GLY A C    1 
ATOM   212  O O    . GLY A 1 27  ? -4.240  -1.860  0.000   1.00 21.54 ? 27  GLY A O    1 
ATOM   213  N N    . ALA A 1 28  ? -2.560  -3.225  -0.746  1.00 20.19 ? 28  ALA A N    1 
ATOM   214  C CA   . ALA A 1 28  ? -3.345  -3.739  -1.867  1.00 20.55 ? 28  ALA A CA   1 
ATOM   215  C C    . ALA A 1 28  ? -3.749  -5.197  -1.671  1.00 20.39 ? 28  ALA A C    1 
ATOM   216  O O    . ALA A 1 28  ? -2.885  -6.042  -1.406  1.00 19.96 ? 28  ALA A O    1 
ATOM   217  C CB   . ALA A 1 28  ? -2.569  -3.599  -3.150  1.00 19.71 ? 28  ALA A CB   1 
ATOM   218  N N    . ASP A 1 29  ? -5.032  -5.515  -1.815  1.00 20.52 ? 29  ASP A N    1 
ATOM   219  C CA   . ASP A 1 29  ? -5.482  -6.877  -1.692  1.00 19.70 ? 29  ASP A CA   1 
ATOM   220  C C    . ASP A 1 29  ? -4.912  -7.679  -2.855  1.00 21.43 ? 29  ASP A C    1 
ATOM   221  O O    . ASP A 1 29  ? -4.594  -8.872  -2.692  1.00 21.74 ? 29  ASP A O    1 
ATOM   222  C CB   . ASP A 1 29  ? -7.006  -6.989  -1.787  1.00 21.07 ? 29  ASP A CB   1 
ATOM   223  C CG   . ASP A 1 29  ? -7.739  -6.312  -0.642  1.00 23.35 ? 29  ASP A CG   1 
ATOM   224  O OD1  . ASP A 1 29  ? -7.147  -6.034  0.439   1.00 24.08 ? 29  ASP A OD1  1 
ATOM   225  O OD2  . ASP A 1 29  ? -8.972  -6.077  -0.862  1.00 25.86 ? 29  ASP A OD2  1 
ATOM   226  N N    . ASP A 1 30  ? -4.906  -7.022  -4.025  1.00 21.82 ? 30  ASP A N    1 
ATOM   227  C CA   . ASP A 1 30  ? -4.646  -7.683  -5.311  1.00 22.02 ? 30  ASP A CA   1 
ATOM   228  C C    . ASP A 1 30  ? -3.513  -7.031  -6.031  1.00 22.73 ? 30  ASP A C    1 
ATOM   229  O O    . ASP A 1 30  ? -3.130  -5.917  -5.726  1.00 24.98 ? 30  ASP A O    1 
ATOM   230  C CB   . ASP A 1 30  ? -5.860  -7.561  -6.200  1.00 23.59 ? 30  ASP A CB   1 
ATOM   231  C CG   . ASP A 1 30  ? -7.114  -8.001  -5.535  1.00 27.68 ? 30  ASP A CG   1 
ATOM   232  O OD1  . ASP A 1 30  ? -7.138  -9.159  -5.036  1.00 32.48 ? 30  ASP A OD1  1 
ATOM   233  O OD2  . ASP A 1 30  ? -8.096  -7.207  -5.496  1.00 31.44 ? 30  ASP A OD2  1 
ATOM   234  N N    . THR A 1 31  ? -3.020  -7.729  -7.051  1.00 21.35 ? 31  THR A N    1 
ATOM   235  C CA   . THR A 1 31  ? -1.960  -7.277  -7.915  1.00 21.22 ? 31  THR A CA   1 
ATOM   236  C C    . THR A 1 31  ? -2.591  -6.652  -9.176  1.00 21.52 ? 31  THR A C    1 
ATOM   237  O O    . THR A 1 31  ? -3.436  -7.257  -9.822  1.00 21.08 ? 31  THR A O    1 
ATOM   238  C CB   . THR A 1 31  ? -1.074  -8.480  -8.295  1.00 22.25 ? 31  THR A CB   1 
ATOM   239  O OG1  . THR A 1 31  ? -0.374  -8.921  -7.111  1.00 21.37 ? 31  THR A OG1  1 
ATOM   240  C CG2  . THR A 1 31  ? -0.121  -8.146  -9.408  1.00 22.09 ? 31  THR A CG2  1 
ATOM   241  N N    . VAL A 1 32  ? -2.182  -5.430  -9.487  1.00 19.08 ? 32  VAL A N    1 
ATOM   242  C CA   . VAL A 1 32  ? -2.766  -4.620  -10.578 1.00 19.08 ? 32  VAL A CA   1 
ATOM   243  C C    . VAL A 1 32  ? -1.634  -4.095  -11.437 1.00 19.13 ? 32  VAL A C    1 
ATOM   244  O O    . VAL A 1 32  ? -0.726  -3.400  -10.936 1.00 19.41 ? 32  VAL A O    1 
ATOM   245  C CB   . VAL A 1 32  ? -3.626  -3.449  -10.012 1.00 19.38 ? 32  VAL A CB   1 
ATOM   246  C CG1  . VAL A 1 32  ? -4.486  -2.838  -11.152 1.00 20.81 ? 32  VAL A CG1  1 
ATOM   247  C CG2  . VAL A 1 32  ? -4.506  -3.916  -8.859  1.00 21.17 ? 32  VAL A CG2  1 
ATOM   248  N N    . ILE A 1 33  ? -1.670  -4.379  -12.736 1.00 20.65 ? 33  ILE A N    1 
ATOM   249  C CA   . ILE A 1 33  ? -0.642  -3.969  -13.661 1.00 21.35 ? 33  ILE A CA   1 
ATOM   250  C C    . ILE A 1 33  ? -1.261  -3.122  -14.784 1.00 22.09 ? 33  ILE A C    1 
ATOM   251  O O    . ILE A 1 33  ? -2.413  -3.325  -15.132 1.00 21.74 ? 33  ILE A O    1 
ATOM   252  C CB   . ILE A 1 33  ? 0.013   -5.217  -14.295 1.00 22.42 ? 33  ILE A CB   1 
ATOM   253  C CG1  . ILE A 1 33  ? 0.562   -6.144  -13.213 1.00 27.06 ? 33  ILE A CG1  1 
ATOM   254  C CG2  . ILE A 1 33  ? 1.158   -4.809  -15.258 1.00 24.26 ? 33  ILE A CG2  1 
ATOM   255  C CD1  . ILE A 1 33  ? 1.512   -5.515  -12.306 1.00 27.01 ? 33  ILE A CD1  1 
ATOM   256  N N    . GLU A 1 34  ? -0.527  -2.131  -15.270 1.00 21.88 ? 34  GLU A N    1 
ATOM   257  C CA   . GLU A 1 34  ? -0.948  -1.282  -16.381 1.00 23.48 ? 34  GLU A CA   1 
ATOM   258  C C    . GLU A 1 34  ? -1.343  -2.101  -17.602 1.00 24.56 ? 34  GLU A C    1 
ATOM   259  O O    . GLU A 1 34  ? -0.956  -3.274  -17.751 1.00 24.27 ? 34  GLU A O    1 
ATOM   260  C CB   . GLU A 1 34  ? 0.206   -0.362  -16.742 1.00 23.18 ? 34  GLU A CB   1 
ATOM   261  C CG   . GLU A 1 34  ? 1.417   -1.136  -17.275 1.00 25.92 ? 34  GLU A CG   1 
ATOM   262  C CD   . GLU A 1 34  ? 2.734   -0.328  -17.247 0.50 25.51 ? 34  GLU A CD   1 
ATOM   263  O OE1  . GLU A 1 34  ? 2.656   0.910   -17.385 0.50 29.45 ? 34  GLU A OE1  1 
ATOM   264  O OE2  . GLU A 1 34  ? 3.823   -0.945  -17.100 0.50 27.10 ? 34  GLU A OE2  1 
ATOM   265  N N    . GLU A 1 35  ? -2.130  -1.500  -18.489 1.00 25.10 ? 35  GLU A N    1 
ATOM   266  C CA   . GLU A 1 35  ? -2.656  -2.237  -19.632 1.00 27.43 ? 35  GLU A CA   1 
ATOM   267  C C    . GLU A 1 35  ? -1.482  -2.884  -20.364 1.00 28.43 ? 35  GLU A C    1 
ATOM   268  O O    . GLU A 1 35  ? -0.413  -2.265  -20.558 1.00 27.91 ? 35  GLU A O    1 
ATOM   269  C CB   . GLU A 1 35  ? -3.466  -1.335  -20.567 1.00 28.23 ? 35  GLU A CB   1 
ATOM   270  C CG   . GLU A 1 35  ? -4.800  -0.873  -19.981 1.00 33.21 ? 35  GLU A CG   1 
ATOM   271  C CD   . GLU A 1 35  ? -5.184  0.533   -20.439 1.00 37.49 ? 35  GLU A CD   1 
ATOM   272  O OE1  . GLU A 1 35  ? -5.057  0.845   -21.648 0.50 38.31 ? 35  GLU A OE1  1 
ATOM   273  O OE2  . GLU A 1 35  ? -5.588  1.348   -19.569 1.00 43.39 ? 35  GLU A OE2  1 
HETATM 274  N N    . NLE A 1 36  ? -1.680  -4.155  -20.677 1.00 29.74 ? 36  NLE A N    1 
HETATM 275  C CA   . NLE A 1 36  ? -0.760  -4.938  -21.495 1.00 31.44 ? 36  NLE A CA   1 
HETATM 276  C C    . NLE A 1 36  ? -1.531  -6.171  -21.972 1.00 31.52 ? 36  NLE A C    1 
HETATM 277  O O    . NLE A 1 36  ? -2.590  -6.497  -21.437 1.00 31.84 ? 36  NLE A O    1 
HETATM 278  C CB   . NLE A 1 36  ? 0.438   -5.368  -20.664 1.00 31.58 ? 36  NLE A CB   1 
HETATM 279  C CG   . NLE A 1 36  ? 0.079   -6.298  -19.576 1.00 32.79 ? 36  NLE A CG   1 
HETATM 280  C CD   . NLE A 1 36  ? 1.237   -6.538  -18.649 1.00 33.84 ? 36  NLE A CD   1 
HETATM 281  C CE   . NLE A 1 36  ? 0.988   -7.746  -17.807 1.00 36.66 ? 36  NLE A CE   1 
ATOM   282  N N    . ASN A 1 37  ? -0.993  -6.877  -22.957 1.00 33.10 ? 37  ASN A N    1 
ATOM   283  C CA   . ASN A 1 37  ? -1.579  -8.157  -23.365 1.00 33.02 ? 37  ASN A CA   1 
ATOM   284  C C    . ASN A 1 37  ? -1.057  -9.272  -22.487 1.00 33.15 ? 37  ASN A C    1 
ATOM   285  O O    . ASN A 1 37  ? 0.137   -9.337  -22.243 1.00 33.66 ? 37  ASN A O    1 
ATOM   286  C CB   . ASN A 1 37  ? -1.192  -8.477  -24.802 0.50 33.13 ? 37  ASN A CB   1 
ATOM   287  C CG   . ASN A 1 37  ? -1.738  -7.482  -25.776 0.50 33.42 ? 37  ASN A CG   1 
ATOM   288  O OD1  . ASN A 1 37  ? -1.050  -6.539  -26.174 0.50 32.98 ? 37  ASN A OD1  1 
ATOM   289  N ND2  . ASN A 1 37  ? -2.993  -7.670  -26.158 0.50 34.64 ? 37  ASN A ND2  1 
ATOM   290  N N    . LEU A 1 38  ? -1.949  -10.135 -22.020 1.00 32.92 ? 38  LEU A N    1 
ATOM   291  C CA   . LEU A 1 38  ? -1.546  -11.362 -21.354 1.00 33.47 ? 38  LEU A CA   1 
ATOM   292  C C    . LEU A 1 38  ? -2.169  -12.501 -22.052 1.00 33.54 ? 38  LEU A C    1 
ATOM   293  O O    . LEU A 1 38  ? -3.358  -12.413 -22.403 1.00 34.64 ? 38  LEU A O    1 
ATOM   294  C CB   . LEU A 1 38  ? -2.031  -11.417 -19.902 1.00 33.25 ? 38  LEU A CB   1 
ATOM   295  C CG   . LEU A 1 38  ? -1.063  -10.873 -18.868 1.00 31.30 ? 38  LEU A CG   1 
ATOM   296  C CD1  . LEU A 1 38  ? -1.746  -10.810 -17.508 1.00 27.23 ? 38  LEU A CD1  1 
ATOM   297  C CD2  . LEU A 1 38  ? 0.214   -11.688 -18.811 1.00 29.00 ? 38  LEU A CD2  1 
ATOM   298  N N    . PRO A 1 39  ? -1.380  -13.578 -22.274 0.50 33.76 ? 39  PRO A N    1 
ATOM   299  C CA   . PRO A 1 39  ? -1.941  -14.840 -22.715 0.50 34.22 ? 39  PRO A CA   1 
ATOM   300  C C    . PRO A 1 39  ? -2.900  -15.416 -21.673 0.50 34.56 ? 39  PRO A C    1 
ATOM   301  O O    . PRO A 1 39  ? -2.501  -15.813 -20.576 0.50 35.21 ? 39  PRO A O    1 
ATOM   302  C CB   . PRO A 1 39  ? -0.711  -15.741 -22.924 0.50 33.84 ? 39  PRO A CB   1 
ATOM   303  C CG   . PRO A 1 39  ? 0.462   -14.832 -22.938 0.50 33.23 ? 39  PRO A CG   1 
ATOM   304  C CD   . PRO A 1 39  ? 0.088   -13.626 -22.157 0.50 33.04 ? 39  PRO A CD   1 
ATOM   305  N N    . GLY A 1 40  ? -4.171  -15.429 -22.027 0.50 34.81 ? 40  GLY A N    1 
ATOM   306  C CA   . GLY A 1 40  ? -5.173  -16.039 -21.195 0.50 34.68 ? 40  GLY A CA   1 
ATOM   307  C C    . GLY A 1 40  ? -6.564  -15.543 -21.512 0.50 34.39 ? 40  GLY A C    1 
ATOM   308  O O    . GLY A 1 40  ? -6.758  -14.594 -22.274 0.50 33.94 ? 40  GLY A O    1 
HETATM 309  N N    . YCM A 1 41  ? -7.537  -16.227 -20.932 1.00 34.53 ? 41  YCM A N    1 
HETATM 310  C CA   . YCM A 1 41  ? -8.902  -15.738 -20.896 1.00 34.70 ? 41  YCM A CA   1 
HETATM 311  C CB   . YCM A 1 41  ? -9.870  -16.892 -20.629 1.00 35.03 ? 41  YCM A CB   1 
HETATM 312  S SG   . YCM A 1 41  ? -9.733  -18.130 -21.688 0.50 36.74 ? 41  YCM A SG   1 
HETATM 313  C CD   . YCM A 1 41  ? -10.845 -18.084 -22.872 0.50 37.86 ? 41  YCM A CD   1 
HETATM 314  C CE   . YCM A 1 41  ? -10.699 -19.236 -23.865 0.50 37.90 ? 41  YCM A CE   1 
HETATM 315  O OZ1  . YCM A 1 41  ? -9.773  -20.040 -23.756 0.50 40.06 ? 41  YCM A OZ1  1 
HETATM 316  N NZ2  . YCM A 1 41  ? -11.553 -19.260 -24.885 0.50 39.23 ? 41  YCM A NZ2  1 
HETATM 317  C C    . YCM A 1 41  ? -8.914  -14.790 -19.704 1.00 33.93 ? 41  YCM A C    1 
HETATM 318  O O    . YCM A 1 41  ? -8.158  -14.970 -18.725 1.00 34.99 ? 41  YCM A O    1 
ATOM   319  N N    . TRP A 1 42  ? -9.724  -13.753 -19.796 1.00 32.78 ? 42  TRP A N    1 
ATOM   320  C CA   . TRP A 1 42  ? -9.882  -12.849 -18.662 1.00 31.52 ? 42  TRP A CA   1 
ATOM   321  C C    . TRP A 1 42  ? -11.356 -12.619 -18.490 1.00 30.92 ? 42  TRP A C    1 
ATOM   322  O O    . TRP A 1 42  ? -12.178 -13.061 -19.322 1.00 30.88 ? 42  TRP A O    1 
ATOM   323  C CB   . TRP A 1 42  ? -9.114  -11.534 -18.873 1.00 31.03 ? 42  TRP A CB   1 
ATOM   324  C CG   . TRP A 1 42  ? -9.430  -10.868 -20.166 1.00 31.30 ? 42  TRP A CG   1 
ATOM   325  C CD1  . TRP A 1 42  ? -8.823  -11.081 -21.367 1.00 32.02 ? 42  TRP A CD1  1 
ATOM   326  C CD2  . TRP A 1 42  ? -10.444 -9.892  -20.394 1.00 31.44 ? 42  TRP A CD2  1 
ATOM   327  N NE1  . TRP A 1 42  ? -9.399  -10.293 -22.337 1.00 31.81 ? 42  TRP A NE1  1 
ATOM   328  C CE2  . TRP A 1 42  ? -10.388 -9.544  -21.765 1.00 31.47 ? 42  TRP A CE2  1 
ATOM   329  C CE3  . TRP A 1 42  ? -11.377 -9.251  -19.571 1.00 30.90 ? 42  TRP A CE3  1 
ATOM   330  C CZ2  . TRP A 1 42  ? -11.248 -8.610  -22.332 1.00 32.39 ? 42  TRP A CZ2  1 
ATOM   331  C CZ3  . TRP A 1 42  ? -12.222 -8.297  -20.140 1.00 31.89 ? 42  TRP A CZ3  1 
ATOM   332  C CH2  . TRP A 1 42  ? -12.154 -7.993  -21.502 1.00 32.02 ? 42  TRP A CH2  1 
ATOM   333  N N    . LYS A 1 43  ? -11.691 -11.996 -17.367 1.00 29.78 ? 43  LYS A N    1 
ATOM   334  C CA   . LYS A 1 43  ? -13.036 -11.552 -17.075 1.00 29.04 ? 43  LYS A CA   1 
ATOM   335  C C    . LYS A 1 43  ? -13.034 -10.155 -16.462 1.00 27.56 ? 43  LYS A C    1 
ATOM   336  O O    . LYS A 1 43  ? -12.119 -9.805  -15.735 1.00 25.54 ? 43  LYS A O    1 
ATOM   337  C CB   . LYS A 1 43  ? -13.702 -12.532 -16.119 1.00 30.53 ? 43  LYS A CB   1 
ATOM   338  C CG   . LYS A 1 43  ? -12.953 -12.883 -14.891 1.00 30.96 ? 43  LYS A CG   1 
ATOM   339  C CD   . LYS A 1 43  ? -13.829 -13.663 -13.907 0.50 31.78 ? 43  LYS A CD   1 
ATOM   340  C CE   . LYS A 1 43  ? -13.073 -13.976 -12.612 0.50 32.12 ? 43  LYS A CE   1 
ATOM   341  N NZ   . LYS A 1 43  ? -13.805 -15.022 -11.824 0.50 32.30 ? 43  LYS A NZ   1 
ATOM   342  N N    . PRO A 1 44  ? -14.060 -9.358  -16.746 1.00 26.17 ? 44  PRO A N    1 
ATOM   343  C CA   . PRO A 1 44  ? -14.187 -8.023  -16.194 1.00 25.90 ? 44  PRO A CA   1 
ATOM   344  C C    . PRO A 1 44  ? -14.478 -7.980  -14.692 1.00 25.27 ? 44  PRO A C    1 
ATOM   345  O O    . PRO A 1 44  ? -15.315 -8.731  -14.194 1.00 24.38 ? 44  PRO A O    1 
ATOM   346  C CB   . PRO A 1 44  ? -15.394 -7.463  -16.946 1.00 26.51 ? 44  PRO A CB   1 
ATOM   347  C CG   . PRO A 1 44  ? -16.169 -8.633  -17.269 1.00 26.67 ? 44  PRO A CG   1 
ATOM   348  C CD   . PRO A 1 44  ? -15.193 -9.674  -17.639 1.00 26.57 ? 44  PRO A CD   1 
ATOM   349  N N    . LYS A 1 45  ? -13.813 -7.056  -14.004 1.00 24.71 ? 45  LYS A N    1 
ATOM   350  C CA   . LYS A 1 45  ? -13.976 -6.847  -12.590 1.00 23.86 ? 45  LYS A CA   1 
ATOM   351  C C    . LYS A 1 45  ? -13.851 -5.336  -12.347 1.00 23.45 ? 45  LYS A C    1 
ATOM   352  O O    . LYS A 1 45  ? -13.406 -4.627  -13.259 1.00 23.21 ? 45  LYS A O    1 
ATOM   353  C CB   . LYS A 1 45  ? -12.869 -7.600  -11.849 1.00 24.73 ? 45  LYS A CB   1 
ATOM   354  C CG   . LYS A 1 45  ? -12.844 -7.418  -10.383 1.00 27.89 ? 45  LYS A CG   1 
ATOM   355  C CD   . LYS A 1 45  ? -11.871 -8.356  -9.723  0.50 30.60 ? 45  LYS A CD   1 
ATOM   356  C CE   . LYS A 1 45  ? -11.833 -8.156  -8.207  0.50 31.25 ? 45  LYS A CE   1 
ATOM   357  N NZ   . LYS A 1 45  ? -12.095 -9.440  -7.489  0.50 32.64 ? 45  LYS A NZ   1 
HETATM 358  N N    . NLE A 1 46  ? -14.336 -4.857  -11.196 1.00 22.03 ? 46  NLE A N    1 
HETATM 359  C CA   . NLE A 1 46  ? -14.107 -3.487  -10.711 1.00 22.19 ? 46  NLE A CA   1 
HETATM 360  C C    . NLE A 1 46  ? -13.397 -3.533  -9.369  1.00 22.36 ? 46  NLE A C    1 
HETATM 361  O O    . NLE A 1 46  ? -13.681 -4.399  -8.536  1.00 23.35 ? 46  NLE A O    1 
HETATM 362  C CB   . NLE A 1 46  ? -15.416 -2.687  -10.567 1.00 22.03 ? 46  NLE A CB   1 
HETATM 363  C CG   . NLE A 1 46  ? -15.968 -2.157  -11.896 1.00 23.32 ? 46  NLE A CG   1 
HETATM 364  C CD   . NLE A 1 46  ? -17.249 -1.313  -11.781 1.00 23.49 ? 46  NLE A CD   1 
HETATM 365  C CE   . NLE A 1 46  ? -17.083 -0.122  -10.914 1.00 22.37 ? 46  NLE A CE   1 
ATOM   366  N N    . ILE A 1 47  ? -12.423 -2.630  -9.172  1.00 20.67 ? 47  ILE A N    1 
ATOM   367  C CA   . ILE A 1 47  ? -11.664 -2.532  -7.940  1.00 21.56 ? 47  ILE A CA   1 
ATOM   368  C C    . ILE A 1 47  ? -11.600 -1.089  -7.545  1.00 20.99 ? 47  ILE A C    1 
ATOM   369  O O    . ILE A 1 47  ? -11.798 -0.232  -8.370  1.00 19.53 ? 47  ILE A O    1 
ATOM   370  C CB   . ILE A 1 47  ? -10.214 -3.034  -8.065  1.00 22.37 ? 47  ILE A CB   1 
ATOM   371  C CG1  . ILE A 1 47  ? -9.492  -2.332  -9.241  1.00 24.59 ? 47  ILE A CG1  1 
ATOM   372  C CG2  . ILE A 1 47  ? -10.196 -4.565  -8.195  1.00 23.26 ? 47  ILE A CG2  1 
ATOM   373  C CD1  . ILE A 1 47  ? -7.987  -2.545  -9.290  1.00 24.18 ? 47  ILE A CD1  1 
ATOM   374  N N    . GLY A 1 48  ? -11.340 -0.834  -6.279  1.00 21.56 ? 48  GLY A N    1 
ATOM   375  C CA   . GLY A 1 48  ? -11.344 0.538   -5.766  1.00 21.85 ? 48  GLY A CA   1 
ATOM   376  C C    . GLY A 1 48  ? -10.075 0.917   -5.105  1.00 22.13 ? 48  GLY A C    1 
ATOM   377  O O    . GLY A 1 48  ? -9.297  0.045   -4.704  1.00 21.96 ? 48  GLY A O    1 
ATOM   378  N N    . GLY A 1 49  ? -9.847  2.219   -5.004  1.00 22.84 ? 49  GLY A N    1 
ATOM   379  C CA   . GLY A 1 49  ? -8.681  2.746   -4.316  1.00 23.59 ? 49  GLY A CA   1 
ATOM   380  C C    . GLY A 1 49  ? -9.082  4.056   -3.680  1.00 23.92 ? 49  GLY A C    1 
ATOM   381  O O    . GLY A 1 49  ? -10.257 4.341   -3.516  1.00 23.96 ? 49  GLY A O    1 
ATOM   382  N N    . ILE A 1 50  ? -8.098  4.880   -3.401  1.00 23.96 ? 50  ILE A N    1 
ATOM   383  C CA   . ILE A 1 50  ? -8.313  6.124   -2.685  1.00 25.34 ? 50  ILE A CA   1 
ATOM   384  C C    . ILE A 1 50  ? -9.246  7.055   -3.426  1.00 24.31 ? 50  ILE A C    1 
ATOM   385  O O    . ILE A 1 50  ? -9.998  7.835   -2.793  1.00 26.37 ? 50  ILE A O    1 
ATOM   386  C CB   . ILE A 1 50  ? -6.934  6.792   -2.396  1.00 24.53 ? 50  ILE A CB   1 
ATOM   387  C CG1  . ILE A 1 50  ? -7.037  7.952   -1.390  1.00 30.47 ? 50  ILE A CG1  1 
ATOM   388  C CG2  . ILE A 1 50  ? -6.266  7.253   -3.665  1.00 26.68 ? 50  ILE A CG2  1 
ATOM   389  C CD1  . ILE A 1 50  ? -7.212  7.477   0.064   1.00 34.06 ? 50  ILE A CD1  1 
ATOM   390  N N    . GLY A 1 51  ? -9.200  7.008   -4.756  1.00 22.50 ? 51  GLY A N    1 
ATOM   391  C CA   . GLY A 1 51  ? -9.975  7.952   -5.585  1.00 21.14 ? 51  GLY A CA   1 
ATOM   392  C C    . GLY A 1 51  ? -11.260 7.469   -6.202  1.00 22.21 ? 51  GLY A C    1 
ATOM   393  O O    . GLY A 1 51  ? -12.003 8.255   -6.832  1.00 24.17 ? 51  GLY A O    1 
ATOM   394  N N    . GLY A 1 52  ? -11.571 6.196   -5.991  1.00 20.58 ? 52  GLY A N    1 
ATOM   395  C CA   . GLY A 1 52  ? -12.785 5.596   -6.475  1.00 20.98 ? 52  GLY A CA   1 
ATOM   396  C C    . GLY A 1 52  ? -12.499 4.264   -7.134  1.00 20.05 ? 52  GLY A C    1 
ATOM   397  O O    . GLY A 1 52  ? -11.556 3.633   -6.782  1.00 19.92 ? 52  GLY A O    1 
ATOM   398  N N    . PHE A 1 53  ? -13.346 3.886   -8.073  1.00 19.21 ? 53  PHE A N    1 
ATOM   399  C CA   . PHE A 1 53  ? -13.329 2.588   -8.723  1.00 18.94 ? 53  PHE A CA   1 
ATOM   400  C C    . PHE A 1 53  ? -12.918 2.665   -10.168 1.00 20.02 ? 53  PHE A C    1 
ATOM   401  O O    . PHE A 1 53  ? -13.207 3.654   -10.841 1.00 19.93 ? 53  PHE A O    1 
ATOM   402  C CB   . PHE A 1 53  ? -14.743 1.962   -8.610  1.00 19.76 ? 53  PHE A CB   1 
ATOM   403  C CG   . PHE A 1 53  ? -15.040 1.497   -7.223  1.00 20.86 ? 53  PHE A CG   1 
ATOM   404  C CD1  . PHE A 1 53  ? -15.429 2.379   -6.234  1.00 24.36 ? 53  PHE A CD1  1 
ATOM   405  C CD2  . PHE A 1 53  ? -14.875 0.172   -6.892  1.00 26.05 ? 53  PHE A CD2  1 
ATOM   406  C CE1  . PHE A 1 53  ? -15.632 1.948   -4.911  1.00 26.56 ? 53  PHE A CE1  1 
ATOM   407  C CE2  . PHE A 1 53  ? -15.125 -0.275  -5.568  1.00 26.25 ? 53  PHE A CE2  1 
ATOM   408  C CZ   . PHE A 1 53  ? -15.453 0.628   -4.584  1.00 26.14 ? 53  PHE A CZ   1 
ATOM   409  N N    . ILE A 1 54  ? -12.235 1.629   -10.628 1.00 19.62 ? 54  ILE A N    1 
ATOM   410  C CA   . ILE A 1 54  ? -11.853 1.475   -12.000 1.00 20.29 ? 54  ILE A CA   1 
ATOM   411  C C    . ILE A 1 54  ? -12.257 0.062   -12.477 1.00 20.08 ? 54  ILE A C    1 
ATOM   412  O O    . ILE A 1 54  ? -12.395 -0.845  -11.651 1.00 18.93 ? 54  ILE A O    1 
ATOM   413  C CB   . ILE A 1 54  ? -10.341 1.694   -12.232 1.00 20.08 ? 54  ILE A CB   1 
ATOM   414  C CG1  . ILE A 1 54  ? -9.529  0.629   -11.515 1.00 20.55 ? 54  ILE A CG1  1 
ATOM   415  C CG2  . ILE A 1 54  ? -9.935  3.090   -11.816 1.00 21.64 ? 54  ILE A CG2  1 
ATOM   416  C CD1  . ILE A 1 54  ? -8.045  0.615   -11.942 1.00 23.02 ? 54  ILE A CD1  1 
ATOM   417  N N    . LYS A 1 55  ? -12.379 -0.111  -13.791 1.00 18.81 ? 55  LYS A N    1 
ATOM   418  C CA   . LYS A 1 55  ? -12.609 -1.395  -14.433 1.00 20.48 ? 55  LYS A CA   1 
ATOM   419  C C    . LYS A 1 55  ? -11.285 -2.016  -14.836 1.00 21.11 ? 55  LYS A C    1 
ATOM   420  O O    . LYS A 1 55  ? -10.399 -1.319  -15.348 1.00 21.82 ? 55  LYS A O    1 
ATOM   421  C CB   . LYS A 1 55  ? -13.426 -1.207  -15.725 1.00 19.11 ? 55  LYS A CB   1 
ATOM   422  C CG   . LYS A 1 55  ? -14.840 -0.674  -15.547 1.00 23.17 ? 55  LYS A CG   1 
ATOM   423  C CD   . LYS A 1 55  ? -15.398 -0.088  -16.839 1.00 23.75 ? 55  LYS A CD   1 
ATOM   424  C CE   . LYS A 1 55  ? -15.498 -1.105  -17.978 1.00 25.98 ? 55  LYS A CE   1 
ATOM   425  N NZ   . LYS A 1 55  ? -16.130 -0.545  -19.230 1.00 28.65 ? 55  LYS A NZ   1 
ATOM   426  N N    . VAL A 1 56  ? -11.138 -3.290  -14.526 1.00 20.35 ? 56  VAL A N    1 
ATOM   427  C CA   . VAL A 1 56  ? -9.963  -4.079  -14.876 1.00 20.29 ? 56  VAL A CA   1 
ATOM   428  C C    . VAL A 1 56  ? -10.322 -5.415  -15.506 1.00 21.35 ? 56  VAL A C    1 
ATOM   429  O O    . VAL A 1 56  ? -11.471 -5.831  -15.467 1.00 21.63 ? 56  VAL A O    1 
ATOM   430  C CB   . VAL A 1 56  ? -9.099  -4.347  -13.633 1.00 21.87 ? 56  VAL A CB   1 
ATOM   431  C CG1  . VAL A 1 56  ? -8.576  -3.056  -13.066 1.00 20.94 ? 56  VAL A CG1  1 
ATOM   432  C CG2  . VAL A 1 56  ? -9.873  -5.108  -12.590 1.00 21.47 ? 56  VAL A CG2  1 
ATOM   433  N N    . ARG A 1 57  ? -9.330  -6.045  -16.134 1.00 21.28 ? 57  ARG A N    1 
ATOM   434  C CA   . ARG A 1 57  ? -9.383  -7.410  -16.650 1.00 22.35 ? 57  ARG A CA   1 
ATOM   435  C C    . ARG A 1 57  ? -8.723  -8.368  -15.677 1.00 22.10 ? 57  ARG A C    1 
ATOM   436  O O    . ARG A 1 57  ? -7.577  -8.152  -15.333 1.00 22.66 ? 57  ARG A O    1 
ATOM   437  C CB   . ARG A 1 57  ? -8.642  -7.512  -18.001 1.00 22.92 ? 57  ARG A CB   1 
ATOM   438  C CG   . ARG A 1 57  ? -9.185  -6.551  -19.030 1.00 26.31 ? 57  ARG A CG   1 
ATOM   439  C CD   . ARG A 1 57  ? -8.851  -6.888  -20.404 1.00 31.74 ? 57  ARG A CD   1 
ATOM   440  N NE   . ARG A 1 57  ? -7.460  -7.190  -20.674 1.00 33.77 ? 57  ARG A NE   1 
ATOM   441  C CZ   . ARG A 1 57  ? -6.509  -6.297  -20.941 1.00 36.47 ? 57  ARG A CZ   1 
ATOM   442  N NH1  . ARG A 1 57  ? -5.269  -6.721  -21.203 1.00 38.53 ? 57  ARG A NH1  1 
ATOM   443  N NH2  . ARG A 1 57  ? -6.765  -4.993  -20.959 1.00 39.28 ? 57  ARG A NH2  1 
ATOM   444  N N    . GLN A 1 58  ? -9.437  -9.389  -15.220 1.00 21.26 ? 58  GLN A N    1 
ATOM   445  C CA   . GLN A 1 58  ? -8.889  -10.345 -14.274 1.00 21.41 ? 58  GLN A CA   1 
ATOM   446  C C    . GLN A 1 58  ? -8.379  -11.543 -15.021 1.00 21.02 ? 58  GLN A C    1 
ATOM   447  O O    . GLN A 1 58  ? -9.155  -12.195 -15.723 1.00 19.94 ? 58  GLN A O    1 
ATOM   448  C CB   . GLN A 1 58  ? -9.947  -10.830 -13.270 1.00 20.89 ? 58  GLN A CB   1 
ATOM   449  C CG   . GLN A 1 58  ? -9.377  -11.784 -12.219 1.00 23.28 ? 58  GLN A CG   1 
ATOM   450  C CD   . GLN A 1 58  ? -10.337 -12.126 -11.098 1.00 26.16 ? 58  GLN A CD   1 
ATOM   451  O OE1  . GLN A 1 58  ? -11.037 -11.263 -10.578 1.00 33.98 ? 58  GLN A OE1  1 
ATOM   452  N NE2  . GLN A 1 58  ? -10.393 -13.399 -10.738 1.00 29.51 ? 58  GLN A NE2  1 
ATOM   453  N N    . TYR A 1 59  ? -7.084  -11.805 -14.861 1.00 20.13 ? 59  TYR A N    1 
ATOM   454  C CA   . TYR A 1 59  ? -6.451  -13.012 -15.355 1.00 20.84 ? 59  TYR A CA   1 
ATOM   455  C C    . TYR A 1 59  ? -6.074  -13.927 -14.174 1.00 21.97 ? 59  TYR A C    1 
ATOM   456  O O    . TYR A 1 59  ? -5.416  -13.507 -13.243 1.00 21.27 ? 59  TYR A O    1 
ATOM   457  C CB   . TYR A 1 59  ? -5.187  -12.684 -16.131 1.00 21.19 ? 59  TYR A CB   1 
ATOM   458  C CG   . TYR A 1 59  ? -5.356  -11.915 -17.423 1.00 21.53 ? 59  TYR A CG   1 
ATOM   459  C CD1  . TYR A 1 59  ? -5.447  -10.544 -17.430 1.00 22.96 ? 59  TYR A CD1  1 
ATOM   460  C CD2  . TYR A 1 59  ? -5.348  -12.573 -18.655 1.00 24.57 ? 59  TYR A CD2  1 
ATOM   461  C CE1  . TYR A 1 59  ? -5.568  -9.828  -18.614 1.00 22.98 ? 59  TYR A CE1  1 
ATOM   462  C CE2  . TYR A 1 59  ? -5.459  -11.870 -19.821 1.00 25.16 ? 59  TYR A CE2  1 
ATOM   463  C CZ   . TYR A 1 59  ? -5.575  -10.511 -19.811 1.00 24.85 ? 59  TYR A CZ   1 
ATOM   464  O OH   . TYR A 1 59  ? -5.680  -9.829  -21.005 1.00 27.65 ? 59  TYR A OH   1 
ATOM   465  N N    . ASP A 1 60  ? -6.470  -15.190 -14.225 1.00 22.68 ? 60  ASP A N    1 
ATOM   466  C CA   . ASP A 1 60  ? -6.130  -16.104 -13.163 1.00 22.62 ? 60  ASP A CA   1 
ATOM   467  C C    . ASP A 1 60  ? -4.925  -16.986 -13.515 1.00 21.86 ? 60  ASP A C    1 
ATOM   468  O O    . ASP A 1 60  ? -4.602  -17.263 -14.706 1.00 20.90 ? 60  ASP A O    1 
ATOM   469  C CB   . ASP A 1 60  ? -7.339  -16.975 -12.781 1.00 25.06 ? 60  ASP A CB   1 
ATOM   470  C CG   . ASP A 1 60  ? -8.458  -16.195 -12.085 1.00 28.62 ? 60  ASP A CG   1 
ATOM   471  O OD1  . ASP A 1 60  ? -8.170  -15.234 -11.361 1.00 33.05 ? 60  ASP A OD1  1 
ATOM   472  O OD2  . ASP A 1 60  ? -9.637  -16.605 -12.256 1.00 35.89 ? 60  ASP A OD2  1 
ATOM   473  N N    . GLN A 1 61  ? -4.289  -17.456 -12.455 1.00 20.66 ? 61  GLN A N    1 
ATOM   474  C CA   . GLN A 1 61  ? -3.223  -18.431 -12.543 1.00 20.74 ? 61  GLN A CA   1 
ATOM   475  C C    . GLN A 1 61  ? -2.064  -18.008 -13.477 1.00 19.38 ? 61  GLN A C    1 
ATOM   476  O O    . GLN A 1 61  ? -1.582  -18.840 -14.273 1.00 19.61 ? 61  GLN A O    1 
ATOM   477  C CB   . GLN A 1 61  ? -3.833  -19.781 -12.916 1.00 21.73 ? 61  GLN A CB   1 
ATOM   478  C CG   . GLN A 1 61  ? -3.166  -20.949 -12.268 1.00 25.11 ? 61  GLN A CG   1 
ATOM   479  C CD   . GLN A 1 61  ? -3.988  -22.226 -12.331 1.00 27.20 ? 61  GLN A CD   1 
ATOM   480  O OE1  . GLN A 1 61  ? -5.196  -22.199 -12.077 1.00 34.22 ? 61  GLN A OE1  1 
ATOM   481  N NE2  . GLN A 1 61  ? -3.347  -23.341 -12.635 1.00 24.58 ? 61  GLN A NE2  1 
ATOM   482  N N    . ILE A 1 62  ? -1.663  -16.739 -13.399 1.00 19.06 ? 62  ILE A N    1 
ATOM   483  C CA   . ILE A 1 62  ? -0.573  -16.144 -14.224 1.00 19.59 ? 62  ILE A CA   1 
ATOM   484  C C    . ILE A 1 62  ? 0.760   -16.299 -13.455 1.00 18.48 ? 62  ILE A C    1 
ATOM   485  O O    . ILE A 1 62  ? 0.894   -15.850 -12.295 1.00 18.13 ? 62  ILE A O    1 
ATOM   486  C CB   . ILE A 1 62  ? -0.808  -14.645 -14.508 1.00 20.79 ? 62  ILE A CB   1 
ATOM   487  C CG1  . ILE A 1 62  ? -2.068  -14.379 -15.338 1.00 20.47 ? 62  ILE A CG1  1 
ATOM   488  C CG2  . ILE A 1 62  ? 0.387   -14.058 -15.228 1.00 21.23 ? 62  ILE A CG2  1 
ATOM   489  C CD1  . ILE A 1 62  ? -2.130  -15.127 -16.630 1.00 20.83 ? 62  ILE A CD1  1 
ATOM   490  N N    . PRO A 1 63  ? 1.757   -16.948 -14.058 1.00 17.27 ? 63  PRO A N    1 
ATOM   491  C CA   . PRO A 1 63  ? 3.070   -16.970 -13.401 1.00 17.31 ? 63  PRO A CA   1 
ATOM   492  C C    . PRO A 1 63  ? 3.733   -15.587 -13.384 1.00 19.38 ? 63  PRO A C    1 
ATOM   493  O O    . PRO A 1 63  ? 3.689   -14.858 -14.409 1.00 21.77 ? 63  PRO A O    1 
ATOM   494  C CB   . PRO A 1 63  ? 3.871   -17.954 -14.277 1.00 18.39 ? 63  PRO A CB   1 
ATOM   495  C CG   . PRO A 1 63  ? 2.875   -18.716 -14.984 1.00 19.06 ? 63  PRO A CG   1 
ATOM   496  C CD   . PRO A 1 63  ? 1.803   -17.740 -15.305 1.00 16.49 ? 63  PRO A CD   1 
ATOM   497  N N    . VAL A 1 64  ? 4.311   -15.199 -12.232 1.00 19.35 ? 64  VAL A N    1 
ATOM   498  C CA   . VAL A 1 64  ? 4.955   -13.872 -12.093 1.00 21.07 ? 64  VAL A CA   1 
ATOM   499  C C    . VAL A 1 64  ? 6.232   -14.111 -11.296 1.00 22.32 ? 64  VAL A C    1 
ATOM   500  O O    . VAL A 1 64  ? 6.172   -14.743 -10.246 1.00 24.34 ? 64  VAL A O    1 
ATOM   501  C CB   . VAL A 1 64  ? 4.066   -12.863 -11.355 1.00 21.24 ? 64  VAL A CB   1 
ATOM   502  C CG1  . VAL A 1 64  ? 4.736   -11.490 -11.248 1.00 24.26 ? 64  VAL A CG1  1 
ATOM   503  C CG2  . VAL A 1 64  ? 2.681   -12.694 -12.005 1.00 20.87 ? 64  VAL A CG2  1 
ATOM   504  N N    . GLU A 1 65  ? 7.387   -13.649 -11.776 1.00 22.29 ? 65  GLU A N    1 
ATOM   505  C CA   . GLU A 1 65  ? 8.627   -13.734 -10.992 1.00 23.74 ? 65  GLU A CA   1 
ATOM   506  C C    . GLU A 1 65  ? 8.884   -12.372 -10.371 1.00 23.39 ? 65  GLU A C    1 
ATOM   507  O O    . GLU A 1 65  ? 8.868   -11.366 -11.062 1.00 25.36 ? 65  GLU A O    1 
ATOM   508  C CB   . GLU A 1 65  ? 9.837   -14.183 -11.820 1.00 24.27 ? 65  GLU A CB   1 
ATOM   509  C CG   . GLU A 1 65  ? 10.953  -14.748 -10.931 1.00 28.64 ? 65  GLU A CG   1 
ATOM   510  C CD   . GLU A 1 65  ? 12.040  -15.496 -11.730 1.00 29.24 ? 65  GLU A CD   1 
ATOM   511  O OE1  . GLU A 1 65  ? 12.981  -16.080 -11.112 1.00 36.08 ? 65  GLU A OE1  1 
ATOM   512  O OE2  . GLU A 1 65  ? 11.955  -15.512 -12.972 0.50 34.43 ? 65  GLU A OE2  1 
ATOM   513  N N    . ILE A 1 66  ? 8.998   -12.318 -9.052  1.00 22.23 ? 66  ILE A N    1 
ATOM   514  C CA   . ILE A 1 66  ? 9.091   -11.033 -8.338  1.00 22.32 ? 66  ILE A CA   1 
ATOM   515  C C    . ILE A 1 66  ? 10.430  -10.959 -7.633  1.00 23.20 ? 66  ILE A C    1 
ATOM   516  O O    . ILE A 1 66  ? 10.669  -11.718 -6.708  1.00 22.03 ? 66  ILE A O    1 
ATOM   517  C CB   . ILE A 1 66  ? 7.987   -10.918 -7.270  1.00 22.99 ? 66  ILE A CB   1 
ATOM   518  C CG1  . ILE A 1 66  ? 6.629   -10.974 -7.945  1.00 23.32 ? 66  ILE A CG1  1 
ATOM   519  C CG2  . ILE A 1 66  ? 8.131   -9.582  -6.462  1.00 22.20 ? 66  ILE A CG2  1 
ATOM   520  C CD1  . ILE A 1 66  ? 5.464   -11.317 -7.057  1.00 25.20 ? 66  ILE A CD1  1 
HETATM 521  N N    . ABA A 1 67  ? 11.310  -10.051 -8.071  1.00 25.73 ? 67  ABA A N    1 
HETATM 522  C CA   . ABA A 1 67  ? 12.710  -10.062 -7.647  1.00 27.57 ? 67  ABA A CA   1 
HETATM 523  C C    . ABA A 1 67  ? 13.286  -11.472 -7.462  1.00 28.21 ? 67  ABA A C    1 
HETATM 524  O O    . ABA A 1 67  ? 13.980  -11.784 -6.486  1.00 29.44 ? 67  ABA A O    1 
HETATM 525  C CB   . ABA A 1 67  ? 12.946  -9.132  -6.423  1.00 28.84 ? 67  ABA A CB   1 
HETATM 526  C CG   . ABA A 1 67  ? 11.692  -8.845  -5.657  1.00 31.56 ? 67  ABA A CG   1 
ATOM   527  N N    . GLY A 1 68  ? 13.038  -12.337 -8.444  1.00 27.27 ? 68  GLY A N    1 
ATOM   528  C CA   . GLY A 1 68  ? 13.573  -13.659 -8.422  1.00 25.75 ? 68  GLY A CA   1 
ATOM   529  C C    . GLY A 1 68  ? 12.774  -14.751 -7.742  1.00 25.16 ? 68  GLY A C    1 
ATOM   530  O O    . GLY A 1 68  ? 13.162  -15.909 -7.789  1.00 25.50 ? 68  GLY A O    1 
ATOM   531  N N    . HIS A 1 69  ? 11.668  -14.388 -7.112  1.00 22.56 ? 69  HIS A N    1 
ATOM   532  C CA   . HIS A 1 69  ? 10.827  -15.340 -6.373  1.00 22.97 ? 69  HIS A CA   1 
ATOM   533  C C    . HIS A 1 69  ? 9.621   -15.629 -7.227  1.00 21.64 ? 69  HIS A C    1 
ATOM   534  O O    . HIS A 1 69  ? 9.000   -14.723 -7.724  1.00 22.07 ? 69  HIS A O    1 
ATOM   535  C CB   . HIS A 1 69  ? 10.339  -14.721 -5.052  1.00 24.21 ? 69  HIS A CB   1 
ATOM   536  C CG   . HIS A 1 69  ? 11.400  -14.589 -4.018  1.00 26.96 ? 69  HIS A CG   1 
ATOM   537  N ND1  . HIS A 1 69  ? 12.340  -13.587 -4.051  1.00 34.30 ? 69  HIS A ND1  1 
ATOM   538  C CD2  . HIS A 1 69  ? 11.680  -15.342 -2.925  1.00 28.75 ? 69  HIS A CD2  1 
ATOM   539  C CE1  . HIS A 1 69  ? 13.167  -13.732 -3.026  1.00 33.01 ? 69  HIS A CE1  1 
ATOM   540  N NE2  . HIS A 1 69  ? 12.775  -14.777 -2.321  1.00 32.32 ? 69  HIS A NE2  1 
ATOM   541  N N    . LYS A 1 70  ? 9.262   -16.898 -7.356  1.00 20.57 ? 70  LYS A N    1 
ATOM   542  C CA   . LYS A 1 70  ? 8.148   -17.317 -8.210  1.00 22.03 ? 70  LYS A CA   1 
ATOM   543  C C    . LYS A 1 70  ? 6.774   -17.241 -7.509  1.00 20.50 ? 70  LYS A C    1 
ATOM   544  O O    . LYS A 1 70  ? 6.609   -17.601 -6.334  1.00 22.70 ? 70  LYS A O    1 
ATOM   545  C CB   . LYS A 1 70  ? 8.385   -18.717 -8.741  1.00 23.74 ? 70  LYS A CB   1 
ATOM   546  C CG   . LYS A 1 70  ? 9.390   -18.756 -9.890  1.00 26.23 ? 70  LYS A CG   1 
ATOM   547  C CD   . LYS A 1 70  ? 10.096  -20.072 -10.025 1.00 31.44 ? 70  LYS A CD   1 
ATOM   548  C CE   . LYS A 1 70  ? 11.142  -20.043 -11.161 1.00 32.00 ? 70  LYS A CE   1 
ATOM   549  N NZ   . LYS A 1 70  ? 11.764  -18.682 -11.346 0.50 32.74 ? 70  LYS A NZ   1 
ATOM   550  N N    . ALA A 1 71  ? 5.798   -16.732 -8.235  1.00 18.45 ? 71  ALA A N    1 
ATOM   551  C CA   . ALA A 1 71  ? 4.392   -16.731 -7.780  1.00 17.33 ? 71  ALA A CA   1 
ATOM   552  C C    . ALA A 1 71  ? 3.566   -17.150 -8.992  1.00 17.74 ? 71  ALA A C    1 
ATOM   553  O O    . ALA A 1 71  ? 4.024   -17.040 -10.139 1.00 18.35 ? 71  ALA A O    1 
ATOM   554  C CB   . ALA A 1 71  ? 3.989   -15.389 -7.295  1.00 18.83 ? 71  ALA A CB   1 
ATOM   555  N N    . ILE A 1 72  ? 2.387   -17.705 -8.731  1.00 17.97 ? 72  ILE A N    1 
ATOM   556  C CA   . ILE A 1 72  ? 1.418   -18.003 -9.794  1.00 18.16 ? 72  ILE A CA   1 
ATOM   557  C C    . ILE A 1 72  ? 0.073   -17.637 -9.221  1.00 18.90 ? 72  ILE A C    1 
ATOM   558  O O    . ILE A 1 72  ? -0.352  -18.240 -8.249  1.00 19.03 ? 72  ILE A O    1 
ATOM   559  C CB   . ILE A 1 72  ? 1.392   -19.470 -10.209 1.00 18.65 ? 72  ILE A CB   1 
ATOM   560  C CG1  . ILE A 1 72  ? 2.768   -19.980 -10.658 1.00 15.37 ? 72  ILE A CG1  1 
ATOM   561  C CG2  . ILE A 1 72  ? 0.373   -19.649 -11.344 1.00 19.44 ? 72  ILE A CG2  1 
ATOM   562  C CD1  . ILE A 1 72  ? 2.807   -21.492 -10.906 1.00 16.99 ? 72  ILE A CD1  1 
ATOM   563  N N    . GLY A 1 73  ? -0.558  -16.615 -9.779  1.00 17.76 ? 73  GLY A N    1 
ATOM   564  C CA   . GLY A 1 73  ? -1.820  -16.162 -9.239  1.00 17.28 ? 73  GLY A CA   1 
ATOM   565  C C    . GLY A 1 73  ? -2.534  -15.168 -10.099 1.00 18.87 ? 73  GLY A C    1 
ATOM   566  O O    . GLY A 1 73  ? -2.219  -14.978 -11.279 1.00 19.36 ? 73  GLY A O    1 
ATOM   567  N N    . THR A 1 74  ? -3.489  -14.501 -9.452  1.00 19.35 ? 74  THR A N    1 
ATOM   568  C CA   . THR A 1 74  ? -4.410  -13.594 -10.168 1.00 19.33 ? 74  THR A CA   1 
ATOM   569  C C    . THR A 1 74  ? -3.685  -12.273 -10.431 1.00 20.75 ? 74  THR A C    1 
ATOM   570  O O    . THR A 1 74  ? -3.027  -11.702 -9.530  1.00 21.10 ? 74  THR A O    1 
ATOM   571  C CB   . THR A 1 74  ? -5.682  -13.415 -9.357  1.00 21.01 ? 74  THR A CB   1 
ATOM   572  O OG1  . THR A 1 74  ? -6.342  -14.686 -9.208  1.00 22.98 ? 74  THR A OG1  1 
ATOM   573  C CG2  . THR A 1 74  ? -6.552  -12.432 -9.991  1.00 20.74 ? 74  THR A CG2  1 
ATOM   574  N N    . VAL A 1 75  ? -3.824  -11.769 -11.644 1.00 20.01 ? 75  VAL A N    1 
ATOM   575  C CA   . VAL A 1 75  ? -3.278  -10.457 -12.026 1.00 18.86 ? 75  VAL A CA   1 
ATOM   576  C C    . VAL A 1 75  ? -4.396  -9.669  -12.660 1.00 20.19 ? 75  VAL A C    1 
ATOM   577  O O    . VAL A 1 75  ? -5.081  -10.174 -13.544 1.00 19.60 ? 75  VAL A O    1 
ATOM   578  C CB   . VAL A 1 75  ? -2.168  -10.583 -13.043 1.00 20.24 ? 75  VAL A CB   1 
ATOM   579  C CG1  . VAL A 1 75  ? -1.699  -9.225  -13.548 1.00 20.59 ? 75  VAL A CG1  1 
ATOM   580  C CG2  . VAL A 1 75  ? -0.966  -11.444 -12.456 1.00 19.59 ? 75  VAL A CG2  1 
ATOM   581  N N    . LEU A 1 76  ? -4.617  -8.473  -12.174 1.00 18.97 ? 76  LEU A N    1 
ATOM   582  C CA   . LEU A 1 76  ? -5.606  -7.569  -12.741 1.00 19.50 ? 76  LEU A CA   1 
ATOM   583  C C    . LEU A 1 76  ? -4.881  -6.559  -13.629 1.00 20.37 ? 76  LEU A C    1 
ATOM   584  O O    . LEU A 1 76  ? -3.857  -6.015  -13.237 1.00 21.63 ? 76  LEU A O    1 
ATOM   585  C CB   . LEU A 1 76  ? -6.354  -6.817  -11.638 1.00 19.33 ? 76  LEU A CB   1 
ATOM   586  C CG   . LEU A 1 76  ? -6.921  -7.649  -10.486 1.00 20.76 ? 76  LEU A CG   1 
ATOM   587  C CD1  . LEU A 1 76  ? -7.607  -6.805  -9.408  1.00 22.34 ? 76  LEU A CD1  1 
ATOM   588  C CD2  . LEU A 1 76  ? -7.844  -8.755  -11.035 1.00 23.96 ? 76  LEU A CD2  1 
ATOM   589  N N    . VAL A 1 77  ? -5.438  -6.310  -14.824 1.00 19.45 ? 77  VAL A N    1 
ATOM   590  C CA   . VAL A 1 77  ? -4.841  -5.421  -15.798 1.00 19.22 ? 77  VAL A CA   1 
ATOM   591  C C    . VAL A 1 77  ? -5.805  -4.263  -16.073 1.00 19.75 ? 77  VAL A C    1 
ATOM   592  O O    . VAL A 1 77  ? -6.971  -4.494  -16.370 1.00 21.44 ? 77  VAL A O    1 
ATOM   593  C CB   . VAL A 1 77  ? -4.509  -6.132  -17.122 1.00 19.63 ? 77  VAL A CB   1 
ATOM   594  C CG1  . VAL A 1 77  ? -3.913  -5.137  -18.105 1.00 21.99 ? 77  VAL A CG1  1 
ATOM   595  C CG2  . VAL A 1 77  ? -3.528  -7.260  -16.787 1.00 21.74 ? 77  VAL A CG2  1 
ATOM   596  N N    . GLY A 1 78  ? -5.305  -3.040  -15.939 1.00 20.60 ? 78  GLY A N    1 
ATOM   597  C CA   . GLY A 1 78  ? -6.163  -1.879  -16.096 1.00 21.64 ? 78  GLY A CA   1 
ATOM   598  C C    . GLY A 1 78  ? -5.432  -0.597  -15.822 1.00 23.00 ? 78  GLY A C    1 
ATOM   599  O O    . GLY A 1 78  ? -4.223  -0.627  -15.590 1.00 21.71 ? 78  GLY A O    1 
ATOM   600  N N    . PRO A 1 79  ? -6.162  0.537   -15.842 1.00 23.19 ? 79  PRO A N    1 
ATOM   601  C CA   . PRO A 1 79  ? -5.575  1.856   -15.734 1.00 23.40 ? 79  PRO A CA   1 
ATOM   602  C C    . PRO A 1 79  ? -5.188  2.267   -14.341 1.00 23.36 ? 79  PRO A C    1 
ATOM   603  O O    . PRO A 1 79  ? -5.630  3.263   -13.798 1.00 24.12 ? 79  PRO A O    1 
ATOM   604  C CB   . PRO A 1 79  ? -6.671  2.756   -16.324 1.00 23.79 ? 79  PRO A CB   1 
ATOM   605  C CG   . PRO A 1 79  ? -7.924  2.086   -15.921 1.00 24.03 ? 79  PRO A CG   1 
ATOM   606  C CD   . PRO A 1 79  ? -7.610  0.618   -16.116 1.00 23.29 ? 79  PRO A CD   1 
ATOM   607  N N    . THR A 1 80  ? -4.335  1.459   -13.740 1.00 23.34 ? 80  THR A N    1 
ATOM   608  C CA   . THR A 1 80  ? -3.715  1.834   -12.489 1.00 22.63 ? 80  THR A CA   1 
ATOM   609  C C    . THR A 1 80  ? -2.587  2.828   -12.730 1.00 22.51 ? 80  THR A C    1 
ATOM   610  O O    . THR A 1 80  ? -1.857  2.730   -13.719 1.00 22.38 ? 80  THR A O    1 
ATOM   611  C CB   . THR A 1 80  ? -3.179  0.598   -11.781 1.00 23.23 ? 80  THR A CB   1 
ATOM   612  O OG1  . THR A 1 80  ? -2.546  0.994   -10.597 1.00 22.98 ? 80  THR A OG1  1 
ATOM   613  C CG2  . THR A 1 80  ? -2.205  -0.164  -12.679 1.00 24.39 ? 80  THR A CG2  1 
ATOM   614  N N    . PRO A 1 81  ? -2.412  3.797   -11.835 1.00 22.50 ? 81  PRO A N    1 
ATOM   615  C CA   . PRO A 1 81  ? -1.292  4.730   -11.990 1.00 22.53 ? 81  PRO A CA   1 
ATOM   616  C C    . PRO A 1 81  ? 0.105   4.188   -11.828 1.00 23.70 ? 81  PRO A C    1 
ATOM   617  O O    . PRO A 1 81  ? 1.078   4.785   -12.341 1.00 24.66 ? 81  PRO A O    1 
ATOM   618  C CB   . PRO A 1 81  ? -1.499  5.743   -10.882 1.00 23.91 ? 81  PRO A CB   1 
ATOM   619  C CG   . PRO A 1 81  ? -2.475  5.244   -10.049 1.00 25.44 ? 81  PRO A CG   1 
ATOM   620  C CD   . PRO A 1 81  ? -3.263  4.177   -10.713 1.00 24.03 ? 81  PRO A CD   1 
ATOM   621  N N    . VAL A 1 82  ? 0.198   3.113   -11.052 1.00 21.78 ? 82  VAL A N    1 
ATOM   622  C CA   . VAL A 1 82  ? 1.468   2.467   -10.695 1.00 22.84 ? 82  VAL A CA   1 
ATOM   623  C C    . VAL A 1 82  ? 1.226   0.969   -10.720 1.00 21.15 ? 82  VAL A C    1 
ATOM   624  O O    . VAL A 1 82  ? 0.171   0.532   -10.230 1.00 21.46 ? 82  VAL A O    1 
ATOM   625  C CB   . VAL A 1 82  ? 1.782   2.858   -9.257  1.00 22.51 ? 82  VAL A CB   1 
ATOM   626  C CG1  . VAL A 1 82  ? 3.005   2.133   -8.716  1.00 26.37 ? 82  VAL A CG1  1 
ATOM   627  C CG2  . VAL A 1 82  ? 1.874   4.416   -9.112  1.00 26.78 ? 82  VAL A CG2  1 
ATOM   628  N N    . ASN A 1 83  ? 2.145   0.164   -11.264 1.00 19.88 ? 83  ASN A N    1 
ATOM   629  C CA   . ASN A 1 83  ? 2.027   -1.308  -11.146 1.00 19.55 ? 83  ASN A CA   1 
ATOM   630  C C    . ASN A 1 83  ? 2.239   -1.736  -9.694  1.00 20.09 ? 83  ASN A C    1 
ATOM   631  O O    . ASN A 1 83  ? 3.231   -1.325  -9.090  1.00 19.42 ? 83  ASN A O    1 
ATOM   632  C CB   . ASN A 1 83  ? 3.064   -2.045  -12.019 1.00 20.01 ? 83  ASN A CB   1 
ATOM   633  C CG   . ASN A 1 83  ? 2.948   -1.697  -13.464 1.00 21.96 ? 83  ASN A CG   1 
ATOM   634  O OD1  . ASN A 1 83  ? 1.843   -1.410  -13.945 1.00 24.66 ? 83  ASN A OD1  1 
ATOM   635  N ND2  . ASN A 1 83  ? 4.091   -1.713  -14.202 1.00 22.68 ? 83  ASN A ND2  1 
ATOM   636  N N    . ILE A 1 84  ? 1.350   -2.548  -9.150  1.00 19.76 ? 84  ILE A N    1 
ATOM   637  C CA   . ILE A 1 84  ? 1.444   -2.903  -7.753  1.00 19.38 ? 84  ILE A CA   1 
ATOM   638  C C    . ILE A 1 84  ? 1.340   -4.382  -7.566  1.00 20.59 ? 84  ILE A C    1 
ATOM   639  O O    . ILE A 1 84  ? 0.507   -5.052  -8.199  1.00 19.18 ? 84  ILE A O    1 
ATOM   640  C CB   . ILE A 1 84  ? 0.435   -2.181  -6.837  1.00 21.47 ? 84  ILE A CB   1 
ATOM   641  C CG1  . ILE A 1 84  ? -0.958  -2.430  -7.258  1.00 22.87 ? 84  ILE A CG1  1 
ATOM   642  C CG2  . ILE A 1 84  ? 0.713   -0.670  -6.806  1.00 24.03 ? 84  ILE A CG2  1 
ATOM   643  C CD1  . ILE A 1 84  ? -2.067  -1.711  -6.349  1.00 24.27 ? 84  ILE A CD1  1 
ATOM   644  N N    . ILE A 1 85  ? 2.219   -4.921  -6.725  1.00 19.76 ? 85  ILE A N    1 
ATOM   645  C CA   . ILE A 1 85  ? 2.106   -6.285  -6.258  1.00 20.66 ? 85  ILE A CA   1 
ATOM   646  C C    . ILE A 1 85  ? 1.388   -6.269  -4.913  1.00 20.02 ? 85  ILE A C    1 
ATOM   647  O O    . ILE A 1 85  ? 1.900   -5.727  -3.923  1.00 21.52 ? 85  ILE A O    1 
ATOM   648  C CB   . ILE A 1 85  ? 3.476   -6.940  -6.094  1.00 20.40 ? 85  ILE A CB   1 
ATOM   649  C CG1  . ILE A 1 85  ? 4.348   -6.782  -7.343  1.00 23.11 ? 85  ILE A CG1  1 
ATOM   650  C CG2  . ILE A 1 85  ? 3.332   -8.416  -5.608  1.00 20.76 ? 85  ILE A CG2  1 
ATOM   651  C CD1  . ILE A 1 85  ? 3.763   -7.420  -8.580  1.00 25.81 ? 85  ILE A CD1  1 
ATOM   652  N N    . GLY A 1 86  ? 0.237   -6.894  -4.860  1.00 18.86 ? 86  GLY A N    1 
ATOM   653  C CA   . GLY A 1 86  ? -0.555  -6.876  -3.687  1.00 19.82 ? 86  GLY A CA   1 
ATOM   654  C C    . GLY A 1 86  ? -0.452  -8.176  -2.895  1.00 20.33 ? 86  GLY A C    1 
ATOM   655  O O    . GLY A 1 86  ? 0.344   -9.099  -3.201  1.00 19.68 ? 86  GLY A O    1 
ATOM   656  N N    . ARG A 1 87  ? -1.286  -8.281  -1.879  1.00 18.86 ? 87  ARG A N    1 
ATOM   657  C CA   . ARG A 1 87  ? -1.134  -9.371  -0.901  1.00 19.08 ? 87  ARG A CA   1 
ATOM   658  C C    . ARG A 1 87  ? -1.321  -10.747 -1.499  1.00 18.45 ? 87  ARG A C    1 
ATOM   659  O O    . ARG A 1 87  ? -0.738  -11.707 -0.992  1.00 19.04 ? 87  ARG A O    1 
ATOM   660  C CB   . ARG A 1 87  ? -2.046  -9.162  0.318   1.00 19.53 ? 87  ARG A CB   1 
ATOM   661  C CG   . ARG A 1 87  ? -1.637  -7.948  1.113   1.00 17.73 ? 87  ARG A CG   1 
ATOM   662  C CD   . ARG A 1 87  ? -2.466  -7.799  2.424   1.00 20.35 ? 87  ARG A CD   1 
ATOM   663  N NE   . ARG A 1 87  ? -3.883  -7.647  2.152   1.00 20.46 ? 87  ARG A NE   1 
ATOM   664  C CZ   . ARG A 1 87  ? -4.788  -8.615  2.147   1.00 21.09 ? 87  ARG A CZ   1 
ATOM   665  N NH1  . ARG A 1 87  ? -4.484  -9.867  2.496   1.00 21.11 ? 87  ARG A NH1  1 
ATOM   666  N NH2  . ARG A 1 87  ? -6.049  -8.350  1.790   1.00 20.65 ? 87  ARG A NH2  1 
ATOM   667  N N    . ASN A 1 88  ? -2.158  -10.887 -2.530  1.00 18.45 ? 88  ASN A N    1 
ATOM   668  C CA   . ASN A 1 88  ? -2.366  -12.189 -3.143  1.00 19.46 ? 88  ASN A CA   1 
ATOM   669  C C    . ASN A 1 88  ? -1.061  -12.836 -3.615  1.00 19.96 ? 88  ASN A C    1 
ATOM   670  O O    . ASN A 1 88  ? -0.931  -14.063 -3.480  1.00 20.15 ? 88  ASN A O    1 
ATOM   671  C CB   . ASN A 1 88  ? -3.375  -12.125 -4.268  1.00 20.07 ? 88  ASN A CB   1 
ATOM   672  C CG   . ASN A 1 88  ? -2.827  -11.499 -5.499  1.00 19.94 ? 88  ASN A CG   1 
ATOM   673  O OD1  . ASN A 1 88  ? -2.330  -10.401 -5.479  1.00 21.22 ? 88  ASN A OD1  1 
ATOM   674  N ND2  . ASN A 1 88  ? -2.898  -12.250 -6.631  1.00 21.40 ? 88  ASN A ND2  1 
ATOM   675  N N    . LEU A 1 89  ? -0.106  -12.037 -4.106  1.00 17.93 ? 89  LEU A N    1 
ATOM   676  C CA   . LEU A 1 89  ? 1.220   -12.572 -4.517  1.00 18.16 ? 89  LEU A CA   1 
ATOM   677  C C    . LEU A 1 89  ? 2.310   -12.370 -3.447  1.00 18.52 ? 89  LEU A C    1 
ATOM   678  O O    . LEU A 1 89  ? 3.268   -13.137 -3.364  1.00 19.17 ? 89  LEU A O    1 
ATOM   679  C CB   . LEU A 1 89  ? 1.681   -11.997 -5.838  1.00 19.23 ? 89  LEU A CB   1 
ATOM   680  C CG   . LEU A 1 89  ? 0.749   -12.262 -7.040  1.00 19.52 ? 89  LEU A CG   1 
ATOM   681  C CD1  . LEU A 1 89  ? 1.265   -11.698 -8.362  1.00 20.94 ? 89  LEU A CD1  1 
ATOM   682  C CD2  . LEU A 1 89  ? 0.337   -13.747 -7.221  1.00 21.01 ? 89  LEU A CD2  1 
ATOM   683  N N    . LEU A 1 90  ? 2.213   -11.334 -2.610  1.00 18.60 ? 90  LEU A N    1 
ATOM   684  C CA   . LEU A 1 90  ? 3.185   -11.148 -1.560  1.00 19.03 ? 90  LEU A CA   1 
ATOM   685  C C    . LEU A 1 90  ? 3.196   -12.356 -0.621  1.00 18.30 ? 90  LEU A C    1 
ATOM   686  O O    . LEU A 1 90  ? 4.253   -12.741 -0.084  1.00 18.82 ? 90  LEU A O    1 
ATOM   687  C CB   . LEU A 1 90  ? 2.916   -9.843  -0.766  1.00 18.44 ? 90  LEU A CB   1 
ATOM   688  C CG   . LEU A 1 90  ? 3.065   -8.518  -1.543  1.00 20.21 ? 90  LEU A CG   1 
ATOM   689  C CD1  . LEU A 1 90  ? 2.675   -7.360  -0.605  1.00 23.04 ? 90  LEU A CD1  1 
ATOM   690  C CD2  . LEU A 1 90  ? 4.469   -8.321  -2.011  1.00 21.46 ? 90  LEU A CD2  1 
ATOM   691  N N    . THR A 1 91  ? 2.022   -12.889 -0.316  1.00 17.94 ? 91  THR A N    1 
ATOM   692  C CA   . THR A 1 91  ? 1.937   -14.072 0.544   1.00 18.44 ? 91  THR A CA   1 
ATOM   693  C C    . THR A 1 91  ? 2.637   -15.275 -0.076  1.00 18.21 ? 91  THR A C    1 
ATOM   694  O O    . THR A 1 91  ? 3.240   -16.086 0.644   1.00 20.34 ? 91  THR A O    1 
ATOM   695  C CB   . THR A 1 91  ? 0.516   -14.415 0.897   1.00 20.14 ? 91  THR A CB   1 
ATOM   696  O OG1  . THR A 1 91  ? -0.266  -14.609 -0.291  1.00 20.85 ? 91  THR A OG1  1 
ATOM   697  C CG2  . THR A 1 91  ? -0.066  -13.269 1.818   1.00 19.63 ? 91  THR A CG2  1 
ATOM   698  N N    . GLN A 1 92  ? 2.579   -15.378 -1.394  1.00 17.75 ? 92  GLN A N    1 
ATOM   699  C CA   . GLN A 1 92  ? 3.211   -16.490 -2.101  1.00 18.36 ? 92  GLN A CA   1 
ATOM   700  C C    . GLN A 1 92  ? 4.716   -16.468 -2.048  1.00 18.76 ? 92  GLN A C    1 
ATOM   701  O O    . GLN A 1 92  ? 5.354   -17.539 -2.119  1.00 20.96 ? 92  GLN A O    1 
ATOM   702  C CB   . GLN A 1 92  ? 2.787   -16.544 -3.567  1.00 17.37 ? 92  GLN A CB   1 
ATOM   703  C CG   . GLN A 1 92  ? 1.346   -16.898 -3.764  1.00 17.48 ? 92  GLN A CG   1 
ATOM   704  C CD   . GLN A 1 92  ? 1.031   -17.272 -5.219  1.00 19.36 ? 92  GLN A CD   1 
ATOM   705  O OE1  . GLN A 1 92  ? 1.918   -17.564 -5.997  1.00 21.08 ? 92  GLN A OE1  1 
ATOM   706  N NE2  . GLN A 1 92  ? -0.243  -17.301 -5.547  1.00 19.42 ? 92  GLN A NE2  1 
ATOM   707  N N    . ILE A 1 93  ? 5.289   -15.287 -1.938  1.00 19.86 ? 93  ILE A N    1 
ATOM   708  C CA   . ILE A 1 93  ? 6.737   -15.146 -1.871  1.00 21.07 ? 93  ILE A CA   1 
ATOM   709  C C    . ILE A 1 93  ? 7.241   -14.985 -0.431  1.00 22.58 ? 93  ILE A C    1 
ATOM   710  O O    . ILE A 1 93  ? 8.431   -14.720 -0.204  1.00 26.01 ? 93  ILE A O    1 
ATOM   711  C CB   . ILE A 1 93  ? 7.274   -14.046 -2.801  1.00 19.56 ? 93  ILE A CB   1 
ATOM   712  C CG1  . ILE A 1 93  ? 6.853   -12.661 -2.297  1.00 21.51 ? 93  ILE A CG1  1 
ATOM   713  C CG2  . ILE A 1 93  ? 6.790   -14.225 -4.274  1.00 22.67 ? 93  ILE A CG2  1 
ATOM   714  C CD1  . ILE A 1 93  ? 7.401   -11.552 -3.094  1.00 24.84 ? 93  ILE A CD1  1 
ATOM   715  N N    . GLY A 1 94  ? 6.345   -15.137 0.530   1.00 22.37 ? 94  GLY A N    1 
ATOM   716  C CA   . GLY A 1 94  ? 6.688   -15.175 1.945   1.00 23.32 ? 94  GLY A CA   1 
ATOM   717  C C    . GLY A 1 94  ? 7.003   -13.823 2.525   1.00 22.99 ? 94  GLY A C    1 
ATOM   718  O O    . GLY A 1 94  ? 7.754   -13.708 3.496   1.00 23.70 ? 94  GLY A O    1 
HETATM 719  N N    . ABA A 1 95  ? 6.387   -12.796 1.978   1.00 22.17 ? 95  ABA A N    1 
HETATM 720  C CA   . ABA A 1 95  ? 6.658   -11.407 2.442   1.00 22.10 ? 95  ABA A CA   1 
HETATM 721  C C    . ABA A 1 95  ? 5.912   -11.131 3.745   1.00 22.30 ? 95  ABA A C    1 
HETATM 722  O O    . ABA A 1 95  ? 4.739   -11.492 3.914   1.00 24.10 ? 95  ABA A O    1 
HETATM 723  C CB   . ABA A 1 95  ? 6.261   -10.380 1.384   1.00 23.95 ? 95  ABA A CB   1 
HETATM 724  C CG   . ABA A 1 95  ? 6.579   -8.974  1.789   1.00 23.76 ? 95  ABA A CG   1 
ATOM   725  N N    . THR A 1 96  ? 6.613   -10.514 4.699   1.00 22.08 ? 96  THR A N    1 
ATOM   726  C CA   . THR A 1 96  ? 6.020   -10.055 5.953   1.00 21.51 ? 96  THR A CA   1 
ATOM   727  C C    . THR A 1 96  ? 6.460   -8.601  6.181   1.00 22.05 ? 96  THR A C    1 
ATOM   728  O O    . THR A 1 96  ? 7.466   -8.146  5.633   1.00 21.63 ? 96  THR A O    1 
ATOM   729  C CB   . THR A 1 96  ? 6.438   -10.908 7.174   1.00 23.03 ? 96  THR A CB   1 
ATOM   730  O OG1  . THR A 1 96  ? 7.871   -10.851 7.339   1.00 25.93 ? 96  THR A OG1  1 
ATOM   731  C CG2  . THR A 1 96  ? 6.009   -12.403 7.004   1.00 24.48 ? 96  THR A CG2  1 
ATOM   732  N N    . LEU A 1 97  ? 5.704   -7.907  7.000   1.00 21.54 ? 97  LEU A N    1 
ATOM   733  C CA   . LEU A 1 97  ? 6.095   -6.636  7.552   1.00 22.36 ? 97  LEU A CA   1 
ATOM   734  C C    . LEU A 1 97  ? 6.661   -6.819  8.933   1.00 21.99 ? 97  LEU A C    1 
ATOM   735  O O    . LEU A 1 97  ? 6.138   -7.571  9.739   1.00 24.55 ? 97  LEU A O    1 
ATOM   736  C CB   . LEU A 1 97  ? 4.914   -5.712  7.673   1.00 23.49 ? 97  LEU A CB   1 
ATOM   737  C CG   . LEU A 1 97  ? 4.394   -5.023  6.458   1.00 25.46 ? 97  LEU A CG   1 
ATOM   738  C CD1  . LEU A 1 97  ? 2.947   -4.521  6.750   1.00 27.57 ? 97  LEU A CD1  1 
ATOM   739  C CD2  . LEU A 1 97  ? 5.358   -3.876  6.111   1.00 28.39 ? 97  LEU A CD2  1 
ATOM   740  N N    . ASN A 1 98  ? 7.761   -6.146  9.192   1.00 21.39 ? 98  ASN A N    1 
ATOM   741  C CA   . ASN A 1 98  ? 8.441   -6.315  10.476  1.00 21.53 ? 98  ASN A CA   1 
ATOM   742  C C    . ASN A 1 98  ? 8.833   -4.970  11.062  1.00 23.84 ? 98  ASN A C    1 
ATOM   743  O O    . ASN A 1 98  ? 9.260   -4.097  10.346  1.00 25.04 ? 98  ASN A O    1 
ATOM   744  C CB   . ASN A 1 98  ? 9.677   -7.179  10.306  1.00 21.06 ? 98  ASN A CB   1 
ATOM   745  C CG   . ASN A 1 98  ? 9.335   -8.596  9.877   1.00 24.60 ? 98  ASN A CG   1 
ATOM   746  O OD1  . ASN A 1 98  ? 9.236   -9.491  10.696  1.00 29.46 ? 98  ASN A OD1  1 
ATOM   747  N ND2  . ASN A 1 98  ? 9.177   -8.788  8.585   1.00 25.91 ? 98  ASN A ND2  1 
ATOM   748  N N    . PHE A 1 99  ? 8.643   -4.794  12.357  1.00 25.09 ? 99  PHE A N    1 
ATOM   749  C CA   . PHE A 1 99  ? 9.023   -3.551  12.990  1.00 28.11 ? 99  PHE A CA   1 
ATOM   750  C C    . PHE A 1 99  ? 10.414  -3.671  13.552  1.00 28.29 ? 99  PHE A C    1 
ATOM   751  O O    . PHE A 1 99  ? 10.817  -4.746  14.027  1.00 29.70 ? 99  PHE A O    1 
ATOM   752  C CB   . PHE A 1 99  ? 8.105   -3.206  14.156  1.00 31.11 ? 99  PHE A CB   1 
ATOM   753  C CG   . PHE A 1 99  ? 6.751   -2.645  13.779  1.00 33.44 ? 99  PHE A CG   1 
ATOM   754  C CD1  . PHE A 1 99  ? 6.011   -3.169  12.735  1.00 36.90 ? 99  PHE A CD1  1 
ATOM   755  C CD2  . PHE A 1 99  ? 6.177   -1.662  14.580  1.00 34.24 ? 99  PHE A CD2  1 
ATOM   756  C CE1  . PHE A 1 99  ? 4.749   -2.667  12.441  1.00 36.23 ? 99  PHE A CE1  1 
ATOM   757  C CE2  . PHE A 1 99  ? 4.927   -1.163  14.308  1.00 36.30 ? 99  PHE A CE2  1 
ATOM   758  C CZ   . PHE A 1 99  ? 4.198   -1.674  13.240  1.00 35.95 ? 99  PHE A CZ   1 
HETATM 759  N N    . YCM A 1 100 ? 11.111  -2.536  13.553  0.50 27.76 ? 100 YCM A N    1 
HETATM 760  C CA   . YCM A 1 100 ? 12.422  -2.390  14.163  0.50 26.77 ? 100 YCM A CA   1 
HETATM 761  C CB   . YCM A 1 100 ? 12.313  -2.385  15.692  0.50 27.52 ? 100 YCM A CB   1 
HETATM 762  S SG   . YCM A 1 100 ? 11.153  -1.357  16.255  0.50 29.71 ? 100 YCM A SG   1 
HETATM 763  C CD   . YCM A 1 100 ? 9.791   -2.145  16.633  0.50 35.88 ? 100 YCM A CD   1 
HETATM 764  C CE   . YCM A 1 100 ? 9.945   -3.199  17.748  0.50 36.65 ? 100 YCM A CE   1 
HETATM 765  O OZ1  . YCM A 1 100 ? 8.947   -3.775  18.181  0.50 38.99 ? 100 YCM A OZ1  1 
HETATM 766  N NZ2  . YCM A 1 100 ? 11.104  -3.202  18.399  0.50 39.65 ? 100 YCM A NZ2  1 
HETATM 767  C C    . YCM A 1 100 ? 13.388  -3.450  13.665  0.50 26.20 ? 100 YCM A C    1 
HETATM 768  O O    . YCM A 1 100 ? 14.141  -4.020  14.416  0.50 23.94 ? 100 YCM A O    1 
ATOM   769  N N    . GLY A 1 101 ? 13.319  -3.701  12.366  0.50 26.53 ? 101 GLY A N    1 
ATOM   770  C CA   . GLY A 1 101 ? 14.214  -4.645  11.720  0.50 26.59 ? 101 GLY A CA   1 
ATOM   771  C C    . GLY A 1 101 ? 14.023  -6.105  12.051  0.50 26.68 ? 101 GLY A C    1 
ATOM   772  O O    . GLY A 1 101 ? 14.871  -6.918  11.717  0.50 26.60 ? 101 GLY A O    1 
ATOM   773  N N    . GLY A 1 102 ? 12.927  -6.446  12.713  0.50 26.57 ? 102 GLY A N    1 
ATOM   774  C CA   . GLY A 1 102 ? 12.672  -7.830  13.095  0.50 26.97 ? 102 GLY A CA   1 
ATOM   775  C C    . GLY A 1 102 ? 12.724  -8.069  14.593  0.50 27.73 ? 102 GLY A C    1 
ATOM   776  O O    . GLY A 1 102 ? 12.542  -9.190  15.067  0.50 28.20 ? 102 GLY A O    1 
ATOM   777  N N    . GLY A 1 103 ? 12.984  -7.014  15.350  0.50 28.38 ? 103 GLY A N    1 
ATOM   778  C CA   . GLY A 1 103 ? 12.977  -7.117  16.801  0.50 29.09 ? 103 GLY A CA   1 
ATOM   779  C C    . GLY A 1 103 ? 11.592  -6.847  17.350  0.50 29.92 ? 103 GLY A C    1 
ATOM   780  O O    . GLY A 1 103 ? 11.320  -7.125  18.520  0.50 29.72 ? 103 GLY A O    1 
ATOM   781  N N    . GLY A 1 104 ? 10.725  -6.295  16.499  0.50 30.78 ? 104 GLY A N    1 
ATOM   782  C CA   . GLY A 1 104 ? 9.356   -5.926  16.883  0.50 31.43 ? 104 GLY A CA   1 
ATOM   783  C C    . GLY A 1 104 ? 8.313   -6.870  16.315  0.50 31.95 ? 104 GLY A C    1 
ATOM   784  O O    . GLY A 1 104 ? 8.660   -7.956  15.861  0.50 31.53 ? 104 GLY A O    1 
ATOM   785  N N    . PRO A 1 105 ? 7.021   -6.465  16.335  1.00 33.17 ? 105 PRO A N    1 
ATOM   786  C CA   . PRO A 1 105 ? 6.016   -7.415  15.832  1.00 32.92 ? 105 PRO A CA   1 
ATOM   787  C C    . PRO A 1 105 ? 6.247   -7.766  14.360  1.00 31.79 ? 105 PRO A C    1 
ATOM   788  O O    . PRO A 1 105 ? 6.746   -6.920  13.587  1.00 32.13 ? 105 PRO A O    1 
ATOM   789  C CB   . PRO A 1 105 ? 4.678   -6.666  16.024  1.00 33.03 ? 105 PRO A CB   1 
ATOM   790  C CG   . PRO A 1 105 ? 5.023   -5.239  16.143  1.00 34.07 ? 105 PRO A CG   1 
ATOM   791  C CD   . PRO A 1 105 ? 6.392   -5.212  16.801  1.00 33.86 ? 105 PRO A CD   1 
ATOM   792  N N    . GLN A 1 106 ? 5.918   -9.004  14.002  1.00 30.76 ? 106 GLN A N    1 
ATOM   793  C CA   . GLN A 1 106 ? 5.881   -9.424  12.619  1.00 30.14 ? 106 GLN A CA   1 
ATOM   794  C C    . GLN A 1 106 ? 4.430   -9.480  12.213  1.00 29.24 ? 106 GLN A C    1 
ATOM   795  O O    . GLN A 1 106 ? 3.611   -10.074 12.902  1.00 28.14 ? 106 GLN A O    1 
ATOM   796  C CB   . GLN A 1 106 ? 6.493   -10.808 12.423  1.00 30.32 ? 106 GLN A CB   1 
ATOM   797  C CG   . GLN A 1 106 ? 6.266   -11.340 11.032  1.00 33.15 ? 106 GLN A CG   1 
ATOM   798  C CD   . GLN A 1 106 ? 7.112   -12.516 10.678  1.00 35.10 ? 106 GLN A CD   1 
ATOM   799  O OE1  . GLN A 1 106 ? 6.622   -13.658 10.627  1.00 38.22 ? 106 GLN A OE1  1 
ATOM   800  N NE2  . GLN A 1 106 ? 8.399   -12.273 10.451  1.00 37.72 ? 106 GLN A NE2  1 
ATOM   801  N N    . ILE A 1 107 ? 4.131   -8.891  11.069  1.00 27.72 ? 107 ILE A N    1 
ATOM   802  C CA   . ILE A 1 107 ? 2.793   -8.890  10.511  1.00 27.73 ? 107 ILE A CA   1 
ATOM   803  C C    . ILE A 1 107 ? 2.792   -9.642  9.181   1.00 25.37 ? 107 ILE A C    1 
ATOM   804  O O    . ILE A 1 107 ? 3.474   -9.262  8.234   1.00 24.18 ? 107 ILE A O    1 
ATOM   805  C CB   . ILE A 1 107 ? 2.323   -7.452  10.328  1.00 28.44 ? 107 ILE A CB   1 
ATOM   806  C CG1  . ILE A 1 107 ? 2.239   -6.742  11.682  1.00 30.78 ? 107 ILE A CG1  1 
ATOM   807  C CG2  . ILE A 1 107 ? 0.975   -7.405  9.620   1.00 31.49 ? 107 ILE A CG2  1 
ATOM   808  C CD1  . ILE A 1 107 ? 1.926   -5.307  11.558  1.00 30.81 ? 107 ILE A CD1  1 
ATOM   809  N N    . THR A 1 108 ? 2.033   -10.750 9.123   1.00 24.47 ? 108 THR A N    1 
ATOM   810  C CA   . THR A 1 108 ? 1.857   -11.517 7.903   1.00 24.08 ? 108 THR A CA   1 
ATOM   811  C C    . THR A 1 108 ? 0.762   -10.807 7.079   1.00 22.98 ? 108 THR A C    1 
ATOM   812  O O    . THR A 1 108 ? 0.094   -9.907  7.553   1.00 24.16 ? 108 THR A O    1 
ATOM   813  C CB   . THR A 1 108 ? 1.481   -12.991 8.200   1.00 25.70 ? 108 THR A CB   1 
ATOM   814  O OG1  . THR A 1 108 ? 0.265   -13.035 8.956   1.00 29.01 ? 108 THR A OG1  1 
ATOM   815  C CG2  . THR A 1 108 ? 2.600   -13.665 8.995   1.00 25.48 ? 108 THR A CG2  1 
ATOM   816  N N    . LEU A 1 109 ? 0.602   -11.226 5.838   1.00 20.25 ? 109 LEU A N    1 
ATOM   817  C CA   . LEU A 1 109 ? -0.216  -10.486 4.878   1.00 19.67 ? 109 LEU A CA   1 
ATOM   818  C C    . LEU A 1 109 ? -1.363  -11.355 4.356   1.00 19.68 ? 109 LEU A C    1 
ATOM   819  O O    . LEU A 1 109 ? -1.964  -11.069 3.326   1.00 19.16 ? 109 LEU A O    1 
ATOM   820  C CB   . LEU A 1 109 ? 0.671   -9.992  3.757   1.00 19.01 ? 109 LEU A CB   1 
ATOM   821  C CG   . LEU A 1 109 ? 1.738   -8.991  4.225   1.00 20.47 ? 109 LEU A CG   1 
ATOM   822  C CD1  . LEU A 1 109 ? 2.692   -8.644  3.095   1.00 23.57 ? 109 LEU A CD1  1 
ATOM   823  C CD2  . LEU A 1 109 ? 1.118   -7.658  4.794   1.00 20.75 ? 109 LEU A CD2  1 
ATOM   824  N N    . TRP A 1 110 ? -1.710  -12.386 5.099   1.00 19.86 ? 110 TRP A N    1 
ATOM   825  C CA   . TRP A 1 110 ? -2.872  -13.189 4.740   1.00 20.28 ? 110 TRP A CA   1 
ATOM   826  C C    . TRP A 1 110 ? -4.153  -12.349 4.776   1.00 21.72 ? 110 TRP A C    1 
ATOM   827  O O    . TRP A 1 110 ? -5.087  -12.588 3.998   1.00 23.51 ? 110 TRP A O    1 
ATOM   828  C CB   . TRP A 1 110 ? -3.053  -14.341 5.692   1.00 21.45 ? 110 TRP A CB   1 
ATOM   829  C CG   . TRP A 1 110 ? -1.951  -15.308 5.667   1.00 19.09 ? 110 TRP A CG   1 
ATOM   830  C CD1  . TRP A 1 110 ? -1.072  -15.575 6.683   1.00 23.36 ? 110 TRP A CD1  1 
ATOM   831  C CD2  . TRP A 1 110 ? -1.638  -16.207 4.607   1.00 20.02 ? 110 TRP A CD2  1 
ATOM   832  N NE1  . TRP A 1 110 ? -0.233  -16.617 6.317   1.00 24.10 ? 110 TRP A NE1  1 
ATOM   833  C CE2  . TRP A 1 110 ? -0.577  -17.036 5.057   1.00 23.42 ? 110 TRP A CE2  1 
ATOM   834  C CE3  . TRP A 1 110 ? -2.202  -16.453 3.350   1.00 22.26 ? 110 TRP A CE3  1 
ATOM   835  C CZ2  . TRP A 1 110 ? -0.035  -18.033 4.261   1.00 25.05 ? 110 TRP A CZ2  1 
ATOM   836  C CZ3  . TRP A 1 110 ? -1.691  -17.481 2.587   1.00 22.12 ? 110 TRP A CZ3  1 
ATOM   837  C CH2  . TRP A 1 110 ? -0.606  -18.242 3.034   1.00 22.87 ? 110 TRP A CH2  1 
ATOM   838  N N    . LYS A 1 111 ? -4.230  -11.434 5.739   1.00 22.01 ? 111 LYS A N    1 
ATOM   839  C CA   . LYS A 1 111 ? -5.334  -10.465 5.763   1.00 22.53 ? 111 LYS A CA   1 
ATOM   840  C C    . LYS A 1 111 ? -4.769  -9.058  5.742   1.00 22.55 ? 111 LYS A C    1 
ATOM   841  O O    . LYS A 1 111 ? -3.559  -8.858  5.801   1.00 21.93 ? 111 LYS A O    1 
ATOM   842  C CB   . LYS A 1 111 ? -6.201  -10.667 6.990   1.00 24.84 ? 111 LYS A CB   1 
ATOM   843  C CG   . LYS A 1 111 ? -5.564  -10.297 8.271   1.00 27.36 ? 111 LYS A CG   1 
ATOM   844  C CD   . LYS A 1 111 ? -6.532  -10.580 9.409   0.50 27.60 ? 111 LYS A CD   1 
ATOM   845  C CE   . LYS A 1 111 ? -5.933  -10.297 10.774  0.50 27.75 ? 111 LYS A CE   1 
ATOM   846  N NZ   . LYS A 1 111 ? -7.007  -10.250 11.773  0.50 28.61 ? 111 LYS A NZ   1 
ATOM   847  N N    . ARG A 1 112 ? -5.638  -8.073  5.598   1.00 20.72 ? 112 ARG A N    1 
ATOM   848  C CA   . ARG A 1 112 ? -5.182  -6.696  5.571   1.00 21.94 ? 112 ARG A CA   1 
ATOM   849  C C    . ARG A 1 112 ? -4.413  -6.388  6.856   1.00 20.43 ? 112 ARG A C    1 
ATOM   850  O O    . ARG A 1 112 ? -4.914  -6.716  7.961   1.00 23.06 ? 112 ARG A O    1 
ATOM   851  C CB   . ARG A 1 112 ? -6.337  -5.750  5.483   1.00 22.39 ? 112 ARG A CB   1 
ATOM   852  C CG   . ARG A 1 112 ? -7.094  -5.840  4.182   1.00 24.37 ? 112 ARG A CG   1 
ATOM   853  C CD   . ARG A 1 112 ? -8.118  -4.669  4.045   1.00 30.79 ? 112 ARG A CD   1 
ATOM   854  N NE   . ARG A 1 112 ? -9.220  -4.800  4.980   0.50 31.94 ? 112 ARG A NE   1 
ATOM   855  C CZ   . ARG A 1 112 ? -9.966  -3.790  5.435   0.50 36.14 ? 112 ARG A CZ   1 
ATOM   856  N NH1  . ARG A 1 112 ? -9.738  -2.520  5.084   1.00 39.22 ? 112 ARG A NH1  1 
ATOM   857  N NH2  . ARG A 1 112 ? -10.939 -4.053  6.288   1.00 36.14 ? 112 ARG A NH2  1 
ATOM   858  N N    . PRO A 1 113 ? -3.261  -5.706  6.721   1.00 20.81 ? 113 PRO A N    1 
ATOM   859  C CA   . PRO A 1 113 ? -2.448  -5.390  7.913   1.00 20.64 ? 113 PRO A CA   1 
ATOM   860  C C    . PRO A 1 113 ? -2.997  -4.158  8.672   1.00 20.89 ? 113 PRO A C    1 
ATOM   861  O O    . PRO A 1 113 ? -2.473  -3.045  8.543   1.00 21.24 ? 113 PRO A O    1 
ATOM   862  C CB   . PRO A 1 113 ? -1.074  -5.140  7.313   1.00 21.39 ? 113 PRO A CB   1 
ATOM   863  C CG   . PRO A 1 113 ? -1.375  -4.591  5.952   1.00 21.55 ? 113 PRO A CG   1 
ATOM   864  C CD   . PRO A 1 113 ? -2.527  -5.410  5.471   1.00 21.75 ? 113 PRO A CD   1 
ATOM   865  N N    . LEU A 1 114 ? -4.045  -4.381  9.433   1.00 21.36 ? 114 LEU A N    1 
ATOM   866  C CA   . LEU A 1 114 ? -4.689  -3.336  10.199  1.00 21.20 ? 114 LEU A CA   1 
ATOM   867  C C    . LEU A 1 114 ? -4.152  -3.333  11.627  1.00 22.22 ? 114 LEU A C    1 
ATOM   868  O O    . LEU A 1 114 ? -4.057  -4.373  12.297  1.00 23.88 ? 114 LEU A O    1 
ATOM   869  C CB   . LEU A 1 114 ? -6.188  -3.526  10.218  1.00 21.40 ? 114 LEU A CB   1 
ATOM   870  C CG   . LEU A 1 114 ? -6.891  -3.394  8.887   1.00 23.30 ? 114 LEU A CG   1 
ATOM   871  C CD1  . LEU A 1 114 ? -8.360  -3.866  9.099   1.00 26.98 ? 114 LEU A CD1  1 
ATOM   872  C CD2  . LEU A 1 114 ? -6.848  -1.976  8.337   1.00 29.47 ? 114 LEU A CD2  1 
ATOM   873  N N    . VAL A 1 115 ? -3.836  -2.141  12.100  1.00 20.86 ? 115 VAL A N    1 
ATOM   874  C CA   . VAL A 1 115 ? -3.334  -1.974  13.448  1.00 21.59 ? 115 VAL A CA   1 
ATOM   875  C C    . VAL A 1 115 ? -4.008  -0.802  14.109  1.00 21.42 ? 115 VAL A C    1 
ATOM   876  O O    . VAL A 1 115 ? -4.665  0.008   13.460  1.00 21.57 ? 115 VAL A O    1 
ATOM   877  C CB   . VAL A 1 115 ? -1.814  -1.742  13.480  1.00 22.86 ? 115 VAL A CB   1 
ATOM   878  C CG1  . VAL A 1 115 ? -1.064  -2.954  12.830  1.00 24.02 ? 115 VAL A CG1  1 
ATOM   879  C CG2  . VAL A 1 115 ? -1.481  -0.422  12.793  1.00 21.40 ? 115 VAL A CG2  1 
ATOM   880  N N    . THR A 1 116 ? -3.828  -0.711  15.428  1.00 21.06 ? 116 THR A N    1 
ATOM   881  C CA   . THR A 1 116 ? -4.368  0.391   16.227  1.00 20.87 ? 116 THR A CA   1 
ATOM   882  C C    . THR A 1 116 ? -3.365  1.545   16.219  1.00 20.86 ? 116 THR A C    1 
ATOM   883  O O    . THR A 1 116 ? -2.168  1.304   16.430  1.00 21.32 ? 116 THR A O    1 
ATOM   884  C CB   . THR A 1 116 ? -4.594  -0.035  17.647  1.00 22.35 ? 116 THR A CB   1 
ATOM   885  O OG1  . THR A 1 116 ? -5.513  -1.119  17.684  1.00 23.97 ? 116 THR A OG1  1 
ATOM   886  C CG2  . THR A 1 116 ? -5.139  1.125   18.489  1.00 19.74 ? 116 THR A CG2  1 
ATOM   887  N N    . ILE A 1 117 ? -3.846  2.750   15.944  1.00 19.19 ? 117 ILE A N    1 
ATOM   888  C CA   . ILE A 1 117 ? -3.035  3.962   16.029  1.00 19.95 ? 117 ILE A CA   1 
ATOM   889  C C    . ILE A 1 117 ? -3.687  4.919   17.019  1.00 19.74 ? 117 ILE A C    1 
ATOM   890  O O    . ILE A 1 117 ? -4.853  4.744   17.365  1.00 20.17 ? 117 ILE A O    1 
ATOM   891  C CB   . ILE A 1 117 ? -2.877  4.644   14.686  1.00 19.84 ? 117 ILE A CB   1 
ATOM   892  C CG1  . ILE A 1 117 ? -4.214  5.136   14.133  1.00 20.06 ? 117 ILE A CG1  1 
ATOM   893  C CG2  . ILE A 1 117 ? -2.243  3.689   13.694  1.00 20.92 ? 117 ILE A CG2  1 
ATOM   894  C CD1  . ILE A 1 117 ? -4.061  6.036   12.995  1.00 23.18 ? 117 ILE A CD1  1 
ATOM   895  N N    . ARG A 1 118 ? -2.912  5.854   17.558  1.00 18.44 ? 118 ARG A N    1 
ATOM   896  C CA   . ARG A 1 118 ? -3.485  6.927   18.347  1.00 19.18 ? 118 ARG A CA   1 
ATOM   897  C C    . ARG A 1 118 ? -3.092  8.231   17.723  1.00 18.85 ? 118 ARG A C    1 
ATOM   898  O O    . ARG A 1 118 ? -1.895  8.451   17.468  1.00 19.62 ? 118 ARG A O    1 
ATOM   899  C CB   . ARG A 1 118 ? -2.972  6.872   19.786  1.00 19.54 ? 118 ARG A CB   1 
ATOM   900  C CG   . ARG A 1 118 ? -3.530  7.933   20.703  1.00 21.50 ? 118 ARG A CG   1 
ATOM   901  C CD   . ARG A 1 118 ? -2.915  7.810   22.135  0.50 21.50 ? 118 ARG A CD   1 
ATOM   902  N NE   . ARG A 1 118 ? -1.493  8.131   22.102  0.50 24.24 ? 118 ARG A NE   1 
ATOM   903  C CZ   . ARG A 1 118 ? -0.663  8.092   23.145  0.50 26.30 ? 118 ARG A CZ   1 
ATOM   904  N NH1  . ARG A 1 118 ? -1.088  7.756   24.358  0.50 26.34 ? 118 ARG A NH1  1 
ATOM   905  N NH2  . ARG A 1 118 ? 0.614   8.411   22.969  0.50 27.12 ? 118 ARG A NH2  1 
ATOM   906  N N    . ILE A 1 119 ? -4.063  9.105   17.495  1.00 18.79 ? 119 ILE A N    1 
ATOM   907  C CA   . ILE A 1 119 ? -3.823  10.402  16.873  1.00 18.88 ? 119 ILE A CA   1 
ATOM   908  C C    . ILE A 1 119 ? -4.836  11.397  17.420  1.00 19.33 ? 119 ILE A C    1 
ATOM   909  O O    . ILE A 1 119 ? -6.020  11.093  17.526  1.00 19.47 ? 119 ILE A O    1 
ATOM   910  C CB   . ILE A 1 119 ? -3.896  10.348  15.344  1.00 19.94 ? 119 ILE A CB   1 
ATOM   911  C CG1  . ILE A 1 119 ? -3.683  11.722  14.722  1.00 20.88 ? 119 ILE A CG1  1 
ATOM   912  C CG2  . ILE A 1 119 ? -5.210  9.709   14.847  1.00 21.39 ? 119 ILE A CG2  1 
ATOM   913  C CD1  . ILE A 1 119 ? -3.457  11.609  13.253  1.00 23.38 ? 119 ILE A CD1  1 
ATOM   914  N N    . GLY A 1 120 ? -4.354  12.564  17.808  1.00 19.51 ? 120 GLY A N    1 
ATOM   915  C CA   . GLY A 1 120 ? -5.222  13.608  18.339  1.00 20.35 ? 120 GLY A CA   1 
ATOM   916  C C    . GLY A 1 120 ? -6.015  13.185  19.564  1.00 20.84 ? 120 GLY A C    1 
ATOM   917  O O    . GLY A 1 120 ? -7.078  13.734  19.827  1.00 23.43 ? 120 GLY A O    1 
ATOM   918  N N    . GLY A 1 121 ? -5.482  12.255  20.339  1.00 20.88 ? 121 GLY A N    1 
ATOM   919  C CA   . GLY A 1 121 ? -6.203  11.736  21.492  1.00 21.01 ? 121 GLY A CA   1 
ATOM   920  C C    . GLY A 1 121 ? -7.283  10.731  21.152  1.00 21.35 ? 121 GLY A C    1 
ATOM   921  O O    . GLY A 1 121 ? -8.053  10.351  22.017  1.00 21.83 ? 121 GLY A O    1 
ATOM   922  N N    . GLN A 1 122 ? -7.346  10.285  19.894  1.00 20.85 ? 122 GLN A N    1 
ATOM   923  C CA   . GLN A 1 122 ? -8.299  9.238   19.505  1.00 22.06 ? 122 GLN A CA   1 
ATOM   924  C C    . GLN A 1 122 ? -7.600  7.954   19.111  1.00 22.22 ? 122 GLN A C    1 
ATOM   925  O O    . GLN A 1 122 ? -6.510  8.017   18.516  1.00 22.29 ? 122 GLN A O    1 
ATOM   926  C CB   . GLN A 1 122 ? -9.052  9.711   18.287  1.00 23.48 ? 122 GLN A CB   1 
ATOM   927  C CG   . GLN A 1 122 ? -9.931  10.882  18.539  1.00 26.56 ? 122 GLN A CG   1 
ATOM   928  C CD   . GLN A 1 122 ? -11.374 10.465  18.499  1.00 31.83 ? 122 GLN A CD   1 
ATOM   929  O OE1  . GLN A 1 122 ? -11.894 10.100  17.433  1.00 36.84 ? 122 GLN A OE1  1 
ATOM   930  N NE2  . GLN A 1 122 ? -12.025 10.470  19.661  1.00 30.16 ? 122 GLN A NE2  1 
ATOM   931  N N    . LEU A 1 123 ? -8.220  6.799   19.387  1.00 21.93 ? 123 LEU A N    1 
ATOM   932  C CA   . LEU A 1 123 ? -7.715  5.509   18.889  1.00 22.01 ? 123 LEU A CA   1 
ATOM   933  C C    . LEU A 1 123 ? -8.469  5.189   17.630  1.00 22.18 ? 123 LEU A C    1 
ATOM   934  O O    . LEU A 1 123 ? -9.669  5.404   17.560  1.00 22.08 ? 123 LEU A O    1 
ATOM   935  C CB   . LEU A 1 123 ? -7.910  4.376   19.888  1.00 22.85 ? 123 LEU A CB   1 
ATOM   936  C CG   . LEU A 1 123 ? -7.120  4.393   21.203  1.00 24.04 ? 123 LEU A CG   1 
ATOM   937  C CD1  . LEU A 1 123 ? -7.422  3.208   22.083  1.00 25.08 ? 123 LEU A CD1  1 
ATOM   938  C CD2  . LEU A 1 123 ? -5.627  4.421   20.887  1.00 25.99 ? 123 LEU A CD2  1 
ATOM   939  N N    . LYS A 1 124 ? -7.771  4.647   16.639  1.00 20.96 ? 124 LYS A N    1 
ATOM   940  C CA   . LYS A 1 124 ? -8.382  4.346   15.329  1.00 21.99 ? 124 LYS A CA   1 
ATOM   941  C C    . LYS A 1 124 ? -7.698  3.108   14.783  1.00 22.05 ? 124 LYS A C    1 
ATOM   942  O O    . LYS A 1 124 ? -6.658  2.725   15.274  1.00 22.96 ? 124 LYS A O    1 
ATOM   943  C CB   . LYS A 1 124 ? -8.200  5.498   14.335  1.00 22.34 ? 124 LYS A CB   1 
ATOM   944  C CG   . LYS A 1 124 ? -8.854  6.781   14.752  1.00 25.73 ? 124 LYS A CG   1 
ATOM   945  C CD   . LYS A 1 124 ? -8.651  7.860   13.729  1.00 31.27 ? 124 LYS A CD   1 
ATOM   946  C CE   . LYS A 1 124 ? -9.371  9.139   14.131  1.00 34.52 ? 124 LYS A CE   1 
ATOM   947  N NZ   . LYS A 1 124 ? -10.838 8.925   14.107  1.00 35.62 ? 124 LYS A NZ   1 
ATOM   948  N N    . GLU A 1 125 ? -8.334  2.445   13.821  1.00 22.97 ? 125 GLU A N    1 
ATOM   949  C CA   . GLU A 1 125 ? -7.700  1.353   13.103  1.00 23.27 ? 125 GLU A CA   1 
ATOM   950  C C    . GLU A 1 125 ? -7.113  1.917   11.812  1.00 21.56 ? 125 GLU A C    1 
ATOM   951  O O    . GLU A 1 125 ? -7.726  2.775   11.193  1.00 21.27 ? 125 GLU A O    1 
ATOM   952  C CB   . GLU A 1 125 ? -8.729  0.271   12.790  1.00 24.40 ? 125 GLU A CB   1 
ATOM   953  C CG   . GLU A 1 125 ? -8.147  -1.037  12.278  0.50 26.64 ? 125 GLU A CG   1 
ATOM   954  C CD   . GLU A 1 125 ? -9.163  -2.200  12.319  0.50 28.66 ? 125 GLU A CD   1 
ATOM   955  O OE1  . GLU A 1 125 ? -10.261 -2.099  11.698  1.00 38.07 ? 125 GLU A OE1  1 
ATOM   956  O OE2  . GLU A 1 125 ? -8.851  -3.226  12.982  1.00 38.56 ? 125 GLU A OE2  1 
ATOM   957  N N    . ALA A 1 126 ? -5.933  1.436   11.394  1.00 20.30 ? 126 ALA A N    1 
ATOM   958  C CA   . ALA A 1 126 ? -5.326  1.926   10.176  1.00 19.25 ? 126 ALA A CA   1 
ATOM   959  C C    . ALA A 1 126 ? -4.598  0.805   9.460   1.00 18.08 ? 126 ALA A C    1 
ATOM   960  O O    . ALA A 1 126 ? -4.123  -0.143  10.103  1.00 20.30 ? 126 ALA A O    1 
ATOM   961  C CB   . ALA A 1 126 ? -4.318  3.077   10.455  1.00 20.46 ? 126 ALA A CB   1 
ATOM   962  N N    . LEU A 1 127 ? -4.490  0.949   8.161   1.00 19.52 ? 127 LEU A N    1 
ATOM   963  C CA   . LEU A 1 127 ? -3.817  -0.008  7.280   1.00 19.91 ? 127 LEU A CA   1 
ATOM   964  C C    . LEU A 1 127 ? -2.355  0.371   7.094   1.00 21.13 ? 127 LEU A C    1 
ATOM   965  O O    . LEU A 1 127 ? -2.046  1.480   6.637   1.00 22.03 ? 127 LEU A O    1 
ATOM   966  C CB   . LEU A 1 127 ? -4.533  0.046   5.911   1.00 20.61 ? 127 LEU A CB   1 
ATOM   967  C CG   . LEU A 1 127 ? -4.175  -0.911  4.813   1.00 23.15 ? 127 LEU A CG   1 
ATOM   968  C CD1  . LEU A 1 127 ? -4.646  -2.299  5.106   1.00 21.69 ? 127 LEU A CD1  1 
ATOM   969  C CD2  . LEU A 1 127 ? -4.829  -0.343  3.526   1.00 23.12 ? 127 LEU A CD2  1 
ATOM   970  N N    . LEU A 1 128 ? -1.445  -0.556  7.364   1.00 20.97 ? 128 LEU A N    1 
ATOM   971  C CA   . LEU A 1 128 ? -0.022  -0.327  7.041   1.00 21.08 ? 128 LEU A CA   1 
ATOM   972  C C    . LEU A 1 128 ? 0.153   -0.516  5.524   1.00 23.38 ? 128 LEU A C    1 
ATOM   973  O O    . LEU A 1 128 ? -0.061  -1.654  5.027   1.00 24.75 ? 128 LEU A O    1 
ATOM   974  C CB   . LEU A 1 128 ? 0.845   -1.317  7.809   1.00 21.70 ? 128 LEU A CB   1 
ATOM   975  C CG   . LEU A 1 128 ? 0.610   -1.255  9.318   1.00 21.85 ? 128 LEU A CG   1 
ATOM   976  C CD1  . LEU A 1 128 ? 1.536   -2.221  10.008  1.00 27.52 ? 128 LEU A CD1  1 
ATOM   977  C CD2  . LEU A 1 128 ? 0.814   0.192   9.850   1.00 27.17 ? 128 LEU A CD2  1 
ATOM   978  N N    . ASP A 1 129 ? 0.468   0.565   4.792   1.00 22.58 ? 129 ASP A N    1 
ATOM   979  C CA   . ASP A 1 129 ? 0.454   0.590   3.318   1.00 22.69 ? 129 ASP A CA   1 
ATOM   980  C C    . ASP A 1 129 ? 1.794   1.001   2.766   1.00 21.81 ? 129 ASP A C    1 
ATOM   981  O O    . ASP A 1 129 ? 2.149   2.195   2.679   1.00 22.79 ? 129 ASP A O    1 
ATOM   982  C CB   . ASP A 1 129 ? -0.674  1.504   2.796   1.00 22.86 ? 129 ASP A CB   1 
ATOM   983  C CG   . ASP A 1 129 ? -0.840  1.457   1.290   1.00 27.78 ? 129 ASP A CG   1 
ATOM   984  O OD1  . ASP A 1 129 ? -0.110  0.663   0.623   1.00 30.17 ? 129 ASP A OD1  1 
ATOM   985  O OD2  . ASP A 1 129 ? -1.762  2.158   0.771   1.00 27.71 ? 129 ASP A OD2  1 
ATOM   986  N N    . THR A 1 130 ? 2.614   0.009   2.382   1.00 20.40 ? 130 THR A N    1 
ATOM   987  C CA   . THR A 1 130 ? 3.932   0.300   1.850   1.00 20.66 ? 130 THR A CA   1 
ATOM   988  C C    . THR A 1 130 ? 3.844   0.934   0.455   1.00 20.50 ? 130 THR A C    1 
ATOM   989  O O    . THR A 1 130 ? 4.827   1.509   -0.033  1.00 22.16 ? 130 THR A O    1 
ATOM   990  C CB   . THR A 1 130 ? 4.794   -0.984  1.741   1.00 20.63 ? 130 THR A CB   1 
ATOM   991  O OG1  . THR A 1 130 ? 4.119   -1.970  0.945   1.00 19.87 ? 130 THR A OG1  1 
ATOM   992  C CG2  . THR A 1 130 ? 5.092   -1.569  3.115   1.00 20.62 ? 130 THR A CG2  1 
ATOM   993  N N    . GLY A 1 131 ? 2.681   0.872   -0.177  1.00 20.80 ? 131 GLY A N    1 
ATOM   994  C CA   . GLY A 1 131 ? 2.436   1.560   -1.421  1.00 21.49 ? 131 GLY A CA   1 
ATOM   995  C C    . GLY A 1 131 ? 1.945   3.003   -1.272  1.00 21.86 ? 131 GLY A C    1 
ATOM   996  O O    . GLY A 1 131 ? 1.526   3.606   -2.267  1.00 23.31 ? 131 GLY A O    1 
ATOM   997  N N    . ALA A 1 132 ? 1.924   3.530   -0.041  1.00 21.20 ? 132 ALA A N    1 
ATOM   998  C CA   . ALA A 1 132 ? 1.497   4.898   0.202   1.00 20.39 ? 132 ALA A CA   1 
ATOM   999  C C    . ALA A 1 132 ? 2.659   5.780   0.617   1.00 20.84 ? 132 ALA A C    1 
ATOM   1000 O O    . ALA A 1 132 ? 3.366   5.436   1.580   1.00 20.94 ? 132 ALA A O    1 
ATOM   1001 C CB   . ALA A 1 132 ? 0.404   4.940   1.268   1.00 21.12 ? 132 ALA A CB   1 
ATOM   1002 N N    . ASP A 1 133 ? 2.871   6.884   -0.087  1.00 20.25 ? 133 ASP A N    1 
ATOM   1003 C CA   . ASP A 1 133 ? 4.000   7.789   0.250   1.00 22.64 ? 133 ASP A CA   1 
ATOM   1004 C C    . ASP A 1 133 ? 3.708   8.489   1.582   1.00 24.50 ? 133 ASP A C    1 
ATOM   1005 O O    . ASP A 1 133 ? 4.624   8.725   2.400   1.00 24.80 ? 133 ASP A O    1 
ATOM   1006 C CB   . ASP A 1 133 ? 4.148   8.860   -0.787  1.00 22.68 ? 133 ASP A CB   1 
ATOM   1007 C CG   . ASP A 1 133 ? 4.726   8.378   -2.097  1.00 27.60 ? 133 ASP A CG   1 
ATOM   1008 O OD1  . ASP A 1 133 ? 5.134   7.209   -2.216  1.00 28.28 ? 133 ASP A OD1  1 
ATOM   1009 O OD2  . ASP A 1 133 ? 4.791   9.240   -3.032  1.00 29.87 ? 133 ASP A OD2  1 
ATOM   1010 N N    . ASP A 1 134 ? 2.412   8.763   1.788   1.00 23.83 ? 134 ASP A N    1 
ATOM   1011 C CA   . ASP A 1 134 ? 1.919   9.615   2.873   1.00 24.03 ? 134 ASP A CA   1 
ATOM   1012 C C    . ASP A 1 134 ? 0.874   8.870   3.692   1.00 23.43 ? 134 ASP A C    1 
ATOM   1013 O O    . ASP A 1 134 ? 0.357   7.827   3.294   1.00 23.60 ? 134 ASP A O    1 
ATOM   1014 C CB   . ASP A 1 134 ? 1.207   10.856  2.277   1.00 25.63 ? 134 ASP A CB   1 
ATOM   1015 C CG   . ASP A 1 134 ? 2.099   11.704  1.422   0.50 27.37 ? 134 ASP A CG   1 
ATOM   1016 O OD1  . ASP A 1 134 ? 3.309   11.844  1.724   1.00 36.18 ? 134 ASP A OD1  1 
ATOM   1017 O OD2  . ASP A 1 134 ? 1.558   12.280  0.455   1.00 37.55 ? 134 ASP A OD2  1 
ATOM   1018 N N    . THR A 1 135 ? 0.537   9.461   4.838   1.00 21.55 ? 135 THR A N    1 
ATOM   1019 C CA   . THR A 1 135 ? -0.425  8.917   5.771   1.00 21.31 ? 135 THR A CA   1 
ATOM   1020 C C    . THR A 1 135 ? -1.733  9.692   5.625   1.00 21.32 ? 135 THR A C    1 
ATOM   1021 O O    . THR A 1 135 ? -1.725  10.907  5.659   1.00 20.22 ? 135 THR A O    1 
ATOM   1022 C CB   . THR A 1 135 ? 0.150   9.089   7.186   1.00 22.23 ? 135 THR A CB   1 
ATOM   1023 O OG1  . THR A 1 135 ? 1.269   8.200   7.331   1.00 22.33 ? 135 THR A OG1  1 
ATOM   1024 C CG2  . THR A 1 135 ? -0.842  8.799   8.269   1.00 21.47 ? 135 THR A CG2  1 
ATOM   1025 N N    . VAL A 1 136 ? -2.863  8.996   5.560   1.00 18.91 ? 136 VAL A N    1 
ATOM   1026 C CA   . VAL A 1 136 ? -4.147  9.609   5.236   1.00 19.79 ? 136 VAL A CA   1 
ATOM   1027 C C    . VAL A 1 136 ? -5.125  9.108   6.288   1.00 20.01 ? 136 VAL A C    1 
ATOM   1028 O O    . VAL A 1 136 ? -5.358  7.887   6.396   1.00 19.82 ? 136 VAL A O    1 
ATOM   1029 C CB   . VAL A 1 136 ? -4.691  9.228   3.850   1.00 19.60 ? 136 VAL A CB   1 
ATOM   1030 C CG1  . VAL A 1 136 ? -5.911  10.180  3.471   1.00 22.29 ? 136 VAL A CG1  1 
ATOM   1031 C CG2  . VAL A 1 136 ? -3.567  9.303   2.774   1.00 22.00 ? 136 VAL A CG2  1 
ATOM   1032 N N    . ILE A 1 137 ? -5.701  10.029  7.052   1.00 19.71 ? 137 ILE A N    1 
ATOM   1033 C CA   . ILE A 1 137 ? -6.629  9.682   8.126   1.00 21.97 ? 137 ILE A CA   1 
ATOM   1034 C C    . ILE A 1 137 ? -8.021  10.243  7.829   1.00 23.27 ? 137 ILE A C    1 
ATOM   1035 O O    . ILE A 1 137 ? -8.134  11.310  7.227   1.00 24.50 ? 137 ILE A O    1 
ATOM   1036 C CB   . ILE A 1 137 ? -6.096  10.187  9.485   1.00 23.47 ? 137 ILE A CB   1 
ATOM   1037 C CG1  . ILE A 1 137 ? -4.679  9.648   9.777   1.00 26.12 ? 137 ILE A CG1  1 
ATOM   1038 C CG2  . ILE A 1 137 ? -7.082  9.879   10.589  1.00 26.51 ? 137 ILE A CG2  1 
ATOM   1039 C CD1  . ILE A 1 137 ? -4.584  8.216   9.944   1.00 29.16 ? 137 ILE A CD1  1 
ATOM   1040 N N    . GLU A 1 138 ? -9.046  9.480   8.224   1.00 24.97 ? 138 GLU A N    1 
ATOM   1041 C CA   . GLU A 1 138 ? -10.461 9.764   7.960   1.00 27.50 ? 138 GLU A CA   1 
ATOM   1042 C C    . GLU A 1 138 ? -10.820 11.026  8.647   1.00 28.11 ? 138 GLU A C    1 
ATOM   1043 O O    . GLU A 1 138 ? -10.235 11.410  9.687   1.00 27.61 ? 138 GLU A O    1 
ATOM   1044 C CB   . GLU A 1 138 ? -11.364 8.655   8.519   1.00 28.55 ? 138 GLU A CB   1 
ATOM   1045 C CG   . GLU A 1 138 ? -12.388 8.016   7.581   0.50 30.22 ? 138 GLU A CG   1 
ATOM   1046 C CD   . GLU A 1 138 ? -13.452 8.982   7.059   0.50 32.18 ? 138 GLU A CD   1 
ATOM   1047 O OE1  . GLU A 1 138 ? -14.586 9.095   7.618   1.00 36.73 ? 138 GLU A OE1  1 
ATOM   1048 O OE2  . GLU A 1 138 ? -13.142 9.625   6.042   1.00 32.99 ? 138 GLU A OE2  1 
ATOM   1049 N N    . GLU A 1 139 ? -11.841 11.664  8.085   0.50 28.45 ? 139 GLU A N    1 
ATOM   1050 C CA   . GLU A 1 139 ? -12.284 12.951  8.555   0.50 29.26 ? 139 GLU A CA   1 
ATOM   1051 C C    . GLU A 1 139 ? -12.279 13.011  10.085  0.50 29.83 ? 139 GLU A C    1 
ATOM   1052 O O    . GLU A 1 139 ? -12.900 12.187  10.763  0.50 29.25 ? 139 GLU A O    1 
ATOM   1053 C CB   . GLU A 1 139 ? -13.663 13.277  7.970   0.50 29.45 ? 139 GLU A CB   1 
ATOM   1054 C CG   . GLU A 1 139 ? -13.562 13.834  6.551   0.50 30.66 ? 139 GLU A CG   1 
ATOM   1055 C CD   . GLU A 1 139 ? -12.787 15.147  6.509   0.50 32.07 ? 139 GLU A CD   1 
ATOM   1056 O OE1  . GLU A 1 139 ? -12.283 15.523  5.432   0.50 35.21 ? 139 GLU A OE1  1 
ATOM   1057 O OE2  . GLU A 1 139 ? -12.668 15.800  7.564   0.50 32.11 ? 139 GLU A OE2  1 
HETATM 1058 N N    . NLE A 1 140 ? -11.535 13.990  10.591  1.00 30.62 ? 140 NLE A N    1 
HETATM 1059 C CA   . NLE A 1 140 ? -11.231 14.115  11.985  1.00 32.52 ? 140 NLE A CA   1 
HETATM 1060 C C    . NLE A 1 140 ? -11.036 15.607  12.216  1.00 33.53 ? 140 NLE A C    1 
HETATM 1061 O O    . NLE A 1 140 ? -10.329 16.255  11.449  1.00 34.61 ? 140 NLE A O    1 
HETATM 1062 C CB   . NLE A 1 140 ? -9.946  13.317  12.285  1.00 32.39 ? 140 NLE A CB   1 
HETATM 1063 C CG   . NLE A 1 140 ? -9.420  13.432  13.726  1.00 34.46 ? 140 NLE A CG   1 
HETATM 1064 C CD   . NLE A 1 140 ? -8.104  12.689  13.956  0.50 33.41 ? 140 NLE A CD   1 
HETATM 1065 C CE   . NLE A 1 140 ? -7.179  12.730  12.734  0.50 34.26 ? 140 NLE A CE   1 
ATOM   1066 N N    . ASN A 1 141 ? -11.675 16.156  13.250  1.00 33.94 ? 141 ASN A N    1 
ATOM   1067 C CA   . ASN A 1 141 ? -11.557 17.585  13.570  1.00 34.83 ? 141 ASN A CA   1 
ATOM   1068 C C    . ASN A 1 141 ? -10.216 17.928  14.237  1.00 34.66 ? 141 ASN A C    1 
ATOM   1069 O O    . ASN A 1 141 ? -10.210 18.475  15.335  1.00 35.71 ? 141 ASN A O    1 
ATOM   1070 C CB   . ASN A 1 141 ? -12.719 18.024  14.473  1.00 34.68 ? 141 ASN A CB   1 
ATOM   1071 C CG   . ASN A 1 141 ? -14.080 17.842  13.819  1.00 35.87 ? 141 ASN A CG   1 
ATOM   1072 O OD1  . ASN A 1 141 ? -14.571 16.720  13.679  0.50 37.75 ? 141 ASN A OD1  1 
ATOM   1073 N ND2  . ASN A 1 141 ? -14.704 18.947  13.431  0.50 36.70 ? 141 ASN A ND2  1 
ATOM   1074 N N    . LEU A 1 142 ? -9.097  17.606  13.583  1.00 34.80 ? 142 LEU A N    1 
ATOM   1075 C CA   . LEU A 1 142 ? -7.747  17.884  14.113  1.00 34.69 ? 142 LEU A CA   1 
ATOM   1076 C C    . LEU A 1 142 ? -7.563  19.381  14.301  1.00 34.09 ? 142 LEU A C    1 
ATOM   1077 O O    . LEU A 1 142 ? -7.824  20.154  13.380  1.00 34.23 ? 142 LEU A O    1 
ATOM   1078 C CB   . LEU A 1 142 ? -6.634  17.391  13.166  1.00 35.61 ? 142 LEU A CB   1 
ATOM   1079 C CG   . LEU A 1 142 ? -5.955  16.029  13.367  1.00 36.21 ? 142 LEU A CG   1 
ATOM   1080 C CD1  . LEU A 1 142 ? -4.877  15.819  12.310  1.00 38.03 ? 142 LEU A CD1  1 
ATOM   1081 C CD2  . LEU A 1 142 ? -5.371  15.872  14.782  1.00 37.29 ? 142 LEU A CD2  1 
ATOM   1082 N N    . PRO A 1 143 ? -7.104  19.807  15.484  0.50 32.52 ? 143 PRO A N    1 
ATOM   1083 C CA   . PRO A 1 143 ? -6.855  21.231  15.618  0.50 31.54 ? 143 PRO A CA   1 
ATOM   1084 C C    . PRO A 1 143 ? -5.550  21.569  14.920  0.50 30.47 ? 143 PRO A C    1 
ATOM   1085 O O    . PRO A 1 143 ? -4.734  20.686  14.672  0.50 29.97 ? 143 PRO A O    1 
ATOM   1086 C CB   . PRO A 1 143 ? -6.758  21.446  17.137  0.50 31.66 ? 143 PRO A CB   1 
ATOM   1087 C CG   . PRO A 1 143 ? -6.813  20.086  17.763  0.50 31.80 ? 143 PRO A CG   1 
ATOM   1088 C CD   . PRO A 1 143 ? -6.756  19.059  16.700  0.50 32.66 ? 143 PRO A CD   1 
ATOM   1089 N N    . GLY A 1 144 ? -5.373  22.828  14.561  0.50 29.78 ? 144 GLY A N    1 
ATOM   1090 C CA   . GLY A 1 144 ? -4.140  23.242  13.935  0.50 29.74 ? 144 GLY A CA   1 
ATOM   1091 C C    . GLY A 1 144 ? -4.348  24.001  12.625  0.50 29.62 ? 144 GLY A C    1 
ATOM   1092 O O    . GLY A 1 144 ? -5.508  24.193  12.113  0.50 29.32 ? 144 GLY A O    1 
HETATM 1093 N N    . YCM A 1 145 ? -3.184  24.417  12.084  1.00 29.80 ? 145 YCM A N    1 
HETATM 1094 C CA   . YCM A 1 145 ? -3.093  25.097  10.803  1.00 29.64 ? 145 YCM A CA   1 
HETATM 1095 C CB   . YCM A 1 145 ? -1.819  25.928  10.713  1.00 29.70 ? 145 YCM A CB   1 
HETATM 1096 S SG   . YCM A 1 145 ? -1.629  27.065  11.877  0.50 31.31 ? 145 YCM A SG   1 
HETATM 1097 C CD   . YCM A 1 145 ? -0.068  27.257  12.348  0.50 31.53 ? 145 YCM A CD   1 
HETATM 1098 C CE   . YCM A 1 145 ? 0.666   26.007  12.923  0.50 34.72 ? 145 YCM A CE   1 
HETATM 1099 O OZ1  . YCM A 1 145 ? 1.819   26.117  13.350  0.50 35.47 ? 145 YCM A OZ1  1 
HETATM 1100 N NZ2  . YCM A 1 145 ? -0.052  24.893  13.085  0.50 34.42 ? 145 YCM A NZ2  1 
HETATM 1101 C C    . YCM A 1 145 ? -2.908  23.974  9.807   1.00 28.09 ? 145 YCM A C    1 
HETATM 1102 O O    . YCM A 1 145 ? -2.406  22.912  10.165  1.00 27.77 ? 145 YCM A O    1 
ATOM   1103 N N    . TRP A 1 146 ? -3.226  24.225  8.544   1.00 27.55 ? 146 TRP A N    1 
ATOM   1104 C CA   . TRP A 1 146 ? -3.098  23.166  7.536   1.00 26.86 ? 146 TRP A CA   1 
ATOM   1105 C C    . TRP A 1 146 ? -3.031  23.790  6.147   1.00 25.96 ? 146 TRP A C    1 
ATOM   1106 O O    . TRP A 1 146 ? -3.371  24.968  5.990   1.00 24.57 ? 146 TRP A O    1 
ATOM   1107 C CB   . TRP A 1 146 ? -4.288  22.197  7.635   1.00 28.41 ? 146 TRP A CB   1 
ATOM   1108 C CG   . TRP A 1 146 ? -5.633  22.834  7.589   1.00 30.31 ? 146 TRP A CG   1 
ATOM   1109 C CD1  . TRP A 1 146 ? -6.328  23.363  8.660   1.00 33.09 ? 146 TRP A CD1  1 
ATOM   1110 C CD2  . TRP A 1 146 ? -6.459  23.046  6.438   1.00 32.29 ? 146 TRP A CD2  1 
ATOM   1111 N NE1  . TRP A 1 146 ? -7.529  23.877  8.235   1.00 33.34 ? 146 TRP A NE1  1 
ATOM   1112 C CE2  . TRP A 1 146 ? -7.633  23.714  6.880   1.00 33.64 ? 146 TRP A CE2  1 
ATOM   1113 C CE3  . TRP A 1 146 ? -6.316  22.771  5.076   1.00 31.42 ? 146 TRP A CE3  1 
ATOM   1114 C CZ2  . TRP A 1 146 ? -8.665  24.069  6.011   1.00 33.25 ? 146 TRP A CZ2  1 
ATOM   1115 C CZ3  . TRP A 1 146 ? -7.348  23.130  4.210   1.00 32.33 ? 146 TRP A CZ3  1 
ATOM   1116 C CH2  . TRP A 1 146 ? -8.505  23.763  4.686   1.00 32.31 ? 146 TRP A CH2  1 
ATOM   1117 N N    . LYS A 1 147 ? -2.596  23.030  5.144   1.00 24.24 ? 147 LYS A N    1 
ATOM   1118 C CA   . LYS A 1 147 ? -2.728  23.513  3.785   1.00 23.99 ? 147 LYS A CA   1 
ATOM   1119 C C    . LYS A 1 147 ? -3.428  22.474  2.907   1.00 22.19 ? 147 LYS A C    1 
ATOM   1120 O O    . LYS A 1 147 ? -3.345  21.321  3.174   1.00 20.63 ? 147 LYS A O    1 
ATOM   1121 C CB   . LYS A 1 147 ? -1.398  23.967  3.201   1.00 25.05 ? 147 LYS A CB   1 
ATOM   1122 C CG   . LYS A 1 147 ? -0.302  22.949  3.068   1.00 26.23 ? 147 LYS A CG   1 
ATOM   1123 C CD   . LYS A 1 147 ? 0.935   23.654  2.487   0.50 28.58 ? 147 LYS A CD   1 
ATOM   1124 C CE   . LYS A 1 147 ? 2.129   22.735  2.276   0.50 30.43 ? 147 LYS A CE   1 
ATOM   1125 N NZ   . LYS A 1 147 ? 3.214   23.467  1.530   0.50 32.06 ? 147 LYS A NZ   1 
ATOM   1126 N N    . PRO A 1 148 ? -4.197  22.932  1.900   1.00 20.78 ? 148 PRO A N    1 
ATOM   1127 C CA   . PRO A 1 148 ? -4.825  21.990  0.967   1.00 19.83 ? 148 PRO A CA   1 
ATOM   1128 C C    . PRO A 1 148 ? -3.824  21.207  0.130   1.00 19.17 ? 148 PRO A C    1 
ATOM   1129 O O    . PRO A 1 148 ? -2.757  21.702  -0.224  1.00 20.42 ? 148 PRO A O    1 
ATOM   1130 C CB   . PRO A 1 148 ? -5.705  22.891  0.089   1.00 19.91 ? 148 PRO A CB   1 
ATOM   1131 C CG   . PRO A 1 148 ? -5.185  24.223  0.249   1.00 19.95 ? 148 PRO A CG   1 
ATOM   1132 C CD   . PRO A 1 148 ? -4.570  24.315  1.595   1.00 21.12 ? 148 PRO A CD   1 
ATOM   1133 N N    . LYS A 1 149 ? -4.199  19.980  -0.179  1.00 17.83 ? 149 LYS A N    1 
ATOM   1134 C CA   . LYS A 1 149 ? -3.396  19.096  -0.990  1.00 18.13 ? 149 LYS A CA   1 
ATOM   1135 C C    . LYS A 1 149 ? -4.363  18.176  -1.754  1.00 18.81 ? 149 LYS A C    1 
ATOM   1136 O O    . LYS A 1 149 ? -5.478  17.957  -1.316  1.00 18.57 ? 149 LYS A O    1 
ATOM   1137 C CB   . LYS A 1 149 ? -2.456  18.264  -0.084  1.00 19.11 ? 149 LYS A CB   1 
ATOM   1138 C CG   . LYS A 1 149 ? -1.381  17.455  -0.793  1.00 21.50 ? 149 LYS A CG   1 
ATOM   1139 C CD   . LYS A 1 149 ? -0.479  16.674  0.158   1.00 23.24 ? 149 LYS A CD   1 
ATOM   1140 C CE   . LYS A 1 149 ? 0.511   15.808  -0.632  1.00 25.69 ? 149 LYS A CE   1 
ATOM   1141 N NZ   . LYS A 1 149 ? 1.501   16.639  -1.309  1.00 31.06 ? 149 LYS A NZ   1 
HETATM 1142 N N    . NLE A 1 150 ? -3.948  17.678  -2.913  1.00 17.34 ? 150 NLE A N    1 
HETATM 1143 C CA   . NLE A 1 150 ? -4.718  16.609  -3.622  1.00 17.47 ? 150 NLE A CA   1 
HETATM 1144 C C    . NLE A 1 150 ? -3.815  15.404  -3.680  1.00 18.56 ? 150 NLE A C    1 
HETATM 1145 O O    . NLE A 1 150 ? -2.621  15.554  -3.924  1.00 20.05 ? 150 NLE A O    1 
HETATM 1146 C CB   . NLE A 1 150 ? -5.209  17.017  -5.031  1.00 18.28 ? 150 NLE A CB   1 
HETATM 1147 C CG   . NLE A 1 150 ? -6.352  17.995  -4.964  1.00 18.80 ? 150 NLE A CG   1 
HETATM 1148 C CD   . NLE A 1 150 ? -7.240  18.040  -6.120  1.00 24.85 ? 150 NLE A CD   1 
HETATM 1149 C CE   . NLE A 1 150 ? -8.223  19.145  -5.908  1.00 25.84 ? 150 NLE A CE   1 
ATOM   1150 N N    . ILE A 1 151 ? -4.346  14.217  -3.375  1.00 16.26 ? 151 ILE A N    1 
ATOM   1151 C CA   . ILE A 1 151 ? -3.579  12.974  -3.444  1.00 17.46 ? 151 ILE A CA   1 
ATOM   1152 C C    . ILE A 1 151 ? -4.317  11.976  -4.262  1.00 18.81 ? 151 ILE A C    1 
ATOM   1153 O O    . ILE A 1 151 ? -5.531  12.009  -4.328  1.00 17.27 ? 151 ILE A O    1 
ATOM   1154 C CB   . ILE A 1 151 ? -3.257  12.395  -2.039  1.00 19.52 ? 151 ILE A CB   1 
ATOM   1155 C CG1  . ILE A 1 151 ? -4.534  12.115  -1.254  1.00 20.75 ? 151 ILE A CG1  1 
ATOM   1156 C CG2  . ILE A 1 151 ? -2.310  13.266  -1.327  1.00 22.62 ? 151 ILE A CG2  1 
ATOM   1157 C CD1  . ILE A 1 151 ? -4.304  11.414  0.044   1.00 25.26 ? 151 ILE A CD1  1 
ATOM   1158 N N    . GLY A 1 152 ? -3.564  11.114  -4.931  1.00 18.74 ? 152 GLY A N    1 
ATOM   1159 C CA   . GLY A 1 152 ? -4.142  10.249  -5.919  1.00 19.59 ? 152 GLY A CA   1 
ATOM   1160 C C    . GLY A 1 152 ? -3.756  8.811   -5.789  1.00 19.46 ? 152 GLY A C    1 
ATOM   1161 O O    . GLY A 1 152 ? -2.855  8.391   -5.043  1.00 20.50 ? 152 GLY A O    1 
ATOM   1162 N N    . GLY A 1 153 ? -4.498  7.980   -6.493  1.00 20.03 ? 153 GLY A N    1 
ATOM   1163 C CA   . GLY A 1 153 ? -4.144  6.575   -6.563  1.00 21.31 ? 153 GLY A CA   1 
ATOM   1164 C C    . GLY A 1 153 ? -5.182  5.937   -7.487  1.00 20.63 ? 153 GLY A C    1 
ATOM   1165 O O    . GLY A 1 153 ? -5.705  6.569   -8.390  1.00 20.18 ? 153 GLY A O    1 
ATOM   1166 N N    . ILE A 1 154 ? -5.530  4.678   -7.241  1.00 21.86 ? 154 ILE A N    1 
ATOM   1167 C CA   . ILE A 1 154 ? -6.473  4.016   -8.102  1.00 22.64 ? 154 ILE A CA   1 
ATOM   1168 C C    . ILE A 1 154 ? -7.813  4.778   -8.009  1.00 21.35 ? 154 ILE A C    1 
ATOM   1169 O O    . ILE A 1 154 ? -8.307  5.058   -6.922  1.00 21.42 ? 154 ILE A O    1 
ATOM   1170 C CB   . ILE A 1 154 ? -6.594  2.508   -7.779  1.00 24.02 ? 154 ILE A CB   1 
ATOM   1171 C CG1  . ILE A 1 154 ? -5.396  1.766   -8.420  1.00 26.28 ? 154 ILE A CG1  1 
ATOM   1172 C CG2  . ILE A 1 154 ? -7.923  1.937   -8.325  1.00 25.89 ? 154 ILE A CG2  1 
ATOM   1173 C CD1  . ILE A 1 154 ? -5.024  0.461   -7.803  1.00 29.92 ? 154 ILE A CD1  1 
ATOM   1174 N N    . GLY A 1 155 ? -8.367  5.130   -9.154  1.00 22.41 ? 155 GLY A N    1 
ATOM   1175 C CA   . GLY A 1 155 ? -9.615  5.820   -9.215  1.00 21.85 ? 155 GLY A CA   1 
ATOM   1176 C C    . GLY A 1 155 ? -9.504  7.301   -9.379  1.00 22.05 ? 155 GLY A C    1 
ATOM   1177 O O    . GLY A 1 155 ? -10.487 7.926   -9.794  1.00 24.64 ? 155 GLY A O    1 
ATOM   1178 N N    . GLY A 1 156 ? -8.321  7.868   -9.106  1.00 19.34 ? 156 GLY A N    1 
ATOM   1179 C CA   . GLY A 1 156 ? -8.156  9.332   -9.223  1.00 19.03 ? 156 GLY A CA   1 
ATOM   1180 C C    . GLY A 1 156 ? -7.742  9.977   -7.933  1.00 16.86 ? 156 GLY A C    1 
ATOM   1181 O O    . GLY A 1 156 ? -7.073  9.357   -7.107  1.00 16.03 ? 156 GLY A O    1 
ATOM   1182 N N    . PHE A 1 157 ? -8.186  11.235  -7.778  1.00 16.92 ? 157 PHE A N    1 
ATOM   1183 C CA   . PHE A 1 157 ? -7.694  12.087  -6.666  1.00 16.68 ? 157 PHE A CA   1 
ATOM   1184 C C    . PHE A 1 157 ? -8.780  12.478  -5.696  1.00 17.60 ? 157 PHE A C    1 
ATOM   1185 O O    . PHE A 1 157 ? -9.955  12.593  -6.077  1.00 19.43 ? 157 PHE A O    1 
ATOM   1186 C CB   . PHE A 1 157 ? -7.038  13.379  -7.147  1.00 17.62 ? 157 PHE A CB   1 
ATOM   1187 C CG   . PHE A 1 157 ? -5.731  13.181  -7.830  1.00 15.04 ? 157 PHE A CG   1 
ATOM   1188 C CD1  . PHE A 1 157 ? -5.682  12.609  -9.104  1.00 20.11 ? 157 PHE A CD1  1 
ATOM   1189 C CD2  . PHE A 1 157 ? -4.561  13.507  -7.210  1.00 18.72 ? 157 PHE A CD2  1 
ATOM   1190 C CE1  . PHE A 1 157 ? -4.477  12.437  -9.730  1.00 19.23 ? 157 PHE A CE1  1 
ATOM   1191 C CE2  . PHE A 1 157 ? -3.354  13.317  -7.847  1.00 21.02 ? 157 PHE A CE2  1 
ATOM   1192 C CZ   . PHE A 1 157 ? -3.317  12.767  -9.086  1.00 21.60 ? 157 PHE A CZ   1 
ATOM   1193 N N    . ILE A 1 158 ? -8.349  12.747  -4.466  1.00 18.06 ? 158 ILE A N    1 
ATOM   1194 C CA   . ILE A 1 158 ? -9.194  13.375  -3.436  1.00 18.03 ? 158 ILE A CA   1 
ATOM   1195 C C    . ILE A 1 158 ? -8.486  14.575  -2.871  1.00 17.28 ? 158 ILE A C    1 
ATOM   1196 O O    . ILE A 1 158 ? -7.236  14.624  -2.824  1.00 16.99 ? 158 ILE A O    1 
ATOM   1197 C CB   . ILE A 1 158 ? -9.565  12.392  -2.271  1.00 17.92 ? 158 ILE A CB   1 
ATOM   1198 C CG1  . ILE A 1 158 ? -8.369  11.858  -1.531  1.00 19.64 ? 158 ILE A CG1  1 
ATOM   1199 C CG2  . ILE A 1 158 ? -10.464 11.276  -2.805  1.00 20.49 ? 158 ILE A CG2  1 
ATOM   1200 C CD1  . ILE A 1 158 ? -8.821  11.113  -0.194  1.00 20.90 ? 158 ILE A CD1  1 
ATOM   1201 N N    . LYS A 1 159 ? -9.277  15.509  -2.357  1.00 16.52 ? 159 LYS A N    1 
ATOM   1202 C CA   . LYS A 1 159 ? -8.760  16.693  -1.691  1.00 17.58 ? 159 LYS A CA   1 
ATOM   1203 C C    . LYS A 1 159 ? -8.658  16.397  -0.192  1.00 18.36 ? 159 LYS A C    1 
ATOM   1204 O O    . LYS A 1 159 ? -9.569  15.792  0.386   1.00 18.81 ? 159 LYS A O    1 
ATOM   1205 C CB   . LYS A 1 159 ? -9.674  17.896  -1.908  1.00 18.14 ? 159 LYS A CB   1 
ATOM   1206 C CG   . LYS A 1 159 ? -9.020  19.197  -1.483  1.00 22.77 ? 159 LYS A CG   1 
ATOM   1207 C CD   . LYS A 1 159 ? -9.904  20.403  -1.688  1.00 25.81 ? 159 LYS A CD   1 
ATOM   1208 C CE   . LYS A 1 159 ? -9.535  21.548  -0.747  1.00 29.38 ? 159 LYS A CE   1 
ATOM   1209 N NZ   . LYS A 1 159 ? -10.492 22.684  -0.878  1.00 31.92 ? 159 LYS A NZ   1 
ATOM   1210 N N    . VAL A 1 160 ? -7.536  16.806  0.398   1.00 17.66 ? 160 VAL A N    1 
ATOM   1211 C CA   . VAL A 1 160 ? -7.260  16.558  1.824   1.00 17.73 ? 160 VAL A CA   1 
ATOM   1212 C C    . VAL A 1 160 ? -6.642  17.797  2.450   1.00 18.23 ? 160 VAL A C    1 
ATOM   1213 O O    . VAL A 1 160 ? -6.266  18.744  1.759   1.00 19.02 ? 160 VAL A O    1 
ATOM   1214 C CB   . VAL A 1 160 ? -6.282  15.351  2.045   1.00 18.02 ? 160 VAL A CB   1 
ATOM   1215 C CG1  . VAL A 1 160 ? -6.847  14.073  1.525   1.00 19.19 ? 160 VAL A CG1  1 
ATOM   1216 C CG2  . VAL A 1 160 ? -4.916  15.672  1.436   1.00 18.47 ? 160 VAL A CG2  1 
ATOM   1217 N N    . ARG A 1 161 ? -6.575  17.808  3.781   1.00 18.44 ? 161 ARG A N    1 
ATOM   1218 C CA   . ARG A 1 161 ? -5.950  18.885  4.536   1.00 19.77 ? 161 ARG A CA   1 
ATOM   1219 C C    . ARG A 1 161 ? -4.667  18.331  5.090   1.00 18.42 ? 161 ARG A C    1 
ATOM   1220 O O    . ARG A 1 161 ? -4.702  17.283  5.724   1.00 18.85 ? 161 ARG A O    1 
ATOM   1221 C CB   . ARG A 1 161 ? -6.851  19.331  5.696   1.00 19.60 ? 161 ARG A CB   1 
ATOM   1222 C CG   . ARG A 1 161 ? -8.210  19.919  5.271   1.00 22.13 ? 161 ARG A CG   1 
ATOM   1223 C CD   . ARG A 1 161 ? -8.970  20.592  6.418   1.00 25.50 ? 161 ARG A CD   1 
ATOM   1224 N NE   . ARG A 1 161 ? -9.099  19.782  7.633   1.00 29.67 ? 161 ARG A NE   1 
ATOM   1225 C CZ   . ARG A 1 161 ? -10.011 18.831  7.828   1.00 32.25 ? 161 ARG A CZ   1 
ATOM   1226 N NH1  . ARG A 1 161 ? -10.893 18.501  6.889   1.00 35.21 ? 161 ARG A NH1  1 
ATOM   1227 N NH2  . ARG A 1 161 ? -10.029 18.190  8.991   1.00 35.13 ? 161 ARG A NH2  1 
ATOM   1228 N N    . GLN A 1 162 ? -3.547  18.999  4.807   1.00 19.23 ? 162 GLN A N    1 
ATOM   1229 C CA   . GLN A 1 162 ? -2.231  18.582  5.258   1.00 20.26 ? 162 GLN A CA   1 
ATOM   1230 C C    . GLN A 1 162 ? -1.857  19.272  6.549   1.00 20.44 ? 162 GLN A C    1 
ATOM   1231 O O    . GLN A 1 162 ? -1.739  20.488  6.598   1.00 19.81 ? 162 GLN A O    1 
ATOM   1232 C CB   . GLN A 1 162 ? -1.185  18.935  4.227   1.00 21.08 ? 162 GLN A CB   1 
ATOM   1233 C CG   . GLN A 1 162 ? 0.225   18.608  4.686   1.00 22.91 ? 162 GLN A CG   1 
ATOM   1234 C CD   . GLN A 1 162 ? 1.278   18.937  3.685   1.00 28.36 ? 162 GLN A CD   1 
ATOM   1235 O OE1  . GLN A 1 162 ? 1.024   18.978  2.486   1.00 31.32 ? 162 GLN A OE1  1 
ATOM   1236 N NE2  . GLN A 1 162 ? 2.485   19.183  4.168   1.00 30.03 ? 162 GLN A NE2  1 
ATOM   1237 N N    . TYR A 1 163 ? -1.599  18.472  7.572   1.00 19.81 ? 163 TYR A N    1 
ATOM   1238 C CA   . TYR A 1 163 ? -1.155  18.974  8.869   1.00 20.53 ? 163 TYR A CA   1 
ATOM   1239 C C    . TYR A 1 163 ? 0.260   18.463  9.091   1.00 20.62 ? 163 TYR A C    1 
ATOM   1240 O O    . TYR A 1 163 ? 0.521   17.301  8.798   1.00 20.79 ? 163 TYR A O    1 
ATOM   1241 C CB   . TYR A 1 163 ? -2.015  18.367  9.946   1.00 20.72 ? 163 TYR A CB   1 
ATOM   1242 C CG   . TYR A 1 163 ? -3.448  18.836  9.978   1.00 23.04 ? 163 TYR A CG   1 
ATOM   1243 C CD1  . TYR A 1 163 ? -4.419  18.226  9.198   1.00 24.06 ? 163 TYR A CD1  1 
ATOM   1244 C CD2  . TYR A 1 163 ? -3.856  19.834  10.848  1.00 22.91 ? 163 TYR A CD2  1 
ATOM   1245 C CE1  . TYR A 1 163 ? -5.752  18.618  9.241   1.00 24.48 ? 163 TYR A CE1  1 
ATOM   1246 C CE2  . TYR A 1 163 ? -5.185  20.244  10.897  1.00 25.03 ? 163 TYR A CE2  1 
ATOM   1247 C CZ   . TYR A 1 163 ? -6.128  19.635  10.091  1.00 25.30 ? 163 TYR A CZ   1 
ATOM   1248 O OH   . TYR A 1 163 ? -7.454  20.045  10.164  1.00 27.45 ? 163 TYR A OH   1 
ATOM   1249 N N    . ASP A 1 164 ? 1.151   19.304  9.627   1.00 22.08 ? 164 ASP A N    1 
ATOM   1250 C CA   . ASP A 1 164 ? 2.521   18.861  9.919   1.00 22.96 ? 164 ASP A CA   1 
ATOM   1251 C C    . ASP A 1 164 ? 2.763   18.630  11.418  1.00 22.60 ? 164 ASP A C    1 
ATOM   1252 O O    . ASP A 1 164 ? 2.049   19.166  12.268  1.00 22.46 ? 164 ASP A O    1 
ATOM   1253 C CB   . ASP A 1 164 ? 3.535   19.874  9.397   1.00 24.68 ? 164 ASP A CB   1 
ATOM   1254 C CG   . ASP A 1 164 ? 3.479   20.013  7.887   1.00 28.55 ? 164 ASP A CG   1 
ATOM   1255 O OD1  . ASP A 1 164 ? 3.825   21.113  7.394   1.00 35.74 ? 164 ASP A OD1  1 
ATOM   1256 O OD2  . ASP A 1 164 ? 3.057   19.031  7.202   1.00 30.48 ? 164 ASP A OD2  1 
ATOM   1257 N N    . GLN A 1 165 ? 3.790   17.847  11.704  1.00 22.71 ? 165 GLN A N    1 
ATOM   1258 C CA   . GLN A 1 165 ? 4.269   17.637  13.083  1.00 23.38 ? 165 GLN A CA   1 
ATOM   1259 C C    . GLN A 1 165 ? 3.165   17.158  14.034  1.00 22.57 ? 165 GLN A C    1 
ATOM   1260 O O    . GLN A 1 165 ? 3.082   17.594  15.184  1.00 22.95 ? 165 GLN A O    1 
ATOM   1261 C CB   . GLN A 1 165 ? 4.970   18.877  13.611  1.00 24.28 ? 165 GLN A CB   1 
ATOM   1262 C CG   . GLN A 1 165 ? 6.118   19.370  12.761  1.00 28.84 ? 165 GLN A CG   1 
ATOM   1263 C CD   . GLN A 1 165 ? 7.384   18.583  12.943  1.00 33.41 ? 165 GLN A CD   1 
ATOM   1264 O OE1  . GLN A 1 165 ? 7.739   17.749  12.096  1.00 39.59 ? 165 GLN A OE1  1 
ATOM   1265 N NE2  . GLN A 1 165 ? 8.076   18.825  14.046  0.50 36.24 ? 165 GLN A NE2  1 
ATOM   1266 N N    . ILE A 1 166 ? 2.340   16.230  13.533  1.00 21.50 ? 166 ILE A N    1 
ATOM   1267 C CA   . ILE A 1 166 ? 1.293   15.579  14.324  1.00 21.33 ? 166 ILE A CA   1 
ATOM   1268 C C    . ILE A 1 166 ? 1.862   14.287  14.947  1.00 21.25 ? 166 ILE A C    1 
ATOM   1269 O O    . ILE A 1 166 ? 2.298   13.403  14.199  1.00 19.86 ? 166 ILE A O    1 
ATOM   1270 C CB   . ILE A 1 166 ? 0.079   15.193  13.457  1.00 21.08 ? 166 ILE A CB   1 
ATOM   1271 C CG1  . ILE A 1 166 ? -0.483  16.429  12.737  1.00 20.13 ? 166 ILE A CG1  1 
ATOM   1272 C CG2  . ILE A 1 166 ? -1.009  14.518  14.271  1.00 21.97 ? 166 ILE A CG2  1 
ATOM   1273 C CD1  . ILE A 1 166 ? -0.885  17.529  13.595  1.00 18.69 ? 166 ILE A CD1  1 
ATOM   1274 N N    . PRO A 1 167 ? 1.832   14.183  16.296  1.00 22.41 ? 167 PRO A N    1 
ATOM   1275 C CA   . PRO A 1 167 ? 2.263   12.924  16.958  1.00 24.18 ? 167 PRO A CA   1 
ATOM   1276 C C    . PRO A 1 167 ? 1.260   11.792  16.691  1.00 25.93 ? 167 PRO A C    1 
ATOM   1277 O O    . PRO A 1 167 ? 0.062   12.034  16.710  1.00 27.54 ? 167 PRO A O    1 
ATOM   1278 C CB   . PRO A 1 167 ? 2.341   13.295  18.439  1.00 24.18 ? 167 PRO A CB   1 
ATOM   1279 C CG   . PRO A 1 167 ? 1.883   14.715  18.576  1.00 24.37 ? 167 PRO A CG   1 
ATOM   1280 C CD   . PRO A 1 167 ? 1.405   15.209  17.261  1.00 22.61 ? 167 PRO A CD   1 
ATOM   1281 N N    . VAL A 1 168 ? 1.750   10.592  16.403  1.00 26.37 ? 168 VAL A N    1 
ATOM   1282 C CA   . VAL A 1 168 ? 0.912   9.419   16.033  1.00 27.12 ? 168 VAL A CA   1 
ATOM   1283 C C    . VAL A 1 168 ? 1.540   8.140   16.589  1.00 27.56 ? 168 VAL A C    1 
ATOM   1284 O O    . VAL A 1 168 ? 2.590   7.711   16.069  1.00 29.84 ? 168 VAL A O    1 
ATOM   1285 C CB   . VAL A 1 168 ? 0.852   9.180   14.536  1.00 27.49 ? 168 VAL A CB   1 
ATOM   1286 C CG1  . VAL A 1 168 ? -0.103  7.987   14.172  1.00 29.11 ? 168 VAL A CG1  1 
ATOM   1287 C CG2  . VAL A 1 168 ? 0.362   10.430  13.776  1.00 25.78 ? 168 VAL A CG2  1 
ATOM   1288 N N    . GLU A 1 169 ? 0.893   7.500   17.562  1.00 25.49 ? 169 GLU A N    1 
ATOM   1289 C CA   . GLU A 1 169 ? 1.403   6.249   18.086  1.00 24.58 ? 169 GLU A CA   1 
ATOM   1290 C C    . GLU A 1 169 ? 0.840   5.088   17.248  1.00 24.79 ? 169 GLU A C    1 
ATOM   1291 O O    . GLU A 1 169 ? -0.340  5.081   16.955  1.00 25.07 ? 169 GLU A O    1 
ATOM   1292 C CB   . GLU A 1 169 ? 1.041   6.139   19.561  1.00 25.41 ? 169 GLU A CB   1 
ATOM   1293 C CG   . GLU A 1 169 ? 1.977   5.238   20.332  1.00 28.78 ? 169 GLU A CG   1 
ATOM   1294 C CD   . GLU A 1 169 ? 1.628   5.163   21.766  0.50 32.39 ? 169 GLU A CD   1 
ATOM   1295 O OE1  . GLU A 1 169 ? 2.304   5.837   22.558  1.00 34.84 ? 169 GLU A OE1  1 
ATOM   1296 O OE2  . GLU A 1 169 ? 0.676   4.435   22.106  1.00 37.61 ? 169 GLU A OE2  1 
ATOM   1297 N N    . ILE A 1 170 ? 1.707   4.188   16.794  1.00 23.68 ? 170 ILE A N    1 
ATOM   1298 C CA   . ILE A 1 170 ? 1.351   3.071   15.900  1.00 24.55 ? 170 ILE A CA   1 
ATOM   1299 C C    . ILE A 1 170 ? 1.769   1.785   16.595  1.00 25.41 ? 170 ILE A C    1 
ATOM   1300 O O    . ILE A 1 170 ? 2.966   1.543   16.818  1.00 24.73 ? 170 ILE A O    1 
ATOM   1301 C CB   . ILE A 1 170 ? 2.073   3.222   14.521  1.00 24.86 ? 170 ILE A CB   1 
ATOM   1302 C CG1  . ILE A 1 170 ? 1.666   4.542   13.864  1.00 26.47 ? 170 ILE A CG1  1 
ATOM   1303 C CG2  . ILE A 1 170 ? 1.820   2.011   13.567  1.00 25.90 ? 170 ILE A CG2  1 
ATOM   1304 C CD1  . ILE A 1 170 ? 2.660   5.043   12.916  1.00 28.27 ? 170 ILE A CD1  1 
HETATM 1305 N N    . ABA A 1 171 ? 0.792   0.968   16.983  1.00 25.39 ? 171 ABA A N    1 
HETATM 1306 C CA   . ABA A 1 171 ? 1.080   -0.233  17.797  1.00 27.32 ? 171 ABA A CA   1 
HETATM 1307 C C    . ABA A 1 171 ? 2.078   0.017   18.908  1.00 27.58 ? 171 ABA A C    1 
HETATM 1308 O O    . ABA A 1 171 ? 2.987   -0.802  19.130  1.00 30.02 ? 171 ABA A O    1 
HETATM 1309 C CB   . ABA A 1 171 ? 1.623   -1.353  16.902  1.00 28.29 ? 171 ABA A CB   1 
HETATM 1310 C CG   . ABA A 1 171 ? 0.701   -1.701  15.793  1.00 30.51 ? 171 ABA A CG   1 
ATOM   1311 N N    . GLY A 1 172 ? 1.951   1.134   19.614  1.00 26.55 ? 172 GLY A N    1 
ATOM   1312 C CA   . GLY A 1 172 ? 2.809   1.437   20.748  1.00 26.01 ? 172 GLY A CA   1 
ATOM   1313 C C    . GLY A 1 172 ? 4.105   2.146   20.404  1.00 25.45 ? 172 GLY A C    1 
ATOM   1314 O O    . GLY A 1 172 ? 4.842   2.518   21.311  1.00 27.03 ? 172 GLY A O    1 
ATOM   1315 N N    . HIS A 1 173 ? 4.381   2.323   19.113  1.00 24.18 ? 173 HIS A N    1 
ATOM   1316 C CA   . HIS A 1 173 ? 5.569   3.035   18.640  1.00 23.68 ? 173 HIS A CA   1 
ATOM   1317 C C    . HIS A 1 173 ? 5.267   4.493   18.350  1.00 22.46 ? 173 HIS A C    1 
ATOM   1318 O O    . HIS A 1 173 ? 4.355   4.803   17.580  1.00 21.98 ? 173 HIS A O    1 
ATOM   1319 C CB   . HIS A 1 173 ? 6.123   2.339   17.413  1.00 24.52 ? 173 HIS A CB   1 
ATOM   1320 C CG   . HIS A 1 173 ? 6.694   0.986   17.707  1.00 26.27 ? 173 HIS A CG   1 
ATOM   1321 N ND1  . HIS A 1 173 ? 5.910   -0.125  17.936  1.00 31.53 ? 173 HIS A ND1  1 
ATOM   1322 C CD2  . HIS A 1 173 ? 7.975   0.573   17.838  1.00 30.70 ? 173 HIS A CD2  1 
ATOM   1323 C CE1  . HIS A 1 173 ? 6.687   -1.167  18.182  1.00 31.09 ? 173 HIS A CE1  1 
ATOM   1324 N NE2  . HIS A 1 173 ? 7.943   -0.768  18.139  1.00 31.11 ? 173 HIS A NE2  1 
ATOM   1325 N N    . LYS A 1 174 ? 6.061   5.401   18.910  1.00 21.51 ? 174 LYS A N    1 
ATOM   1326 C CA   . LYS A 1 174 ? 5.824   6.850   18.687  1.00 21.62 ? 174 LYS A CA   1 
ATOM   1327 C C    . LYS A 1 174 ? 6.379   7.304   17.355  1.00 22.32 ? 174 LYS A C    1 
ATOM   1328 O O    . LYS A 1 174 ? 7.406   6.815   16.880  1.00 22.42 ? 174 LYS A O    1 
ATOM   1329 C CB   . LYS A 1 174 ? 6.401   7.697   19.822  1.00 21.55 ? 174 LYS A CB   1 
ATOM   1330 C CG   . LYS A 1 174 ? 5.727   7.460   21.178  1.00 23.24 ? 174 LYS A CG   1 
ATOM   1331 C CD   . LYS A 1 174 ? 6.279   8.337   22.244  1.00 26.47 ? 174 LYS A CD   1 
ATOM   1332 C CE   . LYS A 1 174 ? 5.628   8.050   23.589  1.00 29.65 ? 174 LYS A CE   1 
ATOM   1333 N NZ   . LYS A 1 174 ? 4.171   8.388   23.516  1.00 33.37 ? 174 LYS A NZ   1 
ATOM   1334 N N    . ALA A 1 175 ? 5.623   8.188   16.702  1.00 21.97 ? 175 ALA A N    1 
ATOM   1335 C CA   . ALA A 1 175 ? 6.044   8.826   15.459  1.00 21.38 ? 175 ALA A CA   1 
ATOM   1336 C C    . ALA A 1 175 ? 5.445   10.226  15.465  1.00 20.96 ? 175 ALA A C    1 
ATOM   1337 O O    . ALA A 1 175 ? 4.641   10.616  16.347  1.00 19.44 ? 175 ALA A O    1 
ATOM   1338 C CB   . ALA A 1 175 ? 5.571   8.039   14.199  1.00 21.79 ? 175 ALA A CB   1 
ATOM   1339 N N    . ILE A 1 176 ? 5.985   11.038  14.588  1.00 21.56 ? 176 ILE A N    1 
ATOM   1340 C CA   . ILE A 1 176 ? 5.552   12.427  14.499  1.00 22.25 ? 176 ILE A CA   1 
ATOM   1341 C C    . ILE A 1 176 ? 5.811   12.856  13.078  1.00 22.80 ? 176 ILE A C    1 
ATOM   1342 O O    . ILE A 1 176 ? 6.907   12.710  12.564  1.00 22.94 ? 176 ILE A O    1 
ATOM   1343 C CB   . ILE A 1 176 ? 6.207   13.345  15.538  1.00 23.24 ? 176 ILE A CB   1 
ATOM   1344 C CG1  . ILE A 1 176 ? 5.747   14.806  15.408  1.00 21.59 ? 176 ILE A CG1  1 
ATOM   1345 C CG2  . ILE A 1 176 ? 7.748   13.299  15.459  1.00 23.99 ? 176 ILE A CG2  1 
ATOM   1346 C CD1  . ILE A 1 176 ? 5.732   15.575  16.737  1.00 19.86 ? 176 ILE A CD1  1 
ATOM   1347 N N    . GLY A 1 177 ? 4.789   13.394  12.437  1.00 22.14 ? 177 GLY A N    1 
ATOM   1348 C CA   . GLY A 1 177 ? 4.992   13.861  11.091  1.00 21.82 ? 177 GLY A CA   1 
ATOM   1349 C C    . GLY A 1 177 ? 3.731   14.348  10.434  1.00 21.13 ? 177 GLY A C    1 
ATOM   1350 O O    . GLY A 1 177 ? 2.781   14.698  11.095  1.00 21.39 ? 177 GLY A O    1 
ATOM   1351 N N    . THR A 1 178 ? 3.781   14.344  9.123   1.00 20.40 ? 178 THR A N    1 
ATOM   1352 C CA   . THR A 1 178 ? 2.721   14.925  8.310   1.00 20.54 ? 178 THR A CA   1 
ATOM   1353 C C    . THR A 1 178 ? 1.563   13.926  8.215   1.00 20.09 ? 178 THR A C    1 
ATOM   1354 O O    . THR A 1 178 ? 1.752   12.709  7.928   1.00 19.84 ? 178 THR A O    1 
ATOM   1355 C CB   . THR A 1 178 ? 3.256   15.342  6.946   1.00 20.81 ? 178 THR A CB   1 
ATOM   1356 O OG1  . THR A 1 178 ? 4.253   16.359  7.129   1.00 21.67 ? 178 THR A OG1  1 
ATOM   1357 C CG2  . THR A 1 178 ? 2.122   15.890  6.071   1.00 21.71 ? 178 THR A CG2  1 
ATOM   1358 N N    . VAL A 1 179 ? 0.348   14.438  8.437   1.00 19.55 ? 179 VAL A N    1 
ATOM   1359 C CA   . VAL A 1 179 ? -0.861  13.648  8.355   1.00 18.79 ? 179 VAL A CA   1 
ATOM   1360 C C    . VAL A 1 179 ? -1.843  14.362  7.414   1.00 19.51 ? 179 VAL A C    1 
ATOM   1361 O O    . VAL A 1 179 ? -2.047  15.565  7.518   1.00 18.82 ? 179 VAL A O    1 
ATOM   1362 C CB   . VAL A 1 179 ? -1.525  13.408  9.714   1.00 20.50 ? 179 VAL A CB   1 
ATOM   1363 C CG1  . VAL A 1 179 ? -2.865  12.722  9.546   1.00 21.76 ? 179 VAL A CG1  1 
ATOM   1364 C CG2  . VAL A 1 179 ? -0.613  12.583  10.605  1.00 21.94 ? 179 VAL A CG2  1 
ATOM   1365 N N    . LEU A 1 180 ? -2.396  13.610  6.491   1.00 18.81 ? 180 LEU A N    1 
ATOM   1366 C CA   . LEU A 1 180 ? -3.379  14.129  5.556   1.00 18.91 ? 180 LEU A CA   1 
ATOM   1367 C C    . LEU A 1 180 ? -4.757  13.696  6.007   1.00 19.98 ? 180 LEU A C    1 
ATOM   1368 O O    . LEU A 1 180 ? -4.953  12.548  6.297   1.00 22.29 ? 180 LEU A O    1 
ATOM   1369 C CB   . LEU A 1 180 ? -3.077  13.577  4.158   1.00 18.75 ? 180 LEU A CB   1 
ATOM   1370 C CG   . LEU A 1 180 ? -1.682  13.833  3.631   1.00 19.92 ? 180 LEU A CG   1 
ATOM   1371 C CD1  . LEU A 1 180 ? -1.566  13.285  2.231   1.00 20.30 ? 180 LEU A CD1  1 
ATOM   1372 C CD2  . LEU A 1 180 ? -1.256  15.326  3.728   1.00 17.95 ? 180 LEU A CD2  1 
ATOM   1373 N N    . VAL A 1 181 ? -5.716  14.626  6.099   1.00 19.15 ? 181 VAL A N    1 
ATOM   1374 C CA   . VAL A 1 181 ? -7.067  14.306  6.532   1.00 19.12 ? 181 VAL A CA   1 
ATOM   1375 C C    . VAL A 1 181 ? -8.055  14.558  5.411   1.00 20.24 ? 181 VAL A C    1 
ATOM   1376 O O    . VAL A 1 181 ? -8.054  15.620  4.820   1.00 20.25 ? 181 VAL A O    1 
ATOM   1377 C CB   . VAL A 1 181 ? -7.499  15.194  7.715   1.00 20.17 ? 181 VAL A CB   1 
ATOM   1378 C CG1  . VAL A 1 181 ? -8.918  14.799  8.192   1.00 23.08 ? 181 VAL A CG1  1 
ATOM   1379 C CG2  . VAL A 1 181 ? -6.480  15.043  8.814   1.00 20.40 ? 181 VAL A CG2  1 
ATOM   1380 N N    . GLY A 1 182 ? -8.897  13.570  5.166   1.00 20.96 ? 182 GLY A N    1 
ATOM   1381 C CA   . GLY A 1 182 ? -9.827  13.624  4.080   1.00 21.49 ? 182 GLY A CA   1 
ATOM   1382 C C    . GLY A 1 182 ? -10.657 12.386  4.034   1.00 22.64 ? 182 GLY A C    1 
ATOM   1383 O O    . GLY A 1 182 ? -10.491 11.510  4.850   1.00 22.77 ? 182 GLY A O    1 
ATOM   1384 N N    . PRO A 1 183 ? -11.584 12.314  3.080   1.00 23.43 ? 183 PRO A N    1 
ATOM   1385 C CA   . PRO A 1 183 ? -12.522 11.229  2.958   1.00 24.25 ? 183 PRO A CA   1 
ATOM   1386 C C    . PRO A 1 183 ? -11.917 9.997   2.357   1.00 26.61 ? 183 PRO A C    1 
ATOM   1387 O O    . PRO A 1 183 ? -12.110 9.690   1.179   1.00 29.23 ? 183 PRO A O    1 
ATOM   1388 C CB   . PRO A 1 183 ? -13.613 11.800  2.048   1.00 23.95 ? 183 PRO A CB   1 
ATOM   1389 C CG   . PRO A 1 183 ? -12.936 12.861  1.295   1.00 23.98 ? 183 PRO A CG   1 
ATOM   1390 C CD   . PRO A 1 183 ? -11.790 13.363  2.071   1.00 24.46 ? 183 PRO A CD   1 
ATOM   1391 N N    . THR A 1 184 ? -11.205 9.261   3.186   1.00 27.53 ? 184 THR A N    1 
ATOM   1392 C CA   . THR A 1 184 ? -10.694 7.957   2.772   1.00 29.01 ? 184 THR A CA   1 
ATOM   1393 C C    . THR A 1 184 ? -11.582 6.833   3.345   1.00 30.10 ? 184 THR A C    1 
ATOM   1394 O O    . THR A 1 184 ? -12.067 6.930   4.465   1.00 30.65 ? 184 THR A O    1 
ATOM   1395 C CB   . THR A 1 184 ? -9.228  7.841   3.215   1.00 28.68 ? 184 THR A CB   1 
ATOM   1396 O OG1  . THR A 1 184 ? -8.727  6.543   2.882   1.00 29.51 ? 184 THR A OG1  1 
ATOM   1397 C CG2  . THR A 1 184 ? -9.068  8.110   4.713   1.00 24.83 ? 184 THR A CG2  1 
ATOM   1398 N N    . PRO A 1 185 ? -11.779 5.731   2.593   1.00 31.56 ? 185 PRO A N    1 
ATOM   1399 C CA   . PRO A 1 185 ? -12.477 4.561   3.133   1.00 31.55 ? 185 PRO A CA   1 
ATOM   1400 C C    . PRO A 1 185 ? -11.778 3.844   4.265   1.00 32.00 ? 185 PRO A C    1 
ATOM   1401 O O    . PRO A 1 185 ? -12.410 3.122   5.031   1.00 33.01 ? 185 PRO A O    1 
ATOM   1402 C CB   . PRO A 1 185 ? -12.564 3.609   1.936   1.00 33.18 ? 185 PRO A CB   1 
ATOM   1403 C CG   . PRO A 1 185 ? -11.616 4.119   0.940   1.00 32.73 ? 185 PRO A CG   1 
ATOM   1404 C CD   . PRO A 1 185 ? -11.392 5.550   1.183   1.00 32.66 ? 185 PRO A CD   1 
ATOM   1405 N N    . VAL A 1 186 ? -10.460 4.024   4.347   1.00 29.72 ? 186 VAL A N    1 
ATOM   1406 C CA   . VAL A 1 186 ? -9.649  3.298   5.301   1.00 28.97 ? 186 VAL A CA   1 
ATOM   1407 C C    . VAL A 1 186 ? -8.562  4.269   5.713   1.00 25.52 ? 186 VAL A C    1 
ATOM   1408 O O    . VAL A 1 186 ? -8.015  4.956   4.838   1.00 25.79 ? 186 VAL A O    1 
ATOM   1409 C CB   . VAL A 1 186 ? -8.968  2.052   4.647   1.00 29.35 ? 186 VAL A CB   1 
ATOM   1410 C CG1  . VAL A 1 186 ? -8.542  1.092   5.754   1.00 32.81 ? 186 VAL A CG1  1 
ATOM   1411 C CG2  . VAL A 1 186 ? -9.912  1.369   3.638   1.00 33.41 ? 186 VAL A CG2  1 
ATOM   1412 N N    . ASN A 1 187 ? -8.233  4.296   7.004   1.00 22.96 ? 187 ASN A N    1 
ATOM   1413 C CA   . ASN A 1 187 ? -7.107  5.096   7.480   1.00 21.56 ? 187 ASN A CA   1 
ATOM   1414 C C    . ASN A 1 187 ? -5.839  4.379   6.979   1.00 20.45 ? 187 ASN A C    1 
ATOM   1415 O O    . ASN A 1 187 ? -5.773  3.178   7.117   1.00 20.63 ? 187 ASN A O    1 
ATOM   1416 C CB   . ASN A 1 187 ? -7.066  5.170   8.966   1.00 22.09 ? 187 ASN A CB   1 
ATOM   1417 C CG   . ASN A 1 187 ? -8.205  5.977   9.524   1.00 23.47 ? 187 ASN A CG   1 
ATOM   1418 O OD1  . ASN A 1 187 ? -8.587  6.985   8.920   1.00 26.53 ? 187 ASN A OD1  1 
ATOM   1419 N ND2  . ASN A 1 187 ? -8.824  5.489   10.591  1.00 23.03 ? 187 ASN A ND2  1 
ATOM   1420 N N    . ILE A 1 188 ? -4.871  5.122   6.434   1.00 18.98 ? 188 ILE A N    1 
ATOM   1421 C CA   . ILE A 1 188 ? -3.656  4.543   5.828   1.00 19.98 ? 188 ILE A CA   1 
ATOM   1422 C C    . ILE A 1 188 ? -2.419  5.123   6.480   1.00 19.80 ? 188 ILE A C    1 
ATOM   1423 O O    . ILE A 1 188 ? -2.271  6.348   6.583   1.00 20.77 ? 188 ILE A O    1 
ATOM   1424 C CB   . ILE A 1 188 ? -3.633  4.972   4.369   1.00 21.33 ? 188 ILE A CB   1 
ATOM   1425 C CG1  . ILE A 1 188 ? -4.800  4.320   3.665   1.00 22.83 ? 188 ILE A CG1  1 
ATOM   1426 C CG2  . ILE A 1 188 ? -2.353  4.615   3.654   1.00 24.55 ? 188 ILE A CG2  1 
ATOM   1427 C CD1  . ILE A 1 188 ? -5.147  5.048   2.374   1.00 26.89 ? 188 ILE A CD1  1 
ATOM   1428 N N    . ILE A 1 189 ? -1.532  4.244   6.946   1.00 19.71 ? 189 ILE A N    1 
ATOM   1429 C CA   . ILE A 1 189 ? -0.220  4.671   7.428   1.00 19.19 ? 189 ILE A CA   1 
ATOM   1430 C C    . ILE A 1 189 ? 0.757   4.427   6.290   1.00 20.16 ? 189 ILE A C    1 
ATOM   1431 O O    . ILE A 1 189 ? 0.939   3.274   5.837   1.00 20.98 ? 189 ILE A O    1 
ATOM   1432 C CB   . ILE A 1 189 ? 0.233   3.887   8.699   1.00 20.36 ? 189 ILE A CB   1 
ATOM   1433 C CG1  . ILE A 1 189 ? -0.820  3.953   9.787   1.00 20.77 ? 189 ILE A CG1  1 
ATOM   1434 C CG2  . ILE A 1 189 ? 1.537   4.413   9.183   1.00 19.72 ? 189 ILE A CG2  1 
ATOM   1435 C CD1  . ILE A 1 189 ? -1.154  5.390   10.195  1.00 22.83 ? 189 ILE A CD1  1 
ATOM   1436 N N    . GLY A 1 190 ? 1.397   5.507   5.862   1.00 18.32 ? 190 GLY A N    1 
ATOM   1437 C CA   . GLY A 1 190 ? 2.274   5.462   4.717   1.00 19.24 ? 190 GLY A CA   1 
ATOM   1438 C C    . GLY A 1 190 ? 3.705   5.482   5.125   1.00 18.78 ? 190 GLY A C    1 
ATOM   1439 O O    . GLY A 1 190 ? 4.016   5.556   6.311   1.00 18.84 ? 190 GLY A O    1 
ATOM   1440 N N    . ARG A 1 191 ? 4.570   5.535   4.124   1.00 18.91 ? 191 ARG A N    1 
ATOM   1441 C CA   . ARG A 1 191 ? 6.026   5.393   4.370   1.00 19.45 ? 191 ARG A CA   1 
ATOM   1442 C C    . ARG A 1 191 ? 6.600   6.494   5.261   1.00 19.81 ? 191 ARG A C    1 
ATOM   1443 O O    . ARG A 1 191 ? 7.581   6.285   5.993   1.00 20.56 ? 191 ARG A O    1 
ATOM   1444 C CB   . ARG A 1 191 ? 6.793   5.237   3.057   1.00 20.23 ? 191 ARG A CB   1 
ATOM   1445 C CG   . ARG A 1 191 ? 6.479   4.009   2.283   1.00 21.31 ? 191 ARG A CG   1 
ATOM   1446 C CD   . ARG A 1 191 ? 7.327   3.849   0.997   1.00 20.44 ? 191 ARG A CD   1 
ATOM   1447 N NE   . ARG A 1 191 ? 7.167   4.979   0.063   1.00 21.01 ? 191 ARG A NE   1 
ATOM   1448 C CZ   . ARG A 1 191 ? 7.990   6.010   -0.058  1.00 22.08 ? 191 ARG A CZ   1 
ATOM   1449 N NH1  . ARG A 1 191 ? 9.133   6.150   0.635   1.00 22.22 ? 191 ARG A NH1  1 
ATOM   1450 N NH2  . ARG A 1 191 ? 7.696   6.965   -0.947  1.00 23.25 ? 191 ARG A NH2  1 
ATOM   1451 N N    . ASN A 1 192 ? 6.004   7.688   5.199   1.00 19.99 ? 192 ASN A N    1 
ATOM   1452 C CA   . ASN A 1 192 ? 6.525   8.801   5.988   1.00 20.00 ? 192 ASN A CA   1 
ATOM   1453 C C    . ASN A 1 192 ? 6.574   8.468   7.494   1.00 20.43 ? 192 ASN A C    1 
ATOM   1454 O O    . ASN A 1 192 ? 7.489   8.974   8.212   1.00 21.50 ? 192 ASN A O    1 
ATOM   1455 C CB   . ASN A 1 192 ? 5.776   10.096  5.696   1.00 20.81 ? 192 ASN A CB   1 
ATOM   1456 C CG   . ASN A 1 192 ? 4.401   10.132  6.292   1.00 18.84 ? 192 ASN A CG   1 
ATOM   1457 O OD1  . ASN A 1 192 ? 3.600   9.221   6.071   1.00 21.10 ? 192 ASN A OD1  1 
ATOM   1458 N ND2  . ASN A 1 192 ? 4.095   11.220  7.061   1.00 19.94 ? 192 ASN A ND2  1 
ATOM   1459 N N    . LEU A 1 193 ? 5.609   7.674   7.961   1.00 19.59 ? 193 LEU A N    1 
ATOM   1460 C CA   . LEU A 1 193 ? 5.568   7.249   9.365   1.00 19.57 ? 193 LEU A CA   1 
ATOM   1461 C C    . LEU A 1 193 ? 6.118   5.822   9.561   1.00 19.15 ? 193 LEU A C    1 
ATOM   1462 O O    . LEU A 1 193 ? 6.718   5.533   10.600  1.00 20.46 ? 193 LEU A O    1 
ATOM   1463 C CB   . LEU A 1 193 ? 4.159   7.417   9.968   1.00 21.81 ? 193 LEU A CB   1 
ATOM   1464 C CG   . LEU A 1 193 ? 3.610   8.847   9.925   1.00 22.87 ? 193 LEU A CG   1 
ATOM   1465 C CD1  . LEU A 1 193 ? 2.246   8.903   10.602  1.00 25.75 ? 193 LEU A CD1  1 
ATOM   1466 C CD2  . LEU A 1 193 ? 4.566   9.828   10.512  1.00 23.57 ? 193 LEU A CD2  1 
ATOM   1467 N N    . LEU A 1 194 ? 5.938   4.943   8.575   1.00 19.35 ? 194 LEU A N    1 
ATOM   1468 C CA   . LEU A 1 194 ? 6.476   3.590   8.673   1.00 18.80 ? 194 LEU A CA   1 
ATOM   1469 C C    . LEU A 1 194 ? 7.966   3.570   8.866   1.00 20.42 ? 194 LEU A C    1 
ATOM   1470 O O    . LEU A 1 194 ? 8.491   2.732   9.616   1.00 19.87 ? 194 LEU A O    1 
ATOM   1471 C CB   . LEU A 1 194 ? 6.136   2.762   7.438   1.00 19.02 ? 194 LEU A CB   1 
ATOM   1472 C CG   . LEU A 1 194 ? 4.651   2.458   7.216   1.00 18.55 ? 194 LEU A CG   1 
ATOM   1473 C CD1  . LEU A 1 194 ? 4.490   1.856   5.788   1.00 21.05 ? 194 LEU A CD1  1 
ATOM   1474 C CD2  . LEU A 1 194 ? 4.067   1.520   8.267   1.00 21.53 ? 194 LEU A CD2  1 
ATOM   1475 N N    . THR A 1 195 ? 8.664   4.495   8.219   1.00 20.08 ? 195 THR A N    1 
ATOM   1476 C CA   . THR A 1 195 ? 10.108  4.574   8.385   1.00 21.22 ? 195 THR A CA   1 
ATOM   1477 C C    . THR A 1 195 ? 10.475  4.949   9.827   1.00 22.05 ? 195 THR A C    1 
ATOM   1478 O O    . THR A 1 195 ? 11.468  4.476   10.361  1.00 22.84 ? 195 THR A O    1 
ATOM   1479 C CB   . THR A 1 195 ? 10.721  5.589   7.428   1.00 21.64 ? 195 THR A CB   1 
ATOM   1480 O OG1  . THR A 1 195 ? 10.082  6.862   7.545   1.00 22.97 ? 195 THR A OG1  1 
ATOM   1481 C CG2  . THR A 1 195 ? 10.605  5.133   6.014   1.00 21.44 ? 195 THR A CG2  1 
ATOM   1482 N N    . GLN A 1 196 ? 9.670   5.781   10.459  1.00 21.26 ? 196 GLN A N    1 
ATOM   1483 C CA   . GLN A 1 196 ? 9.937   6.236   11.828  1.00 22.11 ? 196 GLN A CA   1 
ATOM   1484 C C    . GLN A 1 196 ? 9.802   5.150   12.852  1.00 23.70 ? 196 GLN A C    1 
ATOM   1485 O O    . GLN A 1 196 ? 10.427  5.210   13.938  1.00 24.88 ? 196 GLN A O    1 
ATOM   1486 C CB   . GLN A 1 196 ? 9.014   7.376   12.175  1.00 21.92 ? 196 GLN A CB   1 
ATOM   1487 C CG   . GLN A 1 196 ? 9.310   8.599   11.379  1.00 23.53 ? 196 GLN A CG   1 
ATOM   1488 C CD   . GLN A 1 196 ? 8.489   9.787   11.843  1.00 27.80 ? 196 GLN A CD   1 
ATOM   1489 O OE1  . GLN A 1 196 ? 7.957   9.769   12.935  1.00 28.30 ? 196 GLN A OE1  1 
ATOM   1490 N NE2  . GLN A 1 196 ? 8.350   10.797  10.995  0.50 27.90 ? 196 GLN A NE2  1 
ATOM   1491 N N    . ILE A 1 197 ? 9.004   4.142   12.528  1.00 23.45 ? 197 ILE A N    1 
ATOM   1492 C CA   . ILE A 1 197 ? 8.880   2.976   13.405  1.00 25.02 ? 197 ILE A CA   1 
ATOM   1493 C C    . ILE A 1 197 ? 9.734   1.759   12.960  1.00 25.05 ? 197 ILE A C    1 
ATOM   1494 O O    . ILE A 1 197 ? 9.686   0.659   13.547  1.00 27.53 ? 197 ILE A O    1 
ATOM   1495 C CB   . ILE A 1 197 ? 7.378   2.662   13.640  1.00 24.85 ? 197 ILE A CB   1 
ATOM   1496 C CG1  . ILE A 1 197 ? 6.760   2.142   12.348  1.00 23.62 ? 197 ILE A CG1  1 
ATOM   1497 C CG2  . ILE A 1 197 ? 6.607   3.882   14.115  1.00 27.70 ? 197 ILE A CG2  1 
ATOM   1498 C CD1  . ILE A 1 197 ? 5.266   1.803   12.474  1.00 26.56 ? 197 ILE A CD1  1 
ATOM   1499 N N    . GLY A 1 198 ? 10.593  1.932   11.971  1.00 24.51 ? 198 GLY A N    1 
ATOM   1500 C CA   . GLY A 1 198 ? 11.584  0.930   11.625  1.00 24.38 ? 198 GLY A CA   1 
ATOM   1501 C C    . GLY A 1 198 ? 10.969  -0.232  10.890  1.00 24.48 ? 198 GLY A C    1 
ATOM   1502 O O    . GLY A 1 198 ? 11.515  -1.348  10.925  1.00 25.28 ? 198 GLY A O    1 
HETATM 1503 N N    . ABA A 1 199 ? 9.837   0.026   10.229  1.00 23.88 ? 199 ABA A N    1 
HETATM 1504 C CA   . ABA A 1 199 ? 9.143   -1.018  9.475   1.00 23.71 ? 199 ABA A CA   1 
HETATM 1505 C C    . ABA A 1 199 ? 9.928   -1.411  8.213   1.00 24.73 ? 199 ABA A C    1 
HETATM 1506 O O    . ABA A 1 199 ? 10.379  -0.561  7.431   1.00 24.65 ? 199 ABA A O    1 
HETATM 1507 C CB   . ABA A 1 199 ? 7.709   -0.581  9.115   1.00 25.53 ? 199 ABA A CB   1 
HETATM 1508 C CG   . ABA A 1 199 ? 6.892   -1.696  8.505   1.00 26.02 ? 199 ABA A CG   1 
ATOM   1509 N N    . THR A 1 200 ? 10.060  -2.705  7.997   1.00 22.02 ? 200 THR A N    1 
ATOM   1510 C CA   . THR A 1 200 ? 10.701  -3.252  6.799   1.00 22.72 ? 200 THR A CA   1 
ATOM   1511 C C    . THR A 1 200 ? 9.827   -4.326  6.217   1.00 22.94 ? 200 THR A C    1 
ATOM   1512 O O    . THR A 1 200 ? 8.986   -4.891  6.913   1.00 21.66 ? 200 THR A O    1 
ATOM   1513 C CB   . THR A 1 200 ? 12.067  -3.816  7.090   1.00 23.67 ? 200 THR A CB   1 
ATOM   1514 O OG1  . THR A 1 200 ? 11.985  -4.859  8.090   1.00 26.25 ? 200 THR A OG1  1 
ATOM   1515 C CG2  . THR A 1 200 ? 12.968  -2.685  7.607   1.00 22.54 ? 200 THR A CG2  1 
ATOM   1516 N N    . LEU A 1 201 ? 9.999   -4.537  4.914   1.00 22.05 ? 201 LEU A N    1 
ATOM   1517 C CA   . LEU A 1 201 ? 9.524   -5.734  4.234   1.00 21.24 ? 201 LEU A CA   1 
ATOM   1518 C C    . LEU A 1 201 ? 10.613  -6.776  4.220   1.00 23.25 ? 201 LEU A C    1 
ATOM   1519 O O    . LEU A 1 201 ? 11.776  -6.466  3.978   1.00 22.89 ? 201 LEU A O    1 
ATOM   1520 C CB   . LEU A 1 201 ? 9.173   -5.402  2.801   1.00 23.31 ? 201 LEU A CB   1 
ATOM   1521 C CG   . LEU A 1 201 ? 7.977   -4.516  2.623   1.00 23.16 ? 201 LEU A CG   1 
ATOM   1522 C CD1  . LEU A 1 201 ? 7.940   -3.921  1.190   1.00 27.14 ? 201 LEU A CD1  1 
ATOM   1523 C CD2  . LEU A 1 201 ? 6.714   -5.336  2.938   1.00 24.32 ? 201 LEU A CD2  1 
ATOM   1524 N N    . ASN A 1 202 ? 10.228  -8.031  4.415   1.00 23.20 ? 202 ASN A N    1 
ATOM   1525 C CA   . ASN A 1 202 ? 11.196  -9.110  4.482   1.00 25.01 ? 202 ASN A CA   1 
ATOM   1526 C C    . ASN A 1 202 ? 10.656  -10.305 3.718   1.00 27.45 ? 202 ASN A C    1 
ATOM   1527 O O    . ASN A 1 202 ? 9.505   -10.634 3.920   1.00 27.12 ? 202 ASN A O    1 
ATOM   1528 C CB   . ASN A 1 202 ? 11.377  -9.486  5.937   1.00 25.99 ? 202 ASN A CB   1 
ATOM   1529 C CG   . ASN A 1 202 ? 12.075  -8.389  6.741   1.00 28.23 ? 202 ASN A CG   1 
ATOM   1530 O OD1  . ASN A 1 202 ? 11.457  -7.421  7.197   1.00 32.84 ? 202 ASN A OD1  1 
ATOM   1531 N ND2  . ASN A 1 202 ? 13.357  -8.561  6.932   1.00 33.58 ? 202 ASN A ND2  1 
ATOM   1532 N N    . PHE A 1 203 ? 11.473  -10.926 2.858   1.00 30.64 ? 203 PHE A N    1 
ATOM   1533 C CA   . PHE A 1 203 ? 11.132  -12.199 2.194   1.00 32.48 ? 203 PHE A CA   1 
ATOM   1534 C C    . PHE A 1 203 ? 12.338  -12.955 1.626   0.50 33.00 ? 203 PHE A C    1 
ATOM   1535 O O    . PHE A 1 203 ? 12.180  -14.023 1.016   0.50 32.94 ? 203 PHE A O    1 
ATOM   1536 C CB   . PHE A 1 203 ? 10.045  -12.049 1.122   1.00 35.13 ? 203 PHE A CB   1 
ATOM   1537 C CG   . PHE A 1 203 ? 10.399  -11.164 -0.043  1.00 36.26 ? 203 PHE A CG   1 
ATOM   1538 C CD1  . PHE A 1 203 ? 10.342  -9.786  0.081   1.00 40.22 ? 203 PHE A CD1  1 
ATOM   1539 C CD2  . PHE A 1 203 ? 10.683  -11.710 -1.291  1.00 39.77 ? 203 PHE A CD2  1 
ATOM   1540 C CE1  . PHE A 1 203 ? 10.622  -8.952  -1.007  1.00 40.11 ? 203 PHE A CE1  1 
ATOM   1541 C CE2  . PHE A 1 203 ? 10.969  -10.887 -2.397  1.00 40.41 ? 203 PHE A CE2  1 
ATOM   1542 C CZ   . PHE A 1 203 ? 10.931  -9.510  -2.262  1.00 39.82 ? 203 PHE A CZ   1 
ATOM   1543 O OXT  . PHE A 1 203 ? 13.485  -12.546 1.788   0.50 32.90 ? 203 PHE A OXT  1 
HETATM 1544 C C    . 2NC B 2 .   ? 0.218   7.874   -6.971  1.00 30.85 ? 0   2NC A C    1 
HETATM 1545 O O    . 2NC B 2 .   ? 1.131   7.124   -7.311  1.00 34.36 ? 0   2NC A O    1 
HETATM 1546 C CH3  . 2NC B 2 .   ? -0.698  8.476   -7.999  1.00 31.42 ? 0   2NC A CH3  1 
HETATM 1547 N N    . 2NC B 2 .   ? 0.185   8.449   -5.764  1.00 27.82 ? 0   2NC A N    1 
HETATM 1548 C CA   . 2NC B 2 .   ? 1.082   8.172   -4.620  1.00 27.35 ? 0   2NC A CA   1 
HETATM 1549 C C1   . 2NC B 2 .   ? 0.502   7.370   -3.451  1.00 25.95 ? 0   2NC A C1   1 
HETATM 1550 O O1   . 2NC B 2 .   ? 1.239   7.007   -2.546  1.00 25.24 ? 0   2NC A O1   1 
HETATM 1551 C CB   . 2NC B 2 .   ? 1.622   9.463   -4.016  1.00 27.33 ? 0   2NC A CB   1 
HETATM 1552 O OG1  . 2NC B 2 .   ? 0.541   10.289  -3.564  1.00 31.04 ? 0   2NC A OG1  1 
HETATM 1553 C CG2  . 2NC B 2 .   ? 2.471   10.218  -5.070  1.00 30.63 ? 0   2NC A CG2  1 
HETATM 1554 N N1   . 2NC B 2 .   ? -0.802  7.106   -3.445  1.00 23.44 ? 0   2NC A N1   1 
HETATM 1555 C CA1  . 2NC B 2 .   ? -1.423  6.396   -2.372  1.00 22.74 ? 0   2NC A CA1  1 
HETATM 1556 C C2   . 2NC B 2 .   ? -2.077  5.117   -2.896  1.00 23.70 ? 0   2NC A C2   1 
HETATM 1557 O O2   . 2NC B 2 .   ? -3.249  5.103   -3.263  1.00 25.92 ? 0   2NC A O2   1 
HETATM 1558 C CB1  . 2NC B 2 .   ? -2.449  7.268   -1.623  1.00 23.25 ? 0   2NC A CB1  1 
HETATM 1559 C CG1  . 2NC B 2 .   ? -1.864  8.636   -1.211  1.00 25.35 ? 0   2NC A CG1  1 
HETATM 1560 C CG21 . 2NC B 2 .   ? -2.974  6.554   -0.377  1.00 22.22 ? 0   2NC A CG21 1 
HETATM 1561 C CD1  . 2NC B 2 .   ? -0.709  8.543   -0.218  1.00 24.26 ? 0   2NC A CD1  1 
HETATM 1562 N N2   . 2NC B 2 .   ? -1.304  4.048   -2.953  1.00 23.99 ? 0   2NC A N2   1 
HETATM 1563 C CA2  . 2NC B 2 .   ? -1.772  2.826   -3.583  1.00 25.47 ? 0   2NC A CA2  1 
HETATM 1564 C C3   . 2NC B 2 .   ? -2.301  1.755   -2.611  1.00 27.29 ? 0   2NC A C3   1 
HETATM 1565 C CB2  . 2NC B 2 .   ? -0.682  2.296   -4.513  1.00 25.36 ? 0   2NC A CB2  1 
HETATM 1566 C CG   . 2NC B 2 .   ? -0.076  3.262   -5.514  1.00 27.48 ? 0   2NC A CG   1 
HETATM 1567 C CD   . 2NC B 2 .   ? -1.087  3.988   -6.430  1.00 29.15 ? 0   2NC A CD   1 
HETATM 1568 C CE   . 2NC B 2 .   ? -1.923  2.898   -7.143  1.00 31.30 ? 0   2NC A CE   1 
HETATM 1569 N N3   . 2NC B 2 .   ? -3.279  2.185   -1.769  1.00 28.55 ? 0   2NC A N3   1 
HETATM 1570 C CA3  . 2NC B 2 .   ? -4.338  1.293   -1.251  1.00 28.14 ? 0   2NC A CA3  1 
HETATM 1571 C C4   . 2NC B 2 .   ? -5.198  0.764   -2.400  1.00 27.36 ? 0   2NC A C4   1 
HETATM 1572 O O3   . 2NC B 2 .   ? -5.601  1.477   -3.293  1.00 27.32 ? 0   2NC A O3   1 
HETATM 1573 C CB3  . 2NC B 2 .   ? -5.225  2.046   -0.233  1.00 28.63 ? 0   2NC A CB3  1 
HETATM 1574 C CG3  . 2NC B 2 .   ? -6.411  1.286   0.328   1.00 32.55 ? 0   2NC A CG3  1 
HETATM 1575 C CD2  . 2NC B 2 .   ? -7.707  1.801   -0.231  1.00 36.27 ? 0   2NC A CD2  1 
HETATM 1576 C CE1  . 2NC B 2 .   ? -8.010  3.242   0.248   1.00 37.10 ? 0   2NC A CE1  1 
HETATM 1577 N N4   . 2NC B 2 .   ? -5.545  -0.503  -2.323  1.00 24.32 ? 0   2NC A N4   1 
HETATM 1578 C CA4  . 2NC B 2 .   ? -6.407  -1.126  -3.305  1.00 23.56 ? 0   2NC A CA4  1 
HETATM 1579 C C5   . 2NC B 2 .   ? -7.256  -2.199  -2.648  1.00 24.57 ? 0   2NC A C5   1 
HETATM 1580 O O4   . 2NC B 2 .   ? -6.780  -3.000  -1.845  1.00 23.92 ? 0   2NC A O4   1 
HETATM 1581 C CB4  . 2NC B 2 .   ? -5.599  -1.655  -4.492  1.00 23.79 ? 0   2NC A CB4  1 
HETATM 1582 C CG4  . 2NC B 2 .   ? -6.462  -2.355  -5.559  1.00 23.17 ? 0   2NC A CG4  1 
HETATM 1583 C CD3  . 2NC B 2 .   ? -6.717  -3.817  -5.250  1.00 25.74 ? 0   2NC A CD3  1 
HETATM 1584 O OE1  . 2NC B 2 .   ? -5.968  -4.433  -4.501  1.00 29.63 ? 0   2NC A OE1  1 
HETATM 1585 N NE2  . 2NC B 2 .   ? -7.729  -4.397  -5.839  1.00 24.64 ? 0   2NC A NE2  1 
HETATM 1586 N N5   . 2NC B 2 .   ? -8.537  -2.191  -2.991  1.00 25.44 ? 0   2NC A N5   1 
HETATM 1587 C CA5  . 2NC B 2 .   ? -9.532  -3.051  -2.402  1.00 28.02 ? 0   2NC A CA5  1 
HETATM 1588 C C6   . 2NC B 2 .   ? -10.196 -3.783  -3.543  1.00 30.88 ? 0   2NC A C6   1 
HETATM 1589 O O5   . 2NC B 2 .   ? -10.627 -3.160  -4.519  1.00 29.68 ? 0   2NC A O5   1 
HETATM 1590 C CB5  . 2NC B 2 .   ? -10.541 -2.192  -1.652  1.00 29.15 ? 0   2NC A CB5  1 
HETATM 1591 C CG5  . 2NC B 2 .   ? -10.098 -1.871  -0.204  1.00 32.48 ? 0   2NC A CG5  1 
HETATM 1592 C CD4  . 2NC B 2 .   ? -10.940 -2.650  0.870   0.50 31.87 ? 0   2NC A CD4  1 
HETATM 1593 N NE   . 2NC B 2 .   ? -10.776 -4.107  0.811   0.50 31.27 ? 0   2NC A NE   1 
HETATM 1594 C CZ   . 2NC B 2 .   ? -10.845 -4.950  1.841   0.50 31.47 ? 0   2NC A CZ   1 
HETATM 1595 N NH1  . 2NC B 2 .   ? -11.074 -4.557  3.106   0.50 31.02 ? 0   2NC A NH1  1 
HETATM 1596 N NH2  . 2NC B 2 .   ? -10.678 -6.233  1.609   1.00 34.07 ? 0   2NC A NH2  1 
HETATM 1597 N N6   . 2NC B 2 .   ? -10.406 -5.105  -3.488  1.00 31.89 ? 0   2NC A N6   1 
HETATM 1598 O O    . HOH C 3 .   ? -4.117  -4.825  2.274   1.00 16.08 ? 204 HOH A O    1 
HETATM 1599 O O    . HOH C 3 .   ? 5.389   3.644   -1.717  1.00 17.67 ? 205 HOH A O    1 
HETATM 1600 O O    . HOH C 3 .   ? -4.024  -15.094 -6.536  1.00 16.37 ? 206 HOH A O    1 
HETATM 1601 O O    . HOH C 3 .   ? -6.376  -3.450  1.121   1.00 18.58 ? 207 HOH A O    1 
HETATM 1602 O O    . HOH C 3 .   ? 3.656   5.110   -3.492  1.00 18.58 ? 208 HOH A O    1 
HETATM 1603 O O    . HOH C 3 .   ? -4.740  -9.826  -8.244  1.00 20.84 ? 209 HOH A O    1 
HETATM 1604 O O    . HOH C 3 .   ? 11.903  1.472   6.696   1.00 21.05 ? 210 HOH A O    1 
HETATM 1605 O O    . HOH C 3 .   ? -1.896  -20.562 -8.750  1.00 21.17 ? 211 HOH A O    1 
HETATM 1606 O O    . HOH C 3 .   ? -2.604  -16.107 -4.007  1.00 21.41 ? 212 HOH A O    1 
HETATM 1607 O O    . HOH C 3 .   ? 1.469   12.252  5.244   1.00 24.55 ? 213 HOH A O    1 
HETATM 1608 O O    . HOH C 3 .   ? 3.420   -15.087 -17.092 1.00 21.74 ? 214 HOH A O    1 
HETATM 1609 O O    . HOH C 3 .   ? 2.674   -12.956 4.732   1.00 26.64 ? 215 HOH A O    1 
HETATM 1610 O O    . HOH C 3 .   ? -5.161  -17.309 -9.816  1.00 27.56 ? 216 HOH A O    1 
HETATM 1611 O O    . HOH C 3 .   ? 6.190   13.204  7.624   1.00 25.33 ? 217 HOH A O    1 
HETATM 1612 O O    . HOH C 3 .   ? -2.391  -12.279 8.304   1.00 25.59 ? 218 HOH A O    1 
HETATM 1613 O O    . HOH C 3 .   ? -12.253 2.404   -15.399 1.00 29.54 ? 219 HOH A O    1 
HETATM 1614 O O    . HOH C 3 .   ? 12.043  0.683   -0.595  1.00 28.22 ? 220 HOH A O    1 
HETATM 1615 O O    . HOH C 3 .   ? 5.480   17.048  9.461   1.00 27.17 ? 221 HOH A O    1 
HETATM 1616 O O    . HOH C 3 .   ? -6.962  4.985   -11.735 1.00 25.77 ? 222 HOH A O    1 
HETATM 1617 O O    . HOH C 3 .   ? 6.182   -18.363 -11.385 1.00 29.29 ? 223 HOH A O    1 
HETATM 1618 O O    . HOH C 3 .   ? 9.362   5.141   16.823  1.00 27.96 ? 224 HOH A O    1 
HETATM 1619 O O    . HOH C 3 .   ? -2.035  -8.698  8.098   1.00 30.57 ? 225 HOH A O    1 
HETATM 1620 O O    . HOH C 3 .   ? -6.365  -11.179 -6.242  1.00 30.62 ? 226 HOH A O    1 
HETATM 1621 O O    . HOH C 3 .   ? 4.605   1.479   -12.245 1.00 31.52 ? 227 HOH A O    1 
HETATM 1622 O O    . HOH C 3 .   ? 13.152  2.410   8.910   1.00 31.10 ? 228 HOH A O    1 
HETATM 1623 O O    . HOH C 3 .   ? 14.749  2.551   1.454   1.00 29.40 ? 229 HOH A O    1 
HETATM 1624 O O    . HOH C 3 .   ? -2.727  -2.955  16.817  1.00 31.71 ? 230 HOH A O    1 
HETATM 1625 O O    . HOH C 3 .   ? -10.525 6.810   21.205  1.00 30.45 ? 231 HOH A O    1 
HETATM 1626 O O    . HOH C 3 .   ? -2.154  3.248   -16.367 1.00 31.55 ? 232 HOH A O    1 
HETATM 1627 O O    . HOH C 3 .   ? -9.056  14.321  21.597  1.00 33.36 ? 233 HOH A O    1 
HETATM 1628 O O    . HOH C 3 .   ? 7.061   -15.170 -14.911 1.00 30.17 ? 234 HOH A O    1 
HETATM 1629 O O    . HOH C 3 .   ? 7.334   -1.090  -16.023 1.00 37.01 ? 235 HOH A O    1 
HETATM 1630 O O    . HOH C 3 .   ? -1.782  24.189  -1.425  1.00 35.58 ? 236 HOH A O    1 
HETATM 1631 O O    . HOH C 3 .   ? -16.330 -6.552  -9.667  1.00 32.79 ? 237 HOH A O    1 
HETATM 1632 O O    . HOH C 3 .   ? 10.702  -18.892 -5.615  1.00 39.41 ? 238 HOH A O    1 
HETATM 1633 O O    . HOH C 3 .   ? 0.607   -12.235 11.189  1.00 36.62 ? 239 HOH A O    1 
HETATM 1634 O O    . HOH C 3 .   ? -5.740  -10.894 -1.369  1.00 34.02 ? 240 HOH A O    1 
HETATM 1635 O O    . HOH C 3 .   ? 12.478  3.408   -5.435  1.00 34.51 ? 241 HOH A O    1 
HETATM 1636 O O    . HOH C 3 .   ? -3.211  -15.263 -0.202  1.00 33.62 ? 242 HOH A O    1 
HETATM 1637 O O    . HOH C 3 .   ? -8.627  -8.849  5.240   1.00 35.78 ? 243 HOH A O    1 
HETATM 1638 O O    . HOH C 3 .   ? -7.425  -7.401  8.759   1.00 36.31 ? 244 HOH A O    1 
HETATM 1639 O O    . HOH C 3 .   ? -12.551 2.789   -2.923  1.00 37.90 ? 245 HOH A O    1 
HETATM 1640 O O    . HOH C 3 .   ? 4.540   -14.549 11.825  1.00 39.30 ? 246 HOH A O    1 
HETATM 1641 O O    . HOH C 3 .   ? -11.209 6.394   11.537  1.00 40.24 ? 247 HOH A O    1 
HETATM 1642 O O    . HOH C 3 .   ? 11.006  -7.322  -21.361 1.00 40.60 ? 248 HOH A O    1 
HETATM 1643 O O    . HOH C 3 .   ? -9.693  8.550   23.064  1.00 39.84 ? 249 HOH A O    1 
HETATM 1644 O O    . HOH C 3 .   ? 14.428  -5.771  -8.335  1.00 34.75 ? 250 HOH A O    1 
HETATM 1645 O O    . HOH C 3 .   ? -11.011 3.587   13.039  1.00 39.38 ? 251 HOH A O    1 
HETATM 1646 O O    . HOH C 3 .   ? 7.213   9.527   1.789   1.00 37.71 ? 252 HOH A O    1 
HETATM 1647 O O    . HOH C 3 .   ? 1.595   7.543   -12.519 1.00 38.66 ? 253 HOH A O    1 
HETATM 1648 O O    . HOH C 3 .   ? 16.075  -1.324  0.940   1.00 38.04 ? 254 HOH A O    1 
HETATM 1649 O O    . HOH C 3 .   ? 2.537   8.890   25.983  1.00 51.04 ? 255 HOH A O    1 
HETATM 1650 O O    . HOH C 3 .   ? -8.406  -1.742  2.431   1.00 28.31 ? 256 HOH A O    1 
HETATM 1651 O O    . HOH C 3 .   ? -7.775  -16.280 -16.435 1.00 40.72 ? 257 HOH A O    1 
HETATM 1652 O O    . HOH C 3 .   ? -5.358  3.958   -4.297  1.00 16.70 ? 258 HOH A O    1 
HETATM 1653 O O    . HOH C 3 .   ? 3.759   5.528   -6.198  1.00 32.44 ? 259 HOH A O    1 
HETATM 1654 O O    . HOH C 3 .   ? -0.817  11.666  -5.469  1.00 29.96 ? 260 HOH A O    1 
# 
